data_8EF8
#
_entry.id   8EF8
#
_cell.length_a   93.916
_cell.length_b   125.126
_cell.length_c   143.700
_cell.angle_alpha   90.000
_cell.angle_beta   95.130
_cell.angle_gamma   90.000
#
_symmetry.space_group_name_H-M   'P 1 21 1'
#
loop_
_entity.id
_entity.type
_entity.pdbx_description
1 polymer 'ATP-dependent Clp protease proteolytic subunit'
2 non-polymer (4S)-2-METHYL-2,4-PENTANEDIOL
3 non-polymer (5S,6S,9aS)-N-[(4-fluorophenyl)methyl]-6-methyl-8-[(naphthalen-1-yl)methyl]-4,7-dioxohexahydro-2H-pyrazino[1,2-a]pyrimidine-1(6H)-carboxamide
4 water water
#
_entity_poly.entity_id   1
_entity_poly.type   'polypeptide(L)'
_entity_poly.pdbx_seq_one_letter_code
;MNLIPTVIETTNRGERAYDIYSRLLKDRIIMLGSQIDDNVANSIVSQLLFLQAQDSEKDIYLWINSPGGSVTAGFAIYDT
IQHIKPDVQTICIGMAASMGSFLLAAGAKGKRFALPNAEVMIHQPLGGAQGQATEIEIAANHILKTREKLNRILSERTGQ
SIEKIQKDTDRDNFLTAEEAKEYGLIDEVMVPETKLEHHHHHH
;
_entity_poly.pdbx_strand_id   A,B,C,D,E,F,G,I,K,L,M,N,S,T
#
# COMPACT_ATOMS: atom_id res chain seq x y z
N ILE A 4 -9.22 -30.88 -4.89
CA ILE A 4 -8.52 -32.20 -4.82
C ILE A 4 -9.51 -33.27 -4.38
N PRO A 5 -9.82 -34.27 -5.25
CA PRO A 5 -10.86 -35.24 -4.93
C PRO A 5 -10.45 -36.33 -3.95
N THR A 6 -11.45 -37.06 -3.45
CA THR A 6 -11.39 -38.13 -2.42
C THR A 6 -11.71 -39.50 -3.04
N TYR A 18 -9.22 -41.22 1.74
CA TYR A 18 -7.99 -40.84 1.01
C TYR A 18 -8.29 -39.69 0.03
N ASP A 19 -7.46 -38.64 0.05
CA ASP A 19 -7.31 -37.71 -1.11
C ASP A 19 -6.53 -38.46 -2.20
N ILE A 20 -6.56 -37.95 -3.42
CA ILE A 20 -6.08 -38.71 -4.61
C ILE A 20 -4.57 -38.97 -4.48
N TYR A 21 -3.83 -38.00 -3.94
CA TYR A 21 -2.35 -38.07 -3.79
C TYR A 21 -2.02 -39.19 -2.78
N SER A 22 -2.79 -39.30 -1.71
CA SER A 22 -2.60 -40.34 -0.67
C SER A 22 -2.89 -41.73 -1.25
N ARG A 23 -3.88 -41.84 -2.13
CA ARG A 23 -4.18 -43.11 -2.84
C ARG A 23 -3.01 -43.46 -3.76
N LEU A 24 -2.39 -42.50 -4.45
CA LEU A 24 -1.23 -42.81 -5.32
C LEU A 24 -0.04 -43.23 -4.44
N LEU A 25 0.11 -42.61 -3.28
CA LEU A 25 1.23 -42.94 -2.36
C LEU A 25 1.10 -44.40 -1.91
N LYS A 26 -0.12 -44.87 -1.72
CA LYS A 26 -0.39 -46.29 -1.40
C LYS A 26 0.17 -47.20 -2.50
N ASP A 27 0.28 -46.74 -3.76
CA ASP A 27 0.91 -47.51 -4.86
C ASP A 27 2.36 -47.07 -5.10
N ARG A 28 2.98 -46.42 -4.11
CA ARG A 28 4.43 -46.09 -4.13
C ARG A 28 4.72 -45.04 -5.20
N ILE A 29 3.74 -44.17 -5.46
CA ILE A 29 3.89 -43.02 -6.39
C ILE A 29 3.95 -41.75 -5.54
N ILE A 30 5.03 -41.01 -5.70
CA ILE A 30 5.26 -39.69 -5.06
C ILE A 30 5.17 -38.61 -6.12
N MET A 31 4.41 -37.56 -5.84
CA MET A 31 4.28 -36.40 -6.74
C MET A 31 5.19 -35.27 -6.27
N LEU A 32 6.12 -34.86 -7.15
CA LEU A 32 6.85 -33.58 -7.03
C LEU A 32 6.30 -32.66 -8.10
N GLY A 33 5.27 -31.87 -7.74
CA GLY A 33 4.39 -31.16 -8.67
C GLY A 33 4.41 -29.66 -8.40
N SER A 34 5.46 -29.15 -7.77
CA SER A 34 5.53 -27.70 -7.41
C SER A 34 6.99 -27.27 -7.37
N GLN A 35 7.19 -25.98 -7.14
CA GLN A 35 8.49 -25.39 -6.80
C GLN A 35 9.09 -26.14 -5.62
N ILE A 36 10.40 -26.38 -5.65
CA ILE A 36 11.12 -27.09 -4.57
C ILE A 36 11.54 -26.07 -3.51
N ASP A 37 10.92 -26.13 -2.36
CA ASP A 37 11.40 -25.38 -1.16
C ASP A 37 11.58 -26.40 -0.04
N ASP A 38 11.96 -25.94 1.14
CA ASP A 38 12.24 -26.81 2.31
C ASP A 38 10.97 -27.62 2.66
N ASN A 39 9.79 -27.01 2.62
N ASN A 39 9.79 -27.01 2.62
CA ASN A 39 8.52 -27.69 2.99
CA ASN A 39 8.52 -27.69 2.99
C ASN A 39 8.26 -28.85 2.02
C ASN A 39 8.26 -28.85 2.02
N VAL A 40 8.36 -28.58 0.73
CA VAL A 40 8.16 -29.62 -0.31
C VAL A 40 9.22 -30.71 -0.15
N ALA A 41 10.48 -30.36 0.05
CA ALA A 41 11.59 -31.34 0.20
C ALA A 41 11.31 -32.20 1.44
N ASN A 42 10.88 -31.61 2.54
CA ASN A 42 10.65 -32.36 3.79
C ASN A 42 9.49 -33.34 3.58
N SER A 43 8.45 -32.93 2.87
CA SER A 43 7.33 -33.81 2.48
C SER A 43 7.86 -34.98 1.62
N ILE A 44 8.66 -34.70 0.60
CA ILE A 44 9.15 -35.75 -0.33
C ILE A 44 10.08 -36.70 0.44
N VAL A 45 10.99 -36.16 1.26
CA VAL A 45 11.93 -36.98 2.08
C VAL A 45 11.10 -37.92 2.97
N SER A 46 10.07 -37.41 3.64
CA SER A 46 9.20 -38.19 4.54
C SER A 46 8.53 -39.30 3.76
N GLN A 47 8.04 -39.01 2.56
CA GLN A 47 7.35 -40.01 1.71
C GLN A 47 8.34 -41.10 1.31
N LEU A 48 9.55 -40.74 0.91
CA LEU A 48 10.59 -41.73 0.55
C LEU A 48 10.88 -42.64 1.76
N LEU A 49 11.08 -42.06 2.94
CA LEU A 49 11.38 -42.84 4.17
C LEU A 49 10.21 -43.74 4.51
N PHE A 50 9.00 -43.23 4.43
CA PHE A 50 7.77 -44.01 4.71
C PHE A 50 7.70 -45.18 3.74
N LEU A 51 7.91 -44.95 2.45
CA LEU A 51 7.78 -46.04 1.45
C LEU A 51 8.87 -47.08 1.68
N GLN A 52 10.07 -46.69 2.04
CA GLN A 52 11.14 -47.66 2.36
C GLN A 52 10.70 -48.54 3.55
N ALA A 53 10.10 -47.94 4.59
CA ALA A 53 9.63 -48.66 5.79
C ALA A 53 8.51 -49.65 5.41
N GLN A 54 7.62 -49.28 4.49
CA GLN A 54 6.51 -50.15 4.03
C GLN A 54 7.07 -51.35 3.28
N ASP A 55 8.11 -51.15 2.46
CA ASP A 55 8.69 -52.21 1.61
C ASP A 55 10.04 -51.72 1.10
N SER A 56 11.10 -52.36 1.55
CA SER A 56 12.49 -51.94 1.27
C SER A 56 12.93 -52.44 -0.11
N GLU A 57 12.12 -53.21 -0.83
CA GLU A 57 12.56 -53.86 -2.10
C GLU A 57 11.84 -53.30 -3.31
N LYS A 58 10.56 -52.94 -3.20
CA LYS A 58 9.78 -52.56 -4.41
C LYS A 58 10.15 -51.14 -4.84
N ASP A 59 10.16 -50.94 -6.14
CA ASP A 59 10.38 -49.65 -6.82
C ASP A 59 9.44 -48.59 -6.23
N ILE A 60 9.96 -47.36 -6.20
CA ILE A 60 9.18 -46.13 -5.95
C ILE A 60 9.12 -45.37 -7.27
N TYR A 61 8.02 -44.67 -7.51
CA TYR A 61 7.80 -43.85 -8.73
C TYR A 61 7.71 -42.39 -8.33
N LEU A 62 8.77 -41.62 -8.65
CA LEU A 62 8.80 -40.16 -8.41
C LEU A 62 8.45 -39.45 -9.72
N TRP A 63 7.26 -38.88 -9.74
CA TRP A 63 6.75 -38.14 -10.90
C TRP A 63 7.05 -36.65 -10.68
N ILE A 64 7.63 -36.04 -11.72
CA ILE A 64 8.23 -34.68 -11.60
C ILE A 64 7.54 -33.78 -12.60
N ASN A 65 6.89 -32.75 -12.07
CA ASN A 65 6.42 -31.58 -12.83
C ASN A 65 6.76 -30.35 -11.98
N SER A 66 7.94 -29.78 -12.17
CA SER A 66 8.54 -28.80 -11.23
C SER A 66 9.42 -27.83 -12.00
N PRO A 67 9.30 -26.51 -11.72
CA PRO A 67 10.22 -25.52 -12.29
C PRO A 67 11.54 -25.41 -11.50
N GLY A 68 11.76 -26.25 -10.49
CA GLY A 68 12.99 -26.22 -9.68
C GLY A 68 12.78 -25.46 -8.39
N GLY A 69 13.82 -24.83 -7.87
CA GLY A 69 13.79 -24.14 -6.58
C GLY A 69 15.09 -24.31 -5.82
N SER A 70 15.00 -24.42 -4.50
CA SER A 70 16.17 -24.38 -3.60
C SER A 70 17.11 -25.54 -3.91
N VAL A 71 18.38 -25.24 -4.08
CA VAL A 71 19.43 -26.28 -4.35
C VAL A 71 19.58 -27.16 -3.11
N THR A 72 19.63 -26.60 -1.90
CA THR A 72 19.83 -27.41 -0.67
C THR A 72 18.59 -28.30 -0.46
N ALA A 73 17.39 -27.78 -0.71
CA ALA A 73 16.16 -28.59 -0.62
C ALA A 73 16.21 -29.72 -1.63
N GLY A 74 16.62 -29.43 -2.87
CA GLY A 74 16.82 -30.43 -3.93
C GLY A 74 17.80 -31.50 -3.47
N PHE A 75 18.89 -31.12 -2.79
CA PHE A 75 19.91 -32.09 -2.33
C PHE A 75 19.39 -32.92 -1.16
N ALA A 76 18.45 -32.40 -0.35
CA ALA A 76 17.79 -33.23 0.67
C ALA A 76 17.08 -34.38 -0.04
N ILE A 77 16.38 -34.08 -1.12
CA ILE A 77 15.65 -35.11 -1.91
C ILE A 77 16.66 -36.04 -2.56
N TYR A 78 17.65 -35.49 -3.25
CA TYR A 78 18.68 -36.27 -3.99
C TYR A 78 19.32 -37.29 -3.03
N ASP A 79 19.84 -36.85 -1.90
CA ASP A 79 20.57 -37.75 -0.98
C ASP A 79 19.61 -38.78 -0.40
N THR A 80 18.36 -38.42 -0.16
CA THR A 80 17.39 -39.38 0.42
C THR A 80 17.11 -40.45 -0.63
N ILE A 81 16.97 -40.08 -1.91
CA ILE A 81 16.82 -41.07 -3.01
C ILE A 81 18.00 -42.04 -2.96
N GLN A 82 19.23 -41.54 -2.95
CA GLN A 82 20.41 -42.45 -3.06
C GLN A 82 20.51 -43.28 -1.77
N HIS A 83 20.04 -42.76 -0.64
CA HIS A 83 20.23 -43.39 0.68
C HIS A 83 19.36 -44.63 0.82
N ILE A 84 18.11 -44.59 0.38
CA ILE A 84 17.14 -45.68 0.64
C ILE A 84 17.45 -46.85 -0.29
N LYS A 85 16.96 -48.03 0.08
CA LYS A 85 17.26 -49.30 -0.63
C LYS A 85 16.45 -49.43 -1.92
N PRO A 86 15.14 -49.13 -1.95
CA PRO A 86 14.39 -49.25 -3.19
C PRO A 86 14.97 -48.36 -4.31
N ASP A 87 14.94 -48.85 -5.54
CA ASP A 87 15.15 -48.02 -6.74
C ASP A 87 14.03 -46.96 -6.78
N VAL A 88 14.39 -45.72 -7.11
CA VAL A 88 13.40 -44.64 -7.34
C VAL A 88 13.40 -44.33 -8.83
N GLN A 89 12.34 -44.73 -9.51
CA GLN A 89 12.13 -44.35 -10.93
C GLN A 89 11.77 -42.86 -10.94
N THR A 90 12.18 -42.16 -12.00
CA THR A 90 11.75 -40.76 -12.22
C THR A 90 11.00 -40.69 -13.54
N ILE A 91 9.90 -39.94 -13.53
CA ILE A 91 9.08 -39.71 -14.73
C ILE A 91 8.79 -38.21 -14.84
N CYS A 92 9.25 -37.58 -15.91
CA CYS A 92 8.98 -36.16 -16.16
C CYS A 92 7.68 -36.03 -16.94
N ILE A 93 6.72 -35.32 -16.37
CA ILE A 93 5.39 -35.03 -16.99
C ILE A 93 5.21 -33.51 -16.94
N GLY A 94 5.09 -32.87 -18.09
CA GLY A 94 4.96 -31.40 -18.17
C GLY A 94 6.32 -30.76 -18.27
N MET A 95 6.99 -30.51 -17.13
CA MET A 95 8.29 -29.79 -17.12
C MET A 95 9.15 -30.25 -15.94
N ALA A 96 10.45 -30.40 -16.18
CA ALA A 96 11.48 -30.52 -15.14
C ALA A 96 12.55 -29.49 -15.45
N ALA A 97 12.55 -28.37 -14.71
CA ALA A 97 13.54 -27.29 -14.91
C ALA A 97 14.46 -27.20 -13.70
N SER A 98 15.73 -26.87 -13.95
CA SER A 98 16.72 -26.51 -12.90
C SER A 98 16.86 -27.69 -11.93
N MET A 99 16.66 -27.50 -10.63
CA MET A 99 16.78 -28.60 -9.65
C MET A 99 15.79 -29.72 -10.00
N GLY A 100 14.68 -29.39 -10.63
CA GLY A 100 13.72 -30.41 -11.13
C GLY A 100 14.39 -31.37 -12.10
N SER A 101 15.14 -30.85 -13.06
CA SER A 101 15.82 -31.69 -14.07
C SER A 101 16.99 -32.45 -13.40
N PHE A 102 17.62 -31.84 -12.38
CA PHE A 102 18.70 -32.51 -11.61
C PHE A 102 18.12 -33.78 -10.96
N LEU A 103 16.94 -33.66 -10.35
CA LEU A 103 16.29 -34.79 -9.64
C LEU A 103 15.79 -35.82 -10.67
N LEU A 104 15.32 -35.39 -11.84
CA LEU A 104 14.94 -36.32 -12.94
C LEU A 104 16.15 -37.20 -13.29
N ALA A 105 17.31 -36.60 -13.44
CA ALA A 105 18.57 -37.30 -13.78
C ALA A 105 19.04 -38.19 -12.63
N ALA A 106 18.50 -38.03 -11.42
CA ALA A 106 18.98 -38.72 -10.20
C ALA A 106 18.24 -40.05 -9.98
N GLY A 107 17.26 -40.38 -10.81
CA GLY A 107 16.49 -41.63 -10.69
C GLY A 107 17.38 -42.85 -10.93
N ALA A 108 16.93 -44.03 -10.55
CA ALA A 108 17.69 -45.29 -10.70
C ALA A 108 18.06 -45.47 -12.17
N LYS A 109 19.30 -45.89 -12.41
CA LYS A 109 19.90 -46.13 -13.75
C LYS A 109 18.97 -47.05 -14.55
N GLY A 110 18.59 -46.64 -15.75
CA GLY A 110 17.65 -47.42 -16.59
C GLY A 110 16.19 -47.13 -16.29
N LYS A 111 15.87 -46.35 -15.25
CA LYS A 111 14.45 -46.11 -14.86
C LYS A 111 14.16 -44.60 -14.75
N ARG A 112 14.78 -43.81 -15.61
CA ARG A 112 14.51 -42.34 -15.73
C ARG A 112 13.78 -42.12 -17.05
N PHE A 113 12.58 -41.57 -16.99
CA PHE A 113 11.68 -41.44 -18.15
C PHE A 113 11.17 -40.01 -18.31
N ALA A 114 10.73 -39.68 -19.52
CA ALA A 114 9.89 -38.49 -19.76
C ALA A 114 8.80 -38.89 -20.75
N LEU A 115 7.61 -38.31 -20.62
CA LEU A 115 6.56 -38.46 -21.65
C LEU A 115 6.94 -37.57 -22.83
N PRO A 116 6.46 -37.87 -24.05
CA PRO A 116 7.02 -37.32 -25.27
C PRO A 116 7.01 -35.79 -25.38
N ASN A 117 6.04 -35.12 -24.79
CA ASN A 117 5.91 -33.64 -24.91
C ASN A 117 6.43 -32.93 -23.65
N ALA A 118 7.00 -33.67 -22.71
CA ALA A 118 7.57 -33.08 -21.49
C ALA A 118 8.79 -32.24 -21.87
N GLU A 119 9.01 -31.16 -21.12
CA GLU A 119 10.15 -30.24 -21.34
C GLU A 119 11.14 -30.41 -20.21
N VAL A 120 12.42 -30.39 -20.55
CA VAL A 120 13.51 -30.43 -19.54
C VAL A 120 14.34 -29.16 -19.76
N MET A 121 14.66 -28.44 -18.70
CA MET A 121 15.54 -27.25 -18.83
C MET A 121 16.66 -27.36 -17.81
N ILE A 122 17.88 -27.13 -18.26
CA ILE A 122 19.07 -27.09 -17.38
C ILE A 122 19.68 -25.69 -17.46
N HIS A 123 20.25 -25.23 -16.35
CA HIS A 123 20.90 -23.90 -16.25
C HIS A 123 21.72 -23.85 -14.97
N GLN A 124 22.53 -22.82 -14.81
CA GLN A 124 23.40 -22.72 -13.60
C GLN A 124 22.54 -22.20 -12.43
N PRO A 125 23.01 -22.44 -11.20
CA PRO A 125 22.30 -21.97 -10.01
C PRO A 125 22.19 -20.44 -9.94
N LEU A 126 21.13 -19.97 -9.32
CA LEU A 126 20.84 -18.53 -9.09
C LEU A 126 21.00 -18.25 -7.61
N GLY A 127 21.40 -17.04 -7.28
CA GLY A 127 21.41 -16.59 -5.89
C GLY A 127 21.71 -15.12 -5.79
N GLY A 128 22.12 -14.74 -4.60
CA GLY A 128 22.22 -13.33 -4.21
C GLY A 128 23.17 -13.22 -3.05
N ALA A 129 23.70 -12.02 -2.88
CA ALA A 129 24.70 -11.70 -1.86
C ALA A 129 24.64 -10.19 -1.63
N GLN A 130 24.68 -9.82 -0.38
CA GLN A 130 24.60 -8.42 0.09
C GLN A 130 25.60 -8.23 1.23
N GLY A 131 26.21 -7.06 1.33
CA GLY A 131 26.98 -6.64 2.50
C GLY A 131 28.39 -6.20 2.14
N GLN A 132 29.32 -6.47 3.05
CA GLN A 132 30.75 -6.14 2.90
C GLN A 132 31.37 -6.98 1.78
N ALA A 133 32.40 -6.42 1.15
CA ALA A 133 33.25 -7.13 0.16
C ALA A 133 33.54 -8.57 0.60
N THR A 134 33.96 -8.80 1.84
CA THR A 134 34.35 -10.17 2.29
C THR A 134 33.10 -11.06 2.40
N GLU A 135 31.93 -10.51 2.75
CA GLU A 135 30.66 -11.29 2.75
C GLU A 135 30.31 -11.66 1.30
N ILE A 136 30.48 -10.74 0.37
CA ILE A 136 30.16 -11.03 -1.04
C ILE A 136 31.10 -12.13 -1.53
N GLU A 137 32.36 -12.08 -1.11
CA GLU A 137 33.38 -13.08 -1.52
C GLU A 137 32.95 -14.47 -1.00
N ILE A 138 32.56 -14.56 0.26
CA ILE A 138 32.11 -15.84 0.86
C ILE A 138 30.90 -16.38 0.08
N ALA A 139 29.92 -15.54 -0.21
CA ALA A 139 28.70 -15.96 -0.94
C ALA A 139 29.07 -16.41 -2.36
N ALA A 140 29.98 -15.70 -3.04
CA ALA A 140 30.40 -16.06 -4.40
C ALA A 140 31.12 -17.41 -4.37
N ASN A 141 32.07 -17.61 -3.44
CA ASN A 141 32.83 -18.87 -3.36
C ASN A 141 31.84 -20.02 -3.13
N HIS A 142 30.87 -19.83 -2.24
CA HIS A 142 29.90 -20.89 -1.90
C HIS A 142 29.06 -21.27 -3.13
N ILE A 143 28.52 -20.30 -3.87
CA ILE A 143 27.64 -20.63 -5.02
C ILE A 143 28.50 -21.25 -6.15
N LEU A 144 29.75 -20.85 -6.31
CA LEU A 144 30.64 -21.50 -7.33
C LEU A 144 30.94 -22.95 -6.93
N LYS A 145 31.18 -23.21 -5.65
CA LYS A 145 31.39 -24.60 -5.17
C LYS A 145 30.10 -25.41 -5.36
N THR A 146 28.94 -24.82 -5.10
CA THR A 146 27.65 -25.49 -5.30
C THR A 146 27.52 -25.86 -6.78
N ARG A 147 27.87 -24.95 -7.69
CA ARG A 147 27.77 -25.22 -9.15
C ARG A 147 28.72 -26.38 -9.52
N GLU A 148 29.95 -26.37 -9.01
CA GLU A 148 30.93 -27.46 -9.27
C GLU A 148 30.32 -28.79 -8.81
N LYS A 149 29.69 -28.80 -7.65
CA LYS A 149 29.07 -30.02 -7.08
C LYS A 149 27.93 -30.51 -7.98
N LEU A 150 27.02 -29.62 -8.38
CA LEU A 150 25.88 -29.99 -9.26
C LEU A 150 26.44 -30.55 -10.58
N ASN A 151 27.42 -29.87 -11.16
CA ASN A 151 27.95 -30.25 -12.50
C ASN A 151 28.66 -31.61 -12.44
N ARG A 152 29.41 -31.85 -11.39
CA ARG A 152 30.13 -33.13 -11.18
C ARG A 152 29.08 -34.27 -11.13
N ILE A 153 28.05 -34.11 -10.32
CA ILE A 153 27.02 -35.18 -10.17
C ILE A 153 26.29 -35.36 -11.50
N LEU A 154 25.97 -34.27 -12.19
CA LEU A 154 25.25 -34.37 -13.49
C LEU A 154 26.15 -35.11 -14.51
N SER A 155 27.46 -34.84 -14.47
CA SER A 155 28.46 -35.55 -15.31
C SER A 155 28.40 -37.05 -15.05
N GLU A 156 28.47 -37.45 -13.78
CA GLU A 156 28.41 -38.89 -13.39
C GLU A 156 27.09 -39.49 -13.86
N ARG A 157 25.97 -38.77 -13.78
CA ARG A 157 24.64 -39.39 -14.05
C ARG A 157 24.31 -39.38 -15.53
N THR A 158 24.88 -38.48 -16.31
CA THR A 158 24.57 -38.33 -17.75
C THR A 158 25.64 -39.02 -18.61
N GLY A 159 26.87 -39.13 -18.12
CA GLY A 159 28.01 -39.55 -18.95
C GLY A 159 28.64 -38.38 -19.71
N GLN A 160 28.14 -37.15 -19.60
CA GLN A 160 28.78 -35.98 -20.27
C GLN A 160 29.97 -35.51 -19.43
N SER A 161 30.95 -34.87 -20.06
CA SER A 161 32.08 -34.27 -19.31
C SER A 161 31.59 -33.07 -18.48
N ILE A 162 32.30 -32.77 -17.41
CA ILE A 162 32.08 -31.58 -16.56
C ILE A 162 32.14 -30.33 -17.44
N GLU A 163 33.08 -30.28 -18.39
CA GLU A 163 33.29 -29.08 -19.26
C GLU A 163 32.05 -28.90 -20.14
N LYS A 164 31.49 -29.98 -20.66
CA LYS A 164 30.30 -29.88 -21.55
C LYS A 164 29.10 -29.39 -20.70
N ILE A 165 28.93 -29.93 -19.50
CA ILE A 165 27.78 -29.54 -18.62
C ILE A 165 27.90 -28.05 -18.27
N GLN A 166 29.10 -27.60 -17.94
CA GLN A 166 29.39 -26.18 -17.63
C GLN A 166 28.94 -25.31 -18.81
N LYS A 167 29.40 -25.62 -20.02
CA LYS A 167 29.07 -24.83 -21.23
C LYS A 167 27.55 -24.86 -21.46
N ASP A 168 26.93 -26.04 -21.32
CA ASP A 168 25.52 -26.26 -21.71
C ASP A 168 24.57 -25.65 -20.65
N THR A 169 25.06 -25.32 -19.45
CA THR A 169 24.23 -24.74 -18.38
C THR A 169 24.54 -23.26 -18.19
N ASP A 170 25.39 -22.69 -19.03
CA ASP A 170 25.81 -21.28 -18.88
C ASP A 170 24.54 -20.39 -18.93
N ARG A 171 23.62 -20.69 -19.83
CA ARG A 171 22.29 -20.03 -19.93
C ARG A 171 21.20 -21.09 -19.95
N ASP A 172 19.96 -20.67 -19.81
CA ASP A 172 18.76 -21.52 -19.92
C ASP A 172 18.89 -22.35 -21.19
N ASN A 173 18.81 -23.65 -21.04
CA ASN A 173 18.96 -24.62 -22.13
C ASN A 173 17.76 -25.57 -22.10
N PHE A 174 16.83 -25.41 -23.03
CA PHE A 174 15.56 -26.17 -23.12
C PHE A 174 15.81 -27.42 -23.98
N LEU A 175 15.43 -28.59 -23.46
CA LEU A 175 15.51 -29.87 -24.20
C LEU A 175 14.12 -30.47 -24.35
N THR A 176 13.87 -31.07 -25.50
CA THR A 176 12.75 -32.02 -25.69
C THR A 176 13.06 -33.32 -24.93
N ALA A 177 12.04 -34.16 -24.74
CA ALA A 177 12.19 -35.47 -24.07
C ALA A 177 13.28 -36.27 -24.80
N GLU A 178 13.20 -36.32 -26.13
CA GLU A 178 14.15 -37.06 -26.98
C GLU A 178 15.56 -36.49 -26.78
N GLU A 179 15.72 -35.16 -26.77
CA GLU A 179 17.06 -34.54 -26.53
C GLU A 179 17.55 -34.86 -25.11
N ALA A 180 16.66 -34.89 -24.12
CA ALA A 180 17.05 -35.21 -22.73
C ALA A 180 17.61 -36.64 -22.72
N LYS A 181 17.02 -37.53 -23.51
CA LYS A 181 17.48 -38.94 -23.58
C LYS A 181 18.86 -38.99 -24.26
N GLU A 182 19.03 -38.27 -25.37
CA GLU A 182 20.34 -38.21 -26.08
C GLU A 182 21.40 -37.63 -25.14
N TYR A 183 21.03 -36.69 -24.28
CA TYR A 183 21.95 -36.01 -23.34
C TYR A 183 22.34 -36.98 -22.20
N GLY A 184 21.50 -37.96 -21.89
CA GLY A 184 21.71 -38.88 -20.75
C GLY A 184 21.04 -38.41 -19.48
N LEU A 185 20.12 -37.44 -19.56
CA LEU A 185 19.34 -36.98 -18.38
C LEU A 185 18.25 -38.00 -18.06
N ILE A 186 17.73 -38.68 -19.07
CA ILE A 186 16.77 -39.81 -18.91
C ILE A 186 17.26 -41.00 -19.73
N ASP A 187 16.68 -42.17 -19.49
CA ASP A 187 17.03 -43.43 -20.20
C ASP A 187 16.07 -43.66 -21.37
N GLU A 188 14.80 -43.29 -21.25
CA GLU A 188 13.80 -43.58 -22.31
C GLU A 188 12.72 -42.49 -22.33
N VAL A 189 12.20 -42.22 -23.53
CA VAL A 189 10.89 -41.57 -23.74
C VAL A 189 9.81 -42.65 -23.65
N MET A 190 8.88 -42.53 -22.71
CA MET A 190 7.70 -43.43 -22.60
C MET A 190 6.72 -43.07 -23.70
N VAL A 191 6.73 -43.81 -24.81
CA VAL A 191 5.79 -43.62 -25.94
C VAL A 191 4.46 -44.28 -25.57
N PRO A 192 3.32 -43.75 -26.06
CA PRO A 192 2.04 -44.44 -25.93
C PRO A 192 1.90 -45.57 -26.98
N ILE B 4 -19.04 -26.49 -2.22
CA ILE B 4 -19.13 -27.83 -2.85
C ILE B 4 -20.03 -28.71 -1.98
N PRO B 5 -21.17 -29.22 -2.49
CA PRO B 5 -22.03 -30.12 -1.73
C PRO B 5 -21.50 -31.57 -1.61
N THR B 6 -22.14 -32.32 -0.71
CA THR B 6 -21.83 -33.72 -0.30
C THR B 6 -22.95 -34.67 -0.76
N VAL B 7 -22.63 -35.92 -1.10
CA VAL B 7 -23.58 -36.96 -1.63
C VAL B 7 -23.30 -38.32 -1.01
N TYR B 18 -18.75 -38.45 0.30
CA TYR B 18 -18.28 -37.93 -1.01
C TYR B 18 -18.68 -36.46 -1.18
N ASP B 19 -17.74 -35.58 -1.56
CA ASP B 19 -18.08 -34.30 -2.23
C ASP B 19 -18.52 -34.63 -3.67
N ILE B 20 -19.16 -33.69 -4.35
CA ILE B 20 -19.87 -33.98 -5.64
C ILE B 20 -18.84 -34.41 -6.70
N TYR B 21 -17.66 -33.81 -6.69
CA TYR B 21 -16.59 -34.10 -7.69
C TYR B 21 -16.08 -35.53 -7.48
N SER B 22 -15.93 -35.94 -6.23
CA SER B 22 -15.47 -37.31 -5.88
C SER B 22 -16.53 -38.34 -6.32
N ARG B 23 -17.81 -38.01 -6.19
CA ARG B 23 -18.90 -38.89 -6.65
C ARG B 23 -18.85 -39.02 -8.17
N LEU B 24 -18.58 -37.92 -8.90
CA LEU B 24 -18.48 -38.01 -10.38
C LEU B 24 -17.24 -38.83 -10.76
N LEU B 25 -16.16 -38.71 -10.00
CA LEU B 25 -14.91 -39.45 -10.29
C LEU B 25 -15.18 -40.95 -10.17
N LYS B 26 -16.03 -41.34 -9.22
CA LYS B 26 -16.45 -42.75 -9.06
C LYS B 26 -17.10 -43.25 -10.35
N ASP B 27 -17.72 -42.39 -11.17
CA ASP B 27 -18.30 -42.78 -12.48
C ASP B 27 -17.38 -42.39 -13.63
N ARG B 28 -16.09 -42.19 -13.35
CA ARG B 28 -15.03 -42.02 -14.39
C ARG B 28 -15.20 -40.67 -15.10
N ILE B 29 -15.75 -39.68 -14.38
CA ILE B 29 -15.90 -38.29 -14.87
C ILE B 29 -14.88 -37.43 -14.14
N ILE B 30 -14.02 -36.77 -14.91
CA ILE B 30 -13.01 -35.81 -14.41
C ILE B 30 -13.43 -34.41 -14.85
N MET B 31 -13.40 -33.47 -13.91
CA MET B 31 -13.72 -32.05 -14.19
C MET B 31 -12.42 -31.25 -14.37
N LEU B 32 -12.25 -30.63 -15.54
CA LEU B 32 -11.28 -29.54 -15.76
C LEU B 32 -12.08 -28.24 -15.87
N GLY B 33 -12.26 -27.56 -14.73
CA GLY B 33 -13.25 -26.48 -14.57
C GLY B 33 -12.61 -25.19 -14.12
N SER B 34 -11.34 -25.01 -14.37
CA SER B 34 -10.59 -23.80 -13.93
C SER B 34 -9.43 -23.52 -14.87
N GLN B 35 -8.73 -22.43 -14.60
CA GLN B 35 -7.42 -22.13 -15.24
C GLN B 35 -6.49 -23.32 -15.05
N ILE B 36 -5.70 -23.64 -16.07
CA ILE B 36 -4.74 -24.77 -16.01
C ILE B 36 -3.43 -24.27 -15.41
N ASP B 37 -3.14 -24.70 -14.19
CA ASP B 37 -1.81 -24.50 -13.58
C ASP B 37 -1.30 -25.89 -13.19
N ASP B 38 -0.11 -25.92 -12.60
CA ASP B 38 0.56 -27.18 -12.22
C ASP B 38 -0.32 -27.96 -11.24
N ASN B 39 -0.97 -27.29 -10.28
CA ASN B 39 -1.81 -27.98 -9.26
C ASN B 39 -2.98 -28.67 -9.95
N VAL B 40 -3.68 -27.96 -10.82
CA VAL B 40 -4.83 -28.52 -11.56
C VAL B 40 -4.34 -29.68 -12.43
N ALA B 41 -3.24 -29.51 -13.16
CA ALA B 41 -2.69 -30.56 -14.05
C ALA B 41 -2.32 -31.80 -13.22
N ASN B 42 -1.68 -31.61 -12.06
CA ASN B 42 -1.23 -32.74 -11.23
C ASN B 42 -2.45 -33.51 -10.70
N SER B 43 -3.50 -32.78 -10.32
CA SER B 43 -4.78 -33.40 -9.91
C SER B 43 -5.36 -34.21 -11.08
N ILE B 44 -5.41 -33.65 -12.28
CA ILE B 44 -6.03 -34.35 -13.44
C ILE B 44 -5.18 -35.58 -13.78
N VAL B 45 -3.85 -35.44 -13.81
CA VAL B 45 -2.93 -36.58 -14.12
C VAL B 45 -3.20 -37.71 -13.10
N SER B 46 -3.29 -37.39 -11.81
CA SER B 46 -3.52 -38.38 -10.74
C SER B 46 -4.85 -39.09 -10.97
N GLN B 47 -5.89 -38.34 -11.33
CA GLN B 47 -7.23 -38.90 -11.56
C GLN B 47 -7.18 -39.85 -12.76
N LEU B 48 -6.50 -39.46 -13.85
CA LEU B 48 -6.40 -40.33 -15.04
C LEU B 48 -5.69 -41.63 -14.65
N LEU B 49 -4.58 -41.56 -13.92
CA LEU B 49 -3.81 -42.75 -13.53
C LEU B 49 -4.67 -43.65 -12.63
N PHE B 50 -5.36 -43.05 -11.67
CA PHE B 50 -6.24 -43.79 -10.73
C PHE B 50 -7.32 -44.51 -11.54
N LEU B 51 -7.98 -43.81 -12.47
CA LEU B 51 -9.10 -44.42 -13.23
C LEU B 51 -8.57 -45.57 -14.10
N GLN B 52 -7.38 -45.43 -14.69
CA GLN B 52 -6.79 -46.52 -15.49
C GLN B 52 -6.56 -47.74 -14.57
N ALA B 53 -6.07 -47.54 -13.35
CA ALA B 53 -5.79 -48.64 -12.39
C ALA B 53 -7.11 -49.33 -12.00
N GLN B 54 -8.21 -48.58 -11.83
CA GLN B 54 -9.53 -49.14 -11.47
C GLN B 54 -10.06 -50.01 -12.62
N ASP B 55 -9.86 -49.57 -13.86
CA ASP B 55 -10.40 -50.27 -15.06
C ASP B 55 -9.69 -49.72 -16.30
N SER B 56 -8.88 -50.57 -16.92
CA SER B 56 -8.01 -50.17 -18.05
C SER B 56 -8.82 -50.15 -19.36
N GLU B 57 -10.09 -50.53 -19.36
CA GLU B 57 -10.88 -50.68 -20.62
C GLU B 57 -11.99 -49.64 -20.73
N LYS B 58 -12.64 -49.27 -19.64
CA LYS B 58 -13.84 -48.40 -19.72
C LYS B 58 -13.43 -46.95 -20.02
N ASP B 59 -14.23 -46.27 -20.82
CA ASP B 59 -14.06 -44.85 -21.17
C ASP B 59 -13.95 -44.00 -19.90
N ILE B 60 -13.17 -42.93 -20.02
CA ILE B 60 -13.12 -41.80 -19.06
C ILE B 60 -13.77 -40.60 -19.73
N TYR B 61 -14.44 -39.76 -18.96
CA TYR B 61 -15.13 -38.54 -19.42
C TYR B 61 -14.43 -37.31 -18.83
N LEU B 62 -13.71 -36.57 -19.67
CA LEU B 62 -13.06 -35.30 -19.29
C LEU B 62 -13.94 -34.15 -19.74
N TRP B 63 -14.57 -33.51 -18.78
CA TRP B 63 -15.44 -32.34 -19.02
C TRP B 63 -14.60 -31.06 -18.84
N ILE B 64 -14.69 -30.16 -19.80
CA ILE B 64 -13.78 -29.00 -19.92
C ILE B 64 -14.61 -27.73 -19.91
N ASN B 65 -14.36 -26.92 -18.88
CA ASN B 65 -14.78 -25.50 -18.84
C ASN B 65 -13.58 -24.71 -18.32
N SER B 66 -12.72 -24.23 -19.20
CA SER B 66 -11.38 -23.68 -18.84
C SER B 66 -11.00 -22.57 -19.80
N PRO B 67 -10.49 -21.44 -19.28
CA PRO B 67 -9.91 -20.39 -20.12
C PRO B 67 -8.46 -20.68 -20.55
N GLY B 68 -7.91 -21.84 -20.21
CA GLY B 68 -6.54 -22.24 -20.58
C GLY B 68 -5.59 -22.01 -19.42
N GLY B 69 -4.32 -21.74 -19.72
CA GLY B 69 -3.28 -21.56 -18.70
C GLY B 69 -1.96 -22.12 -19.18
N SER B 70 -1.18 -22.70 -18.28
CA SER B 70 0.22 -23.10 -18.53
C SER B 70 0.28 -24.16 -19.64
N VAL B 71 1.14 -23.93 -20.62
CA VAL B 71 1.33 -24.90 -21.74
C VAL B 71 1.95 -26.19 -21.20
N THR B 72 2.96 -26.11 -20.32
CA THR B 72 3.63 -27.32 -19.79
C THR B 72 2.63 -28.10 -18.93
N ALA B 73 1.82 -27.42 -18.13
CA ALA B 73 0.77 -28.08 -17.32
C ALA B 73 -0.22 -28.79 -18.26
N GLY B 74 -0.65 -28.10 -19.31
CA GLY B 74 -1.52 -28.69 -20.35
C GLY B 74 -0.90 -29.93 -20.95
N PHE B 75 0.42 -29.92 -21.22
CA PHE B 75 1.11 -31.08 -21.82
C PHE B 75 1.25 -32.22 -20.82
N ALA B 76 1.30 -31.94 -19.51
CA ALA B 76 1.24 -33.02 -18.49
C ALA B 76 -0.08 -33.77 -18.69
N ILE B 77 -1.16 -33.03 -18.85
CA ILE B 77 -2.51 -33.65 -19.04
C ILE B 77 -2.54 -34.38 -20.39
N TYR B 78 -2.14 -33.69 -21.45
CA TYR B 78 -2.16 -34.25 -22.83
C TYR B 78 -1.43 -35.59 -22.86
N ASP B 79 -0.18 -35.63 -22.39
CA ASP B 79 0.65 -36.85 -22.51
C ASP B 79 0.05 -37.96 -21.64
N THR B 80 -0.54 -37.61 -20.49
CA THR B 80 -1.13 -38.63 -19.61
C THR B 80 -2.36 -39.23 -20.30
N ILE B 81 -3.17 -38.40 -20.95
CA ILE B 81 -4.32 -38.89 -21.77
C ILE B 81 -3.79 -39.89 -22.79
N GLN B 82 -2.79 -39.54 -23.58
CA GLN B 82 -2.35 -40.42 -24.70
C GLN B 82 -1.70 -41.67 -24.12
N HIS B 83 -1.12 -41.58 -22.93
CA HIS B 83 -0.35 -42.69 -22.32
C HIS B 83 -1.28 -43.82 -21.88
N ILE B 84 -2.40 -43.50 -21.23
CA ILE B 84 -3.25 -44.52 -20.57
C ILE B 84 -4.05 -45.27 -21.64
N LYS B 85 -4.52 -46.46 -21.28
CA LYS B 85 -5.20 -47.38 -22.23
C LYS B 85 -6.64 -46.94 -22.48
N PRO B 86 -7.45 -46.55 -21.48
CA PRO B 86 -8.81 -46.13 -21.74
C PRO B 86 -8.89 -44.95 -22.72
N ASP B 87 -9.89 -44.95 -23.58
CA ASP B 87 -10.30 -43.74 -24.33
C ASP B 87 -10.71 -42.66 -23.33
N VAL B 88 -10.27 -41.43 -23.58
CA VAL B 88 -10.73 -40.25 -22.79
C VAL B 88 -11.61 -39.43 -23.70
N GLN B 89 -12.91 -39.43 -23.44
CA GLN B 89 -13.87 -38.54 -24.13
C GLN B 89 -13.61 -37.13 -23.60
N THR B 90 -13.80 -36.13 -24.45
CA THR B 90 -13.78 -34.71 -24.01
C THR B 90 -15.12 -34.08 -24.34
N ILE B 91 -15.62 -33.30 -23.40
CA ILE B 91 -16.91 -32.57 -23.55
C ILE B 91 -16.68 -31.13 -23.11
N CYS B 92 -16.87 -30.19 -24.03
CA CYS B 92 -16.75 -28.74 -23.73
C CYS B 92 -18.11 -28.23 -23.28
N ILE B 93 -18.14 -27.68 -22.06
CA ILE B 93 -19.35 -27.08 -21.43
C ILE B 93 -18.94 -25.67 -20.98
N GLY B 94 -19.58 -24.64 -21.51
CA GLY B 94 -19.24 -23.24 -21.24
C GLY B 94 -18.16 -22.75 -22.19
N MET B 95 -16.89 -23.00 -21.89
CA MET B 95 -15.77 -22.44 -22.70
C MET B 95 -14.55 -23.38 -22.64
N ALA B 96 -13.89 -23.56 -23.77
CA ALA B 96 -12.55 -24.16 -23.84
C ALA B 96 -11.68 -23.18 -24.64
N ALA B 97 -10.84 -22.42 -23.96
CA ALA B 97 -9.96 -21.42 -24.61
C ALA B 97 -8.50 -21.86 -24.46
N SER B 98 -7.70 -21.56 -25.48
CA SER B 98 -6.23 -21.70 -25.45
C SER B 98 -5.88 -23.16 -25.15
N MET B 99 -5.08 -23.44 -24.11
CA MET B 99 -4.71 -24.84 -23.77
C MET B 99 -5.97 -25.66 -23.48
N GLY B 100 -7.04 -25.02 -23.02
CA GLY B 100 -8.35 -25.70 -22.83
C GLY B 100 -8.85 -26.29 -24.14
N SER B 101 -8.79 -25.52 -25.23
CA SER B 101 -9.28 -26.00 -26.55
C SER B 101 -8.29 -27.06 -27.09
N PHE B 102 -7.00 -26.92 -26.78
CA PHE B 102 -5.98 -27.91 -27.18
C PHE B 102 -6.36 -29.28 -26.56
N LEU B 103 -6.71 -29.29 -25.27
CA LEU B 103 -7.05 -30.54 -24.55
C LEU B 103 -8.40 -31.08 -25.04
N LEU B 104 -9.35 -30.20 -25.39
CA LEU B 104 -10.63 -30.63 -26.00
C LEU B 104 -10.33 -31.44 -27.26
N ALA B 105 -9.45 -30.92 -28.13
CA ALA B 105 -9.06 -31.57 -29.39
C ALA B 105 -8.27 -32.86 -29.14
N ALA B 106 -7.78 -33.10 -27.92
CA ALA B 106 -6.89 -34.24 -27.60
C ALA B 106 -7.67 -35.48 -27.17
N GLY B 107 -8.99 -35.39 -27.06
CA GLY B 107 -9.84 -36.53 -26.67
C GLY B 107 -9.80 -37.63 -27.71
N ALA B 108 -10.26 -38.83 -27.36
CA ALA B 108 -10.28 -39.99 -28.28
C ALA B 108 -11.07 -39.63 -29.53
N LYS B 109 -10.54 -40.03 -30.69
CA LYS B 109 -11.15 -39.83 -32.03
C LYS B 109 -12.59 -40.34 -32.03
N GLY B 110 -13.51 -39.49 -32.44
CA GLY B 110 -14.96 -39.78 -32.45
C GLY B 110 -15.62 -39.49 -31.12
N LYS B 111 -14.89 -39.13 -30.06
CA LYS B 111 -15.49 -38.91 -28.73
C LYS B 111 -15.10 -37.54 -28.15
N ARG B 112 -14.98 -36.54 -29.02
CA ARG B 112 -14.76 -35.13 -28.63
C ARG B 112 -16.06 -34.37 -28.93
N PHE B 113 -16.63 -33.76 -27.90
CA PHE B 113 -17.97 -33.13 -27.98
C PHE B 113 -17.95 -31.70 -27.46
N ALA B 114 -18.92 -30.91 -27.88
CA ALA B 114 -19.27 -29.64 -27.21
C ALA B 114 -20.79 -29.57 -27.13
N LEU B 115 -21.31 -28.99 -26.06
CA LEU B 115 -22.76 -28.67 -25.99
C LEU B 115 -23.01 -27.45 -26.86
N PRO B 116 -24.24 -27.24 -27.35
CA PRO B 116 -24.54 -26.34 -28.46
C PRO B 116 -24.08 -24.90 -28.28
N ASN B 117 -24.09 -24.38 -27.05
CA ASN B 117 -23.80 -22.95 -26.78
C ASN B 117 -22.39 -22.80 -26.20
N ALA B 118 -21.62 -23.88 -26.14
CA ALA B 118 -20.23 -23.83 -25.63
C ALA B 118 -19.37 -23.03 -26.61
N GLU B 119 -18.39 -22.32 -26.09
CA GLU B 119 -17.46 -21.49 -26.90
C GLU B 119 -16.09 -22.16 -26.91
N VAL B 120 -15.46 -22.13 -28.06
CA VAL B 120 -14.06 -22.62 -28.22
C VAL B 120 -13.24 -21.44 -28.72
N MET B 121 -12.10 -21.18 -28.12
CA MET B 121 -11.22 -20.09 -28.59
C MET B 121 -9.81 -20.66 -28.75
N ILE B 122 -9.21 -20.36 -29.88
CA ILE B 122 -7.82 -20.72 -30.20
C ILE B 122 -7.02 -19.45 -30.41
N HIS B 123 -5.77 -19.46 -29.97
CA HIS B 123 -4.83 -18.32 -30.10
C HIS B 123 -3.42 -18.84 -29.85
N GLN B 124 -2.42 -18.00 -30.12
CA GLN B 124 -1.01 -18.43 -29.95
C GLN B 124 -0.65 -18.33 -28.47
N PRO B 125 0.42 -19.05 -28.05
CA PRO B 125 0.88 -19.00 -26.68
C PRO B 125 1.35 -17.60 -26.26
N LEU B 126 1.18 -17.32 -24.96
CA LEU B 126 1.58 -16.05 -24.32
C LEU B 126 2.78 -16.34 -23.42
N GLY B 127 3.65 -15.35 -23.27
CA GLY B 127 4.71 -15.44 -22.26
C GLY B 127 5.44 -14.13 -22.13
N GLY B 128 6.66 -14.24 -21.66
CA GLY B 128 7.45 -13.08 -21.24
C GLY B 128 8.91 -13.41 -21.33
N ALA B 129 9.72 -12.37 -21.38
CA ALA B 129 11.19 -12.49 -21.42
C ALA B 129 11.76 -11.15 -20.98
N GLN B 130 12.73 -11.22 -20.09
CA GLN B 130 13.40 -10.03 -19.53
C GLN B 130 14.89 -10.34 -19.41
N GLY B 131 15.76 -9.34 -19.60
CA GLY B 131 17.19 -9.48 -19.32
C GLY B 131 18.05 -9.09 -20.50
N GLN B 132 19.18 -9.77 -20.64
CA GLN B 132 20.16 -9.53 -21.72
C GLN B 132 19.58 -9.97 -23.06
N ALA B 133 20.04 -9.33 -24.13
CA ALA B 133 19.68 -9.68 -25.53
C ALA B 133 19.70 -11.21 -25.72
N THR B 134 20.76 -11.90 -25.28
CA THR B 134 20.87 -13.35 -25.54
C THR B 134 19.83 -14.12 -24.70
N GLU B 135 19.48 -13.65 -23.51
CA GLU B 135 18.41 -14.29 -22.70
C GLU B 135 17.08 -14.09 -23.43
N ILE B 136 16.83 -12.91 -23.98
CA ILE B 136 15.56 -12.65 -24.70
C ILE B 136 15.52 -13.57 -25.92
N GLU B 137 16.65 -13.76 -26.59
CA GLU B 137 16.74 -14.63 -27.78
C GLU B 137 16.36 -16.09 -27.39
N ILE B 138 16.93 -16.58 -26.31
CA ILE B 138 16.64 -17.96 -25.81
C ILE B 138 15.15 -18.08 -25.50
N ALA B 139 14.56 -17.12 -24.82
CA ALA B 139 13.12 -17.17 -24.44
C ALA B 139 12.27 -17.11 -25.71
N ALA B 140 12.63 -16.28 -26.70
CA ALA B 140 11.87 -16.17 -27.95
C ALA B 140 11.94 -17.50 -28.71
N ASN B 141 13.14 -18.08 -28.85
CA ASN B 141 13.31 -19.36 -29.59
C ASN B 141 12.45 -20.43 -28.90
N HIS B 142 12.47 -20.48 -27.57
CA HIS B 142 11.72 -21.50 -26.83
C HIS B 142 10.20 -21.35 -27.07
N ILE B 143 9.64 -20.14 -26.98
CA ILE B 143 8.17 -19.97 -27.15
C ILE B 143 7.80 -20.23 -28.61
N LEU B 144 8.66 -19.92 -29.59
CA LEU B 144 8.38 -20.22 -31.01
C LEU B 144 8.39 -21.75 -31.24
N LYS B 145 9.32 -22.46 -30.62
CA LYS B 145 9.37 -23.94 -30.72
C LYS B 145 8.14 -24.54 -30.04
N THR B 146 7.72 -23.98 -28.92
CA THR B 146 6.50 -24.43 -28.20
C THR B 146 5.30 -24.24 -29.14
N ARG B 147 5.20 -23.12 -29.81
CA ARG B 147 4.08 -22.84 -30.74
C ARG B 147 4.11 -23.84 -31.90
N GLU B 148 5.29 -24.14 -32.47
CA GLU B 148 5.43 -25.14 -33.57
C GLU B 148 4.92 -26.49 -33.06
N LYS B 149 5.28 -26.86 -31.83
CA LYS B 149 4.87 -28.16 -31.24
C LYS B 149 3.34 -28.20 -31.09
N LEU B 150 2.74 -27.15 -30.51
CA LEU B 150 1.27 -27.09 -30.32
C LEU B 150 0.59 -27.18 -31.69
N ASN B 151 1.07 -26.42 -32.66
CA ASN B 151 0.41 -26.31 -34.00
C ASN B 151 0.50 -27.67 -34.73
N ARG B 152 1.65 -28.35 -34.65
CA ARG B 152 1.84 -29.67 -35.28
C ARG B 152 0.81 -30.64 -34.71
N ILE B 153 0.69 -30.71 -33.38
CA ILE B 153 -0.24 -31.67 -32.74
C ILE B 153 -1.67 -31.28 -33.12
N LEU B 154 -2.00 -29.99 -33.12
CA LEU B 154 -3.37 -29.54 -33.46
C LEU B 154 -3.67 -29.93 -34.93
N SER B 155 -2.68 -29.81 -35.80
CA SER B 155 -2.79 -30.22 -37.23
C SER B 155 -3.15 -31.70 -37.30
N GLU B 156 -2.39 -32.55 -36.62
CA GLU B 156 -2.65 -34.02 -36.58
C GLU B 156 -4.06 -34.29 -36.05
N ARG B 157 -4.53 -33.57 -35.04
CA ARG B 157 -5.80 -33.92 -34.35
C ARG B 157 -7.01 -33.33 -35.06
N THR B 158 -6.83 -32.25 -35.82
CA THR B 158 -7.94 -31.54 -36.50
C THR B 158 -8.02 -31.94 -37.97
N GLY B 159 -6.91 -32.35 -38.58
CA GLY B 159 -6.81 -32.52 -40.05
C GLY B 159 -6.52 -31.19 -40.77
N GLN B 160 -6.37 -30.08 -40.08
CA GLN B 160 -6.02 -28.78 -40.73
C GLN B 160 -4.53 -28.73 -40.95
N SER B 161 -4.08 -28.00 -41.96
CA SER B 161 -2.63 -27.78 -42.20
C SER B 161 -2.04 -26.93 -41.06
N ILE B 162 -0.75 -27.09 -40.84
CA ILE B 162 0.05 -26.25 -39.91
C ILE B 162 -0.09 -24.78 -40.34
N GLU B 163 -0.09 -24.48 -41.64
CA GLU B 163 -0.15 -23.09 -42.15
C GLU B 163 -1.52 -22.49 -41.75
N LYS B 164 -2.60 -23.27 -41.85
CA LYS B 164 -3.93 -22.75 -41.52
C LYS B 164 -4.01 -22.50 -40.01
N ILE B 165 -3.48 -23.41 -39.20
CA ILE B 165 -3.54 -23.29 -37.72
C ILE B 165 -2.76 -22.03 -37.30
N GLN B 166 -1.58 -21.84 -37.88
CA GLN B 166 -0.73 -20.65 -37.64
C GLN B 166 -1.53 -19.36 -37.90
N LYS B 167 -2.12 -19.25 -39.08
CA LYS B 167 -2.88 -18.04 -39.49
C LYS B 167 -4.09 -17.86 -38.56
N ASP B 168 -4.79 -18.95 -38.24
CA ASP B 168 -6.07 -18.88 -37.49
C ASP B 168 -5.82 -18.62 -35.99
N THR B 169 -4.59 -18.80 -35.51
CA THR B 169 -4.26 -18.59 -34.08
C THR B 169 -3.44 -17.32 -33.89
N ASP B 170 -3.23 -16.55 -34.95
CA ASP B 170 -2.40 -15.33 -34.88
C ASP B 170 -3.00 -14.38 -33.82
N ARG B 171 -4.31 -14.26 -33.79
CA ARG B 171 -5.09 -13.50 -32.79
C ARG B 171 -6.17 -14.39 -32.21
N ASP B 172 -6.79 -13.94 -31.12
CA ASP B 172 -7.94 -14.61 -30.49
C ASP B 172 -8.97 -14.92 -31.57
N ASN B 173 -9.33 -16.18 -31.67
CA ASN B 173 -10.26 -16.68 -32.69
C ASN B 173 -11.35 -17.48 -31.97
N PHE B 174 -12.54 -16.91 -31.87
CA PHE B 174 -13.71 -17.48 -31.15
C PHE B 174 -14.51 -18.33 -32.14
N LEU B 175 -14.80 -19.56 -31.78
CA LEU B 175 -15.63 -20.49 -32.58
C LEU B 175 -16.86 -20.89 -31.80
N THR B 176 -17.98 -21.00 -32.51
CA THR B 176 -19.17 -21.71 -32.01
C THR B 176 -18.90 -23.22 -31.96
N ALA B 177 -19.74 -23.98 -31.26
CA ALA B 177 -19.63 -25.45 -31.20
C ALA B 177 -19.61 -26.03 -32.61
N GLU B 178 -20.54 -25.58 -33.44
CA GLU B 178 -20.68 -26.04 -34.85
C GLU B 178 -19.39 -25.71 -35.61
N GLU B 179 -18.84 -24.50 -35.47
CA GLU B 179 -17.58 -24.12 -36.14
C GLU B 179 -16.42 -25.00 -35.61
N ALA B 180 -16.40 -25.29 -34.32
CA ALA B 180 -15.32 -26.15 -33.74
C ALA B 180 -15.40 -27.53 -34.40
N LYS B 181 -16.61 -28.01 -34.67
CA LYS B 181 -16.79 -29.33 -35.32
C LYS B 181 -16.32 -29.25 -36.77
N GLU B 182 -16.68 -28.21 -37.51
CA GLU B 182 -16.21 -28.01 -38.91
C GLU B 182 -14.69 -27.93 -38.93
N TYR B 183 -14.09 -27.33 -37.91
CA TYR B 183 -12.61 -27.15 -37.81
C TYR B 183 -11.93 -28.50 -37.52
N GLY B 184 -12.63 -29.45 -36.89
CA GLY B 184 -12.04 -30.73 -36.49
C GLY B 184 -11.52 -30.69 -35.06
N LEU B 185 -11.88 -29.68 -34.27
CA LEU B 185 -11.49 -29.62 -32.84
C LEU B 185 -12.35 -30.59 -32.04
N ILE B 186 -13.60 -30.80 -32.47
CA ILE B 186 -14.52 -31.81 -31.87
C ILE B 186 -15.10 -32.65 -33.02
N ASP B 187 -15.72 -33.77 -32.67
CA ASP B 187 -16.35 -34.70 -33.62
C ASP B 187 -17.86 -34.41 -33.73
N GLU B 188 -18.51 -34.00 -32.64
CA GLU B 188 -19.98 -33.79 -32.64
C GLU B 188 -20.37 -32.68 -31.67
N VAL B 189 -21.41 -31.95 -32.04
CA VAL B 189 -22.23 -31.14 -31.11
C VAL B 189 -23.27 -32.07 -30.47
N MET B 190 -23.23 -32.24 -29.15
CA MET B 190 -24.24 -33.01 -28.38
C MET B 190 -25.53 -32.18 -28.31
N VAL B 191 -26.49 -32.50 -29.18
CA VAL B 191 -27.82 -31.83 -29.20
C VAL B 191 -28.68 -32.47 -28.11
N PRO B 192 -29.61 -31.72 -27.50
CA PRO B 192 -30.64 -32.31 -26.66
C PRO B 192 -31.77 -32.97 -27.48
N ILE C 4 -22.77 -22.35 7.87
CA ILE C 4 -23.66 -23.32 7.14
C ILE C 4 -23.98 -24.48 8.08
N PRO C 5 -25.25 -24.66 8.51
CA PRO C 5 -25.56 -25.69 9.50
C PRO C 5 -25.63 -27.12 8.95
N THR C 6 -25.64 -28.08 9.87
CA THR C 6 -25.63 -29.55 9.66
C THR C 6 -26.97 -30.15 10.11
N VAL C 7 -27.45 -31.21 9.43
CA VAL C 7 -28.68 -31.97 9.83
C VAL C 7 -28.40 -33.49 9.75
N TYR C 18 -24.90 -34.37 6.93
CA TYR C 18 -25.29 -33.47 5.82
C TYR C 18 -25.19 -31.99 6.24
N ASP C 19 -24.53 -31.15 5.43
CA ASP C 19 -24.78 -29.69 5.47
C ASP C 19 -26.14 -29.43 4.81
N ILE C 20 -26.71 -28.25 5.01
CA ILE C 20 -28.14 -27.99 4.66
C ILE C 20 -28.31 -28.12 3.14
N TYR C 21 -27.32 -27.66 2.36
CA TYR C 21 -27.39 -27.67 0.88
C TYR C 21 -27.39 -29.12 0.39
N SER C 22 -26.58 -29.98 1.01
CA SER C 22 -26.49 -31.42 0.64
C SER C 22 -27.82 -32.12 0.95
N ARG C 23 -28.48 -31.74 2.05
CA ARG C 23 -29.79 -32.31 2.41
C ARG C 23 -30.83 -31.87 1.37
N LEU C 24 -30.79 -30.62 0.91
CA LEU C 24 -31.75 -30.17 -0.13
C LEU C 24 -31.46 -30.89 -1.44
N LEU C 25 -30.19 -31.13 -1.74
CA LEU C 25 -29.80 -31.82 -3.00
C LEU C 25 -30.39 -33.24 -3.00
N LYS C 26 -30.42 -33.88 -1.84
CA LYS C 26 -31.04 -35.22 -1.71
C LYS C 26 -32.51 -35.16 -2.14
N ASP C 27 -33.19 -34.00 -2.02
CA ASP C 27 -34.60 -33.84 -2.50
C ASP C 27 -34.64 -33.13 -3.86
N ARG C 28 -33.53 -33.16 -4.61
CA ARG C 28 -33.47 -32.69 -6.02
C ARG C 28 -33.62 -31.16 -6.09
N ILE C 29 -33.19 -30.47 -5.04
CA ILE C 29 -33.17 -28.98 -4.99
C ILE C 29 -31.73 -28.51 -5.11
N ILE C 30 -31.47 -27.70 -6.11
CA ILE C 30 -30.14 -27.07 -6.36
C ILE C 30 -30.26 -25.58 -6.07
N MET C 31 -29.31 -25.03 -5.32
CA MET C 31 -29.24 -23.59 -5.02
C MET C 31 -28.23 -22.90 -5.94
N LEU C 32 -28.69 -21.91 -6.69
CA LEU C 32 -27.83 -20.90 -7.36
C LEU C 32 -28.02 -19.59 -6.59
N GLY C 33 -27.17 -19.35 -5.60
CA GLY C 33 -27.37 -18.29 -4.60
C GLY C 33 -26.21 -17.30 -4.56
N SER C 34 -25.46 -17.19 -5.65
CA SER C 34 -24.30 -16.26 -5.72
C SER C 34 -24.09 -15.78 -7.14
N GLN C 35 -23.08 -14.94 -7.32
CA GLN C 35 -22.53 -14.56 -8.63
C GLN C 35 -22.19 -15.84 -9.40
N ILE C 36 -22.44 -15.84 -10.71
CA ILE C 36 -22.13 -17.00 -11.58
C ILE C 36 -20.69 -16.88 -12.07
N ASP C 37 -19.82 -17.74 -11.56
CA ASP C 37 -18.46 -17.89 -12.13
C ASP C 37 -18.29 -19.36 -12.49
N ASP C 38 -17.11 -19.72 -12.98
CA ASP C 38 -16.81 -21.09 -13.45
C ASP C 38 -16.99 -22.08 -12.29
N ASN C 39 -16.57 -21.73 -11.06
CA ASN C 39 -16.67 -22.66 -9.90
C ASN C 39 -18.14 -22.95 -9.60
N VAL C 40 -18.94 -21.90 -9.53
CA VAL C 40 -20.41 -22.05 -9.25
C VAL C 40 -21.04 -22.88 -10.38
N ALA C 41 -20.74 -22.56 -11.64
CA ALA C 41 -21.30 -23.28 -12.80
C ALA C 41 -20.91 -24.75 -12.74
N ASN C 42 -19.65 -25.04 -12.44
CA ASN C 42 -19.16 -26.43 -12.42
C ASN C 42 -19.85 -27.22 -11.31
N SER C 43 -20.08 -26.59 -10.17
CA SER C 43 -20.84 -27.20 -9.06
C SER C 43 -22.27 -27.50 -9.54
N ILE C 44 -22.94 -26.53 -10.16
CA ILE C 44 -24.35 -26.70 -10.60
C ILE C 44 -24.41 -27.78 -11.68
N VAL C 45 -23.50 -27.77 -12.64
CA VAL C 45 -23.46 -28.79 -13.73
C VAL C 45 -23.32 -30.19 -13.09
N SER C 46 -22.42 -30.34 -12.13
CA SER C 46 -22.18 -31.63 -11.46
C SER C 46 -23.46 -32.09 -10.76
N GLN C 47 -24.15 -31.18 -10.10
CA GLN C 47 -25.39 -31.49 -9.35
C GLN C 47 -26.46 -31.94 -10.34
N LEU C 48 -26.62 -31.23 -11.47
CA LEU C 48 -27.62 -31.61 -12.49
C LEU C 48 -27.31 -33.02 -13.01
N LEU C 49 -26.05 -33.31 -13.34
CA LEU C 49 -25.66 -34.62 -13.89
C LEU C 49 -25.92 -35.71 -12.85
N PHE C 50 -25.55 -35.46 -11.60
CA PHE C 50 -25.75 -36.42 -10.51
C PHE C 50 -27.24 -36.70 -10.34
N LEU C 51 -28.07 -35.65 -10.33
CA LEU C 51 -29.53 -35.86 -10.11
C LEU C 51 -30.13 -36.64 -11.28
N GLN C 52 -29.69 -36.38 -12.52
CA GLN C 52 -30.18 -37.16 -13.68
C GLN C 52 -29.83 -38.64 -13.48
N ALA C 53 -28.62 -38.94 -13.03
CA ALA C 53 -28.14 -40.33 -12.82
C ALA C 53 -28.97 -41.01 -11.71
N GLN C 54 -29.35 -40.28 -10.66
CA GLN C 54 -30.18 -40.83 -9.56
C GLN C 54 -31.58 -41.17 -10.07
N ASP C 55 -32.14 -40.32 -10.92
CA ASP C 55 -33.52 -40.49 -11.42
C ASP C 55 -33.71 -39.59 -12.64
N SER C 56 -33.87 -40.21 -13.80
CA SER C 56 -33.91 -39.50 -15.10
C SER C 56 -35.32 -38.94 -15.35
N GLU C 57 -36.30 -39.19 -14.47
CA GLU C 57 -37.71 -38.82 -14.75
C GLU C 57 -38.20 -37.71 -13.80
N LYS C 58 -37.77 -37.70 -12.55
CA LYS C 58 -38.33 -36.74 -11.56
C LYS C 58 -37.77 -35.33 -11.79
N ASP C 59 -38.62 -34.34 -11.61
CA ASP C 59 -38.29 -32.91 -11.68
C ASP C 59 -37.09 -32.59 -10.77
N ILE C 60 -36.31 -31.61 -11.22
CA ILE C 60 -35.26 -30.93 -10.42
C ILE C 60 -35.76 -29.52 -10.15
N TYR C 61 -35.41 -28.97 -8.99
CA TYR C 61 -35.80 -27.60 -8.56
C TYR C 61 -34.55 -26.72 -8.45
N LEU C 62 -34.39 -25.80 -9.39
CA LEU C 62 -33.27 -24.83 -9.39
C LEU C 62 -33.78 -23.51 -8.83
N TRP C 63 -33.35 -23.20 -7.63
CA TRP C 63 -33.70 -21.93 -6.95
C TRP C 63 -32.60 -20.89 -7.22
N ILE C 64 -33.01 -19.70 -7.63
CA ILE C 64 -32.08 -18.68 -8.19
C ILE C 64 -32.22 -17.41 -7.38
N ASN C 65 -31.11 -17.03 -6.76
CA ASN C 65 -30.89 -15.68 -6.19
C ASN C 65 -29.47 -15.27 -6.61
N SER C 66 -29.36 -14.57 -7.74
CA SER C 66 -28.06 -14.29 -8.38
C SER C 66 -28.07 -12.95 -9.07
N PRO C 67 -27.00 -12.13 -8.92
CA PRO C 67 -26.83 -10.91 -9.72
C PRO C 67 -26.27 -11.17 -11.13
N GLY C 68 -26.06 -12.43 -11.51
CA GLY C 68 -25.50 -12.79 -12.81
C GLY C 68 -24.02 -13.10 -12.69
N GLY C 69 -23.27 -12.84 -13.76
CA GLY C 69 -21.83 -13.13 -13.82
C GLY C 69 -21.44 -13.59 -15.22
N SER C 70 -20.54 -14.56 -15.30
CA SER C 70 -19.91 -14.97 -16.56
C SER C 70 -20.96 -15.54 -17.51
N VAL C 71 -20.98 -15.06 -18.75
CA VAL C 71 -21.90 -15.57 -19.79
C VAL C 71 -21.55 -17.03 -20.13
N THR C 72 -20.27 -17.36 -20.29
CA THR C 72 -19.87 -18.75 -20.65
C THR C 72 -20.21 -19.69 -19.50
N ALA C 73 -19.99 -19.27 -18.26
CA ALA C 73 -20.37 -20.08 -17.07
C ALA C 73 -21.89 -20.29 -17.08
N GLY C 74 -22.66 -19.23 -17.33
CA GLY C 74 -24.12 -19.31 -17.46
C GLY C 74 -24.52 -20.32 -18.53
N PHE C 75 -23.82 -20.33 -19.66
CA PHE C 75 -24.15 -21.25 -20.78
C PHE C 75 -23.75 -22.69 -20.42
N ALA C 76 -22.75 -22.91 -19.57
CA ALA C 76 -22.45 -24.27 -19.05
C ALA C 76 -23.72 -24.78 -18.34
N ILE C 77 -24.31 -23.94 -17.51
CA ILE C 77 -25.54 -24.32 -16.75
C ILE C 77 -26.70 -24.50 -17.73
N TYR C 78 -26.91 -23.52 -18.60
CA TYR C 78 -28.03 -23.53 -19.57
C TYR C 78 -28.00 -24.83 -20.39
N ASP C 79 -26.87 -25.16 -21.01
CA ASP C 79 -26.78 -26.33 -21.91
C ASP C 79 -26.95 -27.60 -21.09
N THR C 80 -26.47 -27.63 -19.85
CA THR C 80 -26.60 -28.85 -19.01
C THR C 80 -28.08 -29.04 -18.68
N ILE C 81 -28.80 -27.97 -18.36
CA ILE C 81 -30.27 -28.04 -18.15
C ILE C 81 -30.92 -28.65 -19.39
N GLN C 82 -30.65 -28.12 -20.59
CA GLN C 82 -31.38 -28.57 -21.80
C GLN C 82 -30.95 -30.00 -22.12
N HIS C 83 -29.73 -30.41 -21.75
CA HIS C 83 -29.17 -31.73 -22.11
C HIS C 83 -29.87 -32.84 -21.35
N ILE C 84 -30.11 -32.67 -20.05
CA ILE C 84 -30.57 -33.78 -19.18
C ILE C 84 -32.05 -34.01 -19.43
N LYS C 85 -32.53 -35.21 -19.07
CA LYS C 85 -33.91 -35.66 -19.36
C LYS C 85 -34.90 -35.03 -18.38
N PRO C 86 -34.64 -34.95 -17.06
CA PRO C 86 -35.60 -34.35 -16.14
C PRO C 86 -35.91 -32.89 -16.51
N ASP C 87 -37.15 -32.48 -16.32
CA ASP C 87 -37.52 -31.06 -16.29
C ASP C 87 -36.77 -30.38 -15.14
N VAL C 88 -36.25 -29.18 -15.37
CA VAL C 88 -35.64 -28.35 -14.31
C VAL C 88 -36.57 -27.17 -14.10
N GLN C 89 -37.26 -27.16 -12.97
CA GLN C 89 -38.06 -25.99 -12.56
C GLN C 89 -37.09 -24.89 -12.15
N THR C 90 -37.46 -23.63 -12.40
CA THR C 90 -36.69 -22.48 -11.88
C THR C 90 -37.61 -21.66 -10.99
N ILE C 91 -37.06 -21.24 -9.86
CA ILE C 91 -37.77 -20.39 -8.87
C ILE C 91 -36.85 -19.22 -8.51
N CYS C 92 -37.28 -18.00 -8.81
CA CYS C 92 -36.53 -16.78 -8.45
C CYS C 92 -36.96 -16.33 -7.06
N ILE C 93 -35.99 -16.25 -6.16
CA ILE C 93 -36.16 -15.76 -4.76
C ILE C 93 -35.13 -14.63 -4.56
N GLY C 94 -35.57 -13.42 -4.25
CA GLY C 94 -34.69 -12.26 -4.06
C GLY C 94 -34.45 -11.55 -5.36
N MET C 95 -33.48 -12.00 -6.16
CA MET C 95 -33.14 -11.32 -7.44
C MET C 95 -32.59 -12.34 -8.44
N ALA C 96 -32.98 -12.17 -9.71
CA ALA C 96 -32.32 -12.81 -10.86
C ALA C 96 -31.97 -11.68 -11.83
N ALA C 97 -30.70 -11.30 -11.88
CA ALA C 97 -30.23 -10.22 -12.77
C ALA C 97 -29.29 -10.81 -13.83
N SER C 98 -29.35 -10.26 -15.04
CA SER C 98 -28.39 -10.54 -16.12
C SER C 98 -28.41 -12.05 -16.43
N MET C 99 -27.29 -12.76 -16.37
CA MET C 99 -27.26 -14.21 -16.66
C MET C 99 -28.17 -14.95 -15.69
N GLY C 100 -28.38 -14.41 -14.49
CA GLY C 100 -29.34 -14.97 -13.52
C GLY C 100 -30.75 -15.02 -14.11
N SER C 101 -31.18 -13.94 -14.73
CA SER C 101 -32.54 -13.88 -15.33
C SER C 101 -32.59 -14.75 -16.58
N PHE C 102 -31.46 -14.86 -17.31
CA PHE C 102 -31.38 -15.75 -18.48
C PHE C 102 -31.65 -17.20 -18.04
N LEU C 103 -31.03 -17.63 -16.94
CA LEU C 103 -31.20 -19.01 -16.45
C LEU C 103 -32.60 -19.21 -15.86
N LEU C 104 -33.18 -18.18 -15.23
CA LEU C 104 -34.60 -18.25 -14.77
C LEU C 104 -35.51 -18.56 -15.96
N ALA C 105 -35.31 -17.86 -17.08
CA ALA C 105 -36.10 -18.04 -18.31
C ALA C 105 -35.82 -19.41 -18.97
N ALA C 106 -34.76 -20.12 -18.56
CA ALA C 106 -34.31 -21.37 -19.23
C ALA C 106 -34.95 -22.60 -18.58
N GLY C 107 -35.73 -22.44 -17.51
CA GLY C 107 -36.40 -23.56 -16.83
C GLY C 107 -37.43 -24.21 -17.73
N ALA C 108 -37.87 -25.42 -17.40
CA ALA C 108 -38.86 -26.18 -18.20
C ALA C 108 -40.12 -25.31 -18.37
N LYS C 109 -40.65 -25.31 -19.60
CA LYS C 109 -41.87 -24.57 -20.00
C LYS C 109 -43.02 -24.92 -19.03
N GLY C 110 -43.65 -23.90 -18.47
CA GLY C 110 -44.72 -24.06 -17.48
C GLY C 110 -44.19 -24.20 -16.06
N LYS C 111 -42.88 -24.31 -15.84
CA LYS C 111 -42.34 -24.53 -14.46
C LYS C 111 -41.25 -23.49 -14.13
N ARG C 112 -41.44 -22.26 -14.60
CA ARG C 112 -40.57 -21.12 -14.26
C ARG C 112 -41.38 -20.19 -13.36
N PHE C 113 -40.89 -19.94 -12.16
CA PHE C 113 -41.62 -19.21 -11.11
C PHE C 113 -40.78 -18.07 -10.53
N ALA C 114 -41.46 -17.10 -9.93
CA ALA C 114 -40.82 -16.13 -9.02
C ALA C 114 -41.75 -15.95 -7.82
N LEU C 115 -41.19 -15.74 -6.64
CA LEU C 115 -42.00 -15.32 -5.47
C LEU C 115 -42.35 -13.85 -5.67
N PRO C 116 -43.44 -13.36 -5.03
CA PRO C 116 -44.07 -12.10 -5.42
C PRO C 116 -43.16 -10.86 -5.36
N ASN C 117 -42.20 -10.84 -4.45
CA ASN C 117 -41.34 -9.64 -4.22
C ASN C 117 -39.96 -9.85 -4.84
N ALA C 118 -39.76 -10.95 -5.56
CA ALA C 118 -38.49 -11.21 -6.27
C ALA C 118 -38.34 -10.18 -7.40
N GLU C 119 -37.11 -9.78 -7.68
CA GLU C 119 -36.79 -8.82 -8.75
C GLU C 119 -36.10 -9.56 -9.90
N VAL C 120 -36.43 -9.17 -11.11
CA VAL C 120 -35.76 -9.69 -12.33
C VAL C 120 -35.18 -8.48 -13.05
N MET C 121 -33.92 -8.56 -13.47
CA MET C 121 -33.32 -7.46 -14.25
C MET C 121 -32.68 -8.06 -15.50
N ILE C 122 -32.95 -7.45 -16.64
CA ILE C 122 -32.35 -7.82 -17.93
C ILE C 122 -31.56 -6.62 -18.45
N HIS C 123 -30.45 -6.88 -19.13
CA HIS C 123 -29.58 -5.83 -19.72
C HIS C 123 -28.61 -6.50 -20.69
N GLN C 124 -27.87 -5.70 -21.45
CA GLN C 124 -26.92 -6.26 -22.43
C GLN C 124 -25.64 -6.69 -21.71
N PRO C 125 -24.88 -7.62 -22.33
CA PRO C 125 -23.65 -8.13 -21.73
C PRO C 125 -22.59 -7.04 -21.55
N LEU C 126 -21.76 -7.21 -20.53
CA LEU C 126 -20.67 -6.26 -20.17
C LEU C 126 -19.33 -6.92 -20.47
N GLY C 127 -18.34 -6.12 -20.83
CA GLY C 127 -16.97 -6.60 -20.97
C GLY C 127 -16.01 -5.45 -21.15
N GLY C 128 -14.86 -5.77 -21.72
CA GLY C 128 -13.79 -4.82 -21.94
C GLY C 128 -12.82 -5.36 -22.96
N ALA C 129 -11.90 -4.51 -23.35
CA ALA C 129 -10.85 -4.79 -24.33
C ALA C 129 -9.83 -3.67 -24.19
N GLN C 130 -8.56 -4.06 -24.22
CA GLN C 130 -7.41 -3.15 -24.25
C GLN C 130 -6.41 -3.69 -25.28
N GLY C 131 -5.69 -2.80 -25.94
CA GLY C 131 -4.61 -3.16 -26.88
C GLY C 131 -4.81 -2.53 -28.24
N GLN C 132 -4.35 -3.22 -29.26
CA GLN C 132 -4.33 -2.74 -30.66
C GLN C 132 -5.75 -2.63 -31.20
N ALA C 133 -5.96 -1.71 -32.13
CA ALA C 133 -7.26 -1.52 -32.83
C ALA C 133 -7.82 -2.88 -33.26
N THR C 134 -7.03 -3.77 -33.86
CA THR C 134 -7.54 -5.07 -34.35
C THR C 134 -7.94 -5.98 -33.17
N GLU C 135 -7.26 -5.91 -32.03
CA GLU C 135 -7.68 -6.67 -30.82
C GLU C 135 -9.01 -6.11 -30.32
N ILE C 136 -9.17 -4.80 -30.32
CA ILE C 136 -10.44 -4.18 -29.85
C ILE C 136 -11.56 -4.62 -30.80
N GLU C 137 -11.27 -4.70 -32.09
CA GLU C 137 -12.26 -5.11 -33.12
C GLU C 137 -12.70 -6.56 -32.83
N ILE C 138 -11.74 -7.46 -32.59
CA ILE C 138 -12.05 -8.88 -32.28
C ILE C 138 -12.93 -8.95 -31.02
N ALA C 139 -12.60 -8.20 -29.96
CA ALA C 139 -13.36 -8.24 -28.71
C ALA C 139 -14.77 -7.68 -28.94
N ALA C 140 -14.90 -6.61 -29.72
CA ALA C 140 -16.22 -6.00 -30.03
C ALA C 140 -17.08 -7.01 -30.82
N ASN C 141 -16.52 -7.62 -31.86
CA ASN C 141 -17.28 -8.57 -32.70
C ASN C 141 -17.76 -9.72 -31.81
N HIS C 142 -16.89 -10.23 -30.93
CA HIS C 142 -17.23 -11.38 -30.08
C HIS C 142 -18.39 -11.02 -29.13
N ILE C 143 -18.33 -9.87 -28.46
CA ILE C 143 -19.39 -9.52 -27.47
C ILE C 143 -20.71 -9.20 -28.21
N LEU C 144 -20.65 -8.66 -29.43
CA LEU C 144 -21.90 -8.43 -30.22
C LEU C 144 -22.52 -9.78 -30.62
N LYS C 145 -21.69 -10.73 -31.03
CA LYS C 145 -22.19 -12.09 -31.38
C LYS C 145 -22.78 -12.75 -30.13
N THR C 146 -22.13 -12.59 -28.98
CA THR C 146 -22.63 -13.14 -27.70
C THR C 146 -24.02 -12.55 -27.42
N ARG C 147 -24.18 -11.24 -27.60
CA ARG C 147 -25.47 -10.58 -27.36
C ARG C 147 -26.54 -11.12 -28.33
N GLU C 148 -26.22 -11.30 -29.61
CA GLU C 148 -27.16 -11.86 -30.61
C GLU C 148 -27.58 -13.26 -30.13
N LYS C 149 -26.64 -14.06 -29.65
CA LYS C 149 -26.92 -15.44 -29.17
C LYS C 149 -27.88 -15.39 -27.97
N LEU C 150 -27.59 -14.56 -26.97
CA LEU C 150 -28.44 -14.45 -25.76
C LEU C 150 -29.84 -13.98 -26.18
N ASN C 151 -29.92 -12.98 -27.04
CA ASN C 151 -31.22 -12.37 -27.42
C ASN C 151 -32.07 -13.38 -28.21
N ARG C 152 -31.45 -14.14 -29.11
CA ARG C 152 -32.16 -15.16 -29.91
C ARG C 152 -32.78 -16.18 -28.95
N ILE C 153 -32.00 -16.71 -28.00
CA ILE C 153 -32.52 -17.74 -27.08
C ILE C 153 -33.61 -17.11 -26.20
N LEU C 154 -33.42 -15.88 -25.74
CA LEU C 154 -34.43 -15.21 -24.88
C LEU C 154 -35.72 -15.02 -25.69
N SER C 155 -35.62 -14.71 -26.98
CA SER C 155 -36.77 -14.58 -27.91
C SER C 155 -37.53 -15.91 -27.94
N GLU C 156 -36.84 -17.02 -28.19
CA GLU C 156 -37.45 -18.36 -28.22
C GLU C 156 -38.12 -18.66 -26.87
N ARG C 157 -37.53 -18.28 -25.73
CA ARG C 157 -38.04 -18.74 -24.42
C ARG C 157 -39.13 -17.82 -23.90
N THR C 158 -39.18 -16.57 -24.33
CA THR C 158 -40.17 -15.58 -23.85
C THR C 158 -41.33 -15.44 -24.83
N GLY C 159 -41.13 -15.71 -26.11
CA GLY C 159 -42.10 -15.36 -27.16
C GLY C 159 -41.98 -13.93 -27.65
N GLN C 160 -41.07 -13.11 -27.10
CA GLN C 160 -40.90 -11.70 -27.59
C GLN C 160 -40.01 -11.73 -28.84
N SER C 161 -40.17 -10.74 -29.71
CA SER C 161 -39.29 -10.62 -30.89
C SER C 161 -37.86 -10.25 -30.45
N ILE C 162 -36.89 -10.62 -31.29
CA ILE C 162 -35.46 -10.25 -31.14
C ILE C 162 -35.36 -8.73 -31.04
N GLU C 163 -36.13 -7.97 -31.85
CA GLU C 163 -36.05 -6.50 -31.90
C GLU C 163 -36.52 -5.94 -30.56
N LYS C 164 -37.56 -6.51 -29.97
CA LYS C 164 -38.08 -5.99 -28.68
C LYS C 164 -37.04 -6.29 -27.58
N ILE C 165 -36.45 -7.49 -27.58
CA ILE C 165 -35.46 -7.88 -26.54
C ILE C 165 -34.24 -6.94 -26.63
N GLN C 166 -33.78 -6.66 -27.84
CA GLN C 166 -32.67 -5.73 -28.08
C GLN C 166 -32.98 -4.36 -27.45
N LYS C 167 -34.13 -3.78 -27.77
CA LYS C 167 -34.54 -2.45 -27.24
C LYS C 167 -34.65 -2.51 -25.71
N ASP C 168 -35.25 -3.58 -25.17
CA ASP C 168 -35.60 -3.68 -23.73
C ASP C 168 -34.34 -4.00 -22.90
N THR C 169 -33.23 -4.43 -23.52
CA THR C 169 -31.98 -4.77 -22.80
C THR C 169 -30.91 -3.71 -23.05
N ASP C 170 -31.25 -2.64 -23.76
CA ASP C 170 -30.28 -1.59 -24.12
C ASP C 170 -29.66 -1.04 -22.83
N ARG C 171 -30.49 -0.82 -21.81
CA ARG C 171 -30.05 -0.39 -20.46
C ARG C 171 -30.64 -1.33 -19.42
N ASP C 172 -30.18 -1.23 -18.18
CA ASP C 172 -30.72 -1.96 -17.03
C ASP C 172 -32.23 -1.80 -17.03
N ASN C 173 -32.92 -2.92 -17.02
CA ASN C 173 -34.39 -2.96 -17.09
C ASN C 173 -34.87 -3.85 -15.93
N PHE C 174 -35.41 -3.22 -14.89
CA PHE C 174 -35.86 -3.88 -13.64
C PHE C 174 -37.34 -4.25 -13.82
N LEU C 175 -37.67 -5.51 -13.56
CA LEU C 175 -39.06 -6.02 -13.65
C LEU C 175 -39.48 -6.57 -12.30
N THR C 176 -40.73 -6.32 -11.93
CA THR C 176 -41.41 -7.06 -10.84
C THR C 176 -41.67 -8.50 -11.29
N ALA C 177 -41.99 -9.38 -10.35
CA ALA C 177 -42.34 -10.79 -10.64
C ALA C 177 -43.48 -10.82 -11.68
N GLU C 178 -44.51 -10.02 -11.42
CA GLU C 178 -45.70 -9.94 -12.30
C GLU C 178 -45.26 -9.47 -13.70
N GLU C 179 -44.42 -8.45 -13.81
CA GLU C 179 -43.93 -7.96 -15.13
C GLU C 179 -43.09 -9.06 -15.80
N ALA C 180 -42.28 -9.80 -15.04
CA ALA C 180 -41.46 -10.89 -15.63
C ALA C 180 -42.40 -11.93 -16.25
N LYS C 181 -43.54 -12.18 -15.60
CA LYS C 181 -44.52 -13.16 -16.11
C LYS C 181 -45.18 -12.61 -17.39
N GLU C 182 -45.57 -11.34 -17.40
CA GLU C 182 -46.15 -10.70 -18.60
C GLU C 182 -45.14 -10.74 -19.75
N TYR C 183 -43.86 -10.59 -19.43
CA TYR C 183 -42.76 -10.58 -20.44
C TYR C 183 -42.55 -11.99 -21.00
N GLY C 184 -42.88 -13.04 -20.26
CA GLY C 184 -42.62 -14.43 -20.67
C GLY C 184 -41.30 -14.96 -20.12
N LEU C 185 -40.68 -14.28 -19.16
CA LEU C 185 -39.43 -14.77 -18.51
C LEU C 185 -39.77 -15.89 -17.51
N ILE C 186 -40.96 -15.82 -16.91
CA ILE C 186 -41.49 -16.89 -16.02
C ILE C 186 -42.92 -17.21 -16.46
N ASP C 187 -43.45 -18.32 -15.95
CA ASP C 187 -44.83 -18.79 -16.26
C ASP C 187 -45.80 -18.34 -15.16
N GLU C 188 -45.37 -18.28 -13.91
CA GLU C 188 -46.29 -17.97 -12.77
C GLU C 188 -45.53 -17.24 -11.66
N VAL C 189 -46.25 -16.35 -10.98
CA VAL C 189 -45.91 -15.86 -9.62
C VAL C 189 -46.46 -16.86 -8.61
N MET C 190 -45.59 -17.49 -7.81
CA MET C 190 -45.99 -18.39 -6.70
C MET C 190 -46.53 -17.52 -5.55
N VAL C 191 -47.83 -17.44 -5.43
CA VAL C 191 -48.50 -16.69 -4.33
C VAL C 191 -48.50 -17.58 -3.08
N PRO C 192 -48.43 -16.98 -1.87
CA PRO C 192 -48.57 -17.73 -0.63
C PRO C 192 -50.04 -18.00 -0.30
N ILE D 4 -16.78 -22.05 17.43
CA ILE D 4 -18.20 -22.50 17.57
C ILE D 4 -18.21 -23.89 18.19
N PRO D 5 -18.77 -24.06 19.42
CA PRO D 5 -18.69 -25.33 20.12
C PRO D 5 -19.67 -26.41 19.63
N THR D 6 -19.40 -27.65 20.04
CA THR D 6 -20.03 -28.92 19.60
C THR D 6 -20.81 -29.54 20.79
N VAL D 7 -21.93 -30.24 20.52
CA VAL D 7 -22.74 -30.96 21.57
C VAL D 7 -23.14 -32.33 21.02
N TYR D 18 -22.96 -32.47 16.38
CA TYR D 18 -23.64 -31.18 16.10
C TYR D 18 -22.82 -30.00 16.64
N ASP D 19 -22.59 -28.98 15.82
CA ASP D 19 -22.26 -27.62 16.30
C ASP D 19 -23.54 -27.01 16.92
N ILE D 20 -23.41 -25.93 17.68
CA ILE D 20 -24.50 -25.44 18.55
C ILE D 20 -25.69 -24.98 17.66
N TYR D 21 -25.39 -24.37 16.51
CA TYR D 21 -26.42 -23.84 15.59
C TYR D 21 -27.21 -25.01 15.00
N SER D 22 -26.54 -26.10 14.66
CA SER D 22 -27.19 -27.32 14.10
C SER D 22 -28.09 -27.96 15.16
N ARG D 23 -27.68 -27.94 16.43
CA ARG D 23 -28.51 -28.46 17.53
C ARG D 23 -29.76 -27.59 17.68
N LEU D 24 -29.63 -26.26 17.56
CA LEU D 24 -30.82 -25.38 17.67
C LEU D 24 -31.74 -25.63 16.46
N LEU D 25 -31.17 -25.87 15.28
CA LEU D 25 -31.97 -26.10 14.05
C LEU D 25 -32.82 -27.36 14.24
N LYS D 26 -32.29 -28.36 14.92
CA LYS D 26 -33.04 -29.59 15.26
C LYS D 26 -34.30 -29.23 16.07
N ASP D 27 -34.31 -28.13 16.84
CA ASP D 27 -35.50 -27.65 17.57
C ASP D 27 -36.20 -26.51 16.82
N ARG D 28 -35.96 -26.39 15.52
CA ARG D 28 -36.70 -25.47 14.61
C ARG D 28 -36.35 -24.02 14.94
N ILE D 29 -35.14 -23.78 15.44
CA ILE D 29 -34.61 -22.42 15.72
C ILE D 29 -33.57 -22.10 14.65
N ILE D 30 -33.81 -21.00 13.95
CA ILE D 30 -32.90 -20.45 12.90
C ILE D 30 -32.30 -19.16 13.44
N MET D 31 -30.98 -19.01 13.31
CA MET D 31 -30.28 -17.78 13.74
C MET D 31 -29.99 -16.88 12.53
N LEU D 32 -30.51 -15.66 12.56
CA LEU D 32 -30.06 -14.55 11.68
C LEU D 32 -29.25 -13.59 12.55
N GLY D 33 -27.93 -13.81 12.60
CA GLY D 33 -27.03 -13.20 13.59
C GLY D 33 -25.91 -12.40 12.93
N SER D 34 -26.12 -11.94 11.70
CA SER D 34 -25.08 -11.22 10.95
C SER D 34 -25.72 -10.28 9.94
N GLN D 35 -24.88 -9.53 9.25
CA GLN D 35 -25.26 -8.73 8.06
C GLN D 35 -25.97 -9.65 7.07
N ILE D 36 -27.02 -9.15 6.42
CA ILE D 36 -27.77 -9.94 5.41
C ILE D 36 -27.11 -9.75 4.05
N ASP D 37 -26.49 -10.79 3.55
CA ASP D 37 -26.03 -10.86 2.15
C ASP D 37 -26.65 -12.10 1.53
N ASP D 38 -26.32 -12.36 0.27
CA ASP D 38 -26.91 -13.48 -0.50
C ASP D 38 -26.57 -14.81 0.19
N ASN D 39 -25.36 -14.98 0.73
CA ASN D 39 -24.93 -16.24 1.38
C ASN D 39 -25.81 -16.48 2.62
N VAL D 40 -25.96 -15.47 3.46
CA VAL D 40 -26.78 -15.57 4.69
C VAL D 40 -28.24 -15.86 4.29
N ALA D 41 -28.78 -15.14 3.30
CA ALA D 41 -30.17 -15.33 2.83
C ALA D 41 -30.35 -16.77 2.33
N ASN D 42 -29.41 -17.26 1.55
CA ASN D 42 -29.52 -18.62 0.95
C ASN D 42 -29.50 -19.67 2.04
N SER D 43 -28.67 -19.48 3.07
CA SER D 43 -28.63 -20.36 4.26
C SER D 43 -29.99 -20.34 4.95
N ILE D 44 -30.54 -19.15 5.21
CA ILE D 44 -31.83 -19.02 5.95
C ILE D 44 -32.95 -19.64 5.11
N VAL D 45 -33.00 -19.36 3.81
CA VAL D 45 -34.04 -19.93 2.90
C VAL D 45 -33.97 -21.45 2.96
N SER D 46 -32.78 -22.03 2.87
CA SER D 46 -32.57 -23.50 2.89
C SER D 46 -33.09 -24.07 4.20
N GLN D 47 -32.80 -23.39 5.32
CA GLN D 47 -33.22 -23.87 6.66
C GLN D 47 -34.76 -23.83 6.73
N LEU D 48 -35.39 -22.76 6.25
CA LEU D 48 -36.87 -22.65 6.26
C LEU D 48 -37.47 -23.80 5.44
N LEU D 49 -36.95 -24.06 4.25
CA LEU D 49 -37.49 -25.12 3.35
C LEU D 49 -37.30 -26.48 4.02
N PHE D 50 -36.14 -26.72 4.59
CA PHE D 50 -35.83 -28.00 5.28
C PHE D 50 -36.81 -28.19 6.43
N LEU D 51 -37.02 -27.15 7.26
CA LEU D 51 -37.88 -27.30 8.45
C LEU D 51 -39.34 -27.55 8.00
N GLN D 52 -39.79 -26.91 6.93
CA GLN D 52 -41.17 -27.16 6.42
C GLN D 52 -41.27 -28.64 6.01
N ALA D 53 -40.26 -29.20 5.33
CA ALA D 53 -40.26 -30.61 4.88
C ALA D 53 -40.28 -31.56 6.08
N GLN D 54 -39.57 -31.22 7.17
CA GLN D 54 -39.54 -32.05 8.40
C GLN D 54 -40.93 -32.07 9.05
N ASP D 55 -41.61 -30.92 9.07
CA ASP D 55 -42.91 -30.77 9.77
C ASP D 55 -43.57 -29.49 9.28
N SER D 56 -44.67 -29.64 8.53
CA SER D 56 -45.35 -28.52 7.86
C SER D 56 -46.26 -27.77 8.85
N GLU D 57 -46.40 -28.23 10.09
CA GLU D 57 -47.39 -27.67 11.05
C GLU D 57 -46.71 -26.94 12.21
N LYS D 58 -45.58 -27.45 12.70
CA LYS D 58 -44.95 -26.87 13.92
C LYS D 58 -44.28 -25.52 13.61
N ASP D 59 -44.40 -24.61 14.56
CA ASP D 59 -43.78 -23.27 14.48
C ASP D 59 -42.28 -23.40 14.22
N ILE D 60 -41.75 -22.40 13.54
CA ILE D 60 -40.29 -22.14 13.40
C ILE D 60 -39.99 -20.87 14.20
N TYR D 61 -38.79 -20.81 14.79
CA TYR D 61 -38.32 -19.66 15.58
C TYR D 61 -37.13 -19.00 14.88
N LEU D 62 -37.36 -17.82 14.31
CA LEU D 62 -36.30 -16.99 13.66
C LEU D 62 -35.84 -15.94 14.65
N TRP D 63 -34.64 -16.12 15.17
CA TRP D 63 -34.01 -15.17 16.11
C TRP D 63 -33.13 -14.20 15.32
N ILE D 64 -33.28 -12.91 15.59
CA ILE D 64 -32.70 -11.84 14.74
C ILE D 64 -31.81 -10.97 15.62
N ASN D 65 -30.53 -10.95 15.27
CA ASN D 65 -29.56 -9.95 15.73
C ASN D 65 -28.75 -9.53 14.51
N SER D 66 -29.19 -8.49 13.80
CA SER D 66 -28.68 -8.13 12.45
C SER D 66 -28.73 -6.63 12.25
N PRO D 67 -27.65 -6.03 11.69
CA PRO D 67 -27.68 -4.63 11.28
C PRO D 67 -28.33 -4.39 9.91
N GLY D 68 -28.86 -5.44 9.28
CA GLY D 68 -29.49 -5.33 7.96
C GLY D 68 -28.53 -5.76 6.86
N GLY D 69 -28.69 -5.21 5.67
CA GLY D 69 -27.86 -5.56 4.50
C GLY D 69 -28.69 -5.51 3.23
N SER D 70 -28.44 -6.45 2.32
CA SER D 70 -29.03 -6.43 0.95
C SER D 70 -30.56 -6.50 1.03
N VAL D 71 -31.24 -5.61 0.34
CA VAL D 71 -32.73 -5.60 0.26
C VAL D 71 -33.21 -6.85 -0.48
N THR D 72 -32.57 -7.22 -1.60
CA THR D 72 -33.03 -8.38 -2.40
C THR D 72 -32.78 -9.65 -1.59
N ALA D 73 -31.66 -9.75 -0.88
CA ALA D 73 -31.37 -10.90 0.00
C ALA D 73 -32.46 -10.97 1.10
N GLY D 74 -32.78 -9.84 1.71
CA GLY D 74 -33.86 -9.75 2.71
C GLY D 74 -35.18 -10.24 2.12
N PHE D 75 -35.49 -9.90 0.87
CA PHE D 75 -36.76 -10.29 0.23
C PHE D 75 -36.73 -11.79 -0.11
N ALA D 76 -35.57 -12.39 -0.35
CA ALA D 76 -35.48 -13.86 -0.49
C ALA D 76 -36.00 -14.50 0.80
N ILE D 77 -35.56 -13.98 1.93
CA ILE D 77 -35.97 -14.52 3.26
C ILE D 77 -37.47 -14.21 3.45
N TYR D 78 -37.87 -12.96 3.25
CA TYR D 78 -39.27 -12.52 3.46
C TYR D 78 -40.23 -13.44 2.69
N ASP D 79 -40.02 -13.60 1.38
CA ASP D 79 -40.97 -14.36 0.53
C ASP D 79 -40.94 -15.83 0.95
N THR D 80 -39.79 -16.35 1.36
CA THR D 80 -39.72 -17.78 1.75
C THR D 80 -40.54 -17.96 3.04
N ILE D 81 -40.43 -17.01 3.99
CA ILE D 81 -41.26 -17.04 5.22
C ILE D 81 -42.74 -17.11 4.80
N GLN D 82 -43.19 -16.20 3.95
CA GLN D 82 -44.65 -16.12 3.65
C GLN D 82 -45.06 -17.35 2.85
N HIS D 83 -44.14 -17.95 2.10
CA HIS D 83 -44.45 -19.09 1.20
C HIS D 83 -44.76 -20.36 2.00
N ILE D 84 -43.97 -20.67 3.02
CA ILE D 84 -44.05 -21.99 3.71
C ILE D 84 -45.27 -22.01 4.63
N LYS D 85 -45.71 -23.20 4.99
CA LYS D 85 -46.96 -23.41 5.76
C LYS D 85 -46.74 -23.10 7.25
N PRO D 86 -45.64 -23.53 7.90
CA PRO D 86 -45.47 -23.22 9.32
C PRO D 86 -45.44 -21.71 9.59
N ASP D 87 -46.02 -21.30 10.71
CA ASP D 87 -45.79 -19.95 11.26
C ASP D 87 -44.31 -19.81 11.58
N VAL D 88 -43.73 -18.66 11.24
CA VAL D 88 -42.34 -18.32 11.62
C VAL D 88 -42.42 -17.22 12.66
N GLN D 89 -42.13 -17.56 13.91
CA GLN D 89 -42.01 -16.55 14.99
C GLN D 89 -40.73 -15.77 14.74
N THR D 90 -40.71 -14.49 15.10
CA THR D 90 -39.48 -13.67 15.09
C THR D 90 -39.22 -13.17 16.49
N ILE D 91 -37.95 -13.22 16.88
CA ILE D 91 -37.49 -12.75 18.21
C ILE D 91 -36.26 -11.84 17.98
N CYS D 92 -36.37 -10.58 18.33
CA CYS D 92 -35.23 -9.64 18.23
C CYS D 92 -34.43 -9.69 19.54
N ILE D 93 -33.15 -10.02 19.42
CA ILE D 93 -32.18 -10.08 20.55
C ILE D 93 -30.98 -9.22 20.14
N GLY D 94 -30.67 -8.17 20.90
CA GLY D 94 -29.57 -7.24 20.58
C GLY D 94 -30.04 -6.13 19.68
N MET D 95 -30.08 -6.35 18.36
CA MET D 95 -30.46 -5.28 17.39
C MET D 95 -31.12 -5.91 16.15
N ALA D 96 -32.16 -5.26 15.65
CA ALA D 96 -32.71 -5.48 14.30
C ALA D 96 -32.76 -4.12 13.61
N ALA D 97 -31.82 -3.85 12.70
CA ALA D 97 -31.75 -2.57 11.96
C ALA D 97 -32.04 -2.81 10.50
N SER D 98 -32.71 -1.85 9.86
CA SER D 98 -32.90 -1.79 8.40
C SER D 98 -33.62 -3.06 7.94
N MET D 99 -33.07 -3.83 7.00
CA MET D 99 -33.72 -5.07 6.52
C MET D 99 -33.92 -6.04 7.69
N GLY D 100 -33.07 -5.97 8.71
CA GLY D 100 -33.25 -6.77 9.94
C GLY D 100 -34.59 -6.47 10.59
N SER D 101 -34.94 -5.20 10.73
CA SER D 101 -36.22 -4.80 11.37
C SER D 101 -37.38 -5.14 10.43
N PHE D 102 -37.17 -5.08 9.12
CA PHE D 102 -38.20 -5.47 8.12
C PHE D 102 -38.55 -6.95 8.35
N LEU D 103 -37.54 -7.80 8.51
CA LEU D 103 -37.75 -9.25 8.70
C LEU D 103 -38.35 -9.54 10.08
N LEU D 104 -37.99 -8.77 11.10
CA LEU D 104 -38.62 -8.89 12.45
C LEU D 104 -40.13 -8.67 12.29
N ALA D 105 -40.53 -7.63 11.55
CA ALA D 105 -41.95 -7.30 11.31
C ALA D 105 -42.64 -8.35 10.44
N ALA D 106 -41.90 -9.24 9.78
CA ALA D 106 -42.44 -10.21 8.80
C ALA D 106 -42.83 -11.53 9.47
N GLY D 107 -42.59 -11.69 10.76
CA GLY D 107 -42.95 -12.92 11.49
C GLY D 107 -44.46 -13.10 11.54
N ALA D 108 -44.93 -14.30 11.88
CA ALA D 108 -46.37 -14.62 11.97
C ALA D 108 -47.04 -13.63 12.93
N LYS D 109 -48.21 -13.13 12.54
CA LYS D 109 -49.02 -12.17 13.33
C LYS D 109 -49.29 -12.77 14.72
N GLY D 110 -49.00 -12.01 15.76
CA GLY D 110 -49.09 -12.43 17.16
C GLY D 110 -47.84 -13.13 17.64
N LYS D 111 -46.85 -13.41 16.79
CA LYS D 111 -45.65 -14.17 17.23
C LYS D 111 -44.36 -13.43 16.85
N ARG D 112 -44.39 -12.10 16.91
CA ARG D 112 -43.21 -11.22 16.70
C ARG D 112 -42.85 -10.63 18.05
N PHE D 113 -41.64 -10.89 18.52
CA PHE D 113 -41.19 -10.53 19.88
C PHE D 113 -39.87 -9.76 19.84
N ALA D 114 -39.61 -9.02 20.91
CA ALA D 114 -38.25 -8.51 21.21
C ALA D 114 -38.01 -8.68 22.71
N LEU D 115 -36.77 -8.95 23.08
CA LEU D 115 -36.39 -8.93 24.52
C LEU D 115 -36.28 -7.46 24.93
N PRO D 116 -36.40 -7.14 26.22
CA PRO D 116 -36.66 -5.77 26.67
C PRO D 116 -35.62 -4.73 26.27
N ASN D 117 -34.35 -5.13 26.15
CA ASN D 117 -33.23 -4.20 25.89
C ASN D 117 -32.79 -4.30 24.43
N ALA D 118 -33.50 -5.07 23.60
CA ALA D 118 -33.22 -5.14 22.16
C ALA D 118 -33.53 -3.79 21.51
N GLU D 119 -32.77 -3.43 20.49
CA GLU D 119 -32.96 -2.17 19.73
C GLU D 119 -33.49 -2.51 18.36
N VAL D 120 -34.37 -1.66 17.85
CA VAL D 120 -34.91 -1.75 16.48
C VAL D 120 -34.58 -0.43 15.81
N MET D 121 -34.08 -0.45 14.58
CA MET D 121 -33.88 0.79 13.81
C MET D 121 -34.50 0.63 12.44
N ILE D 122 -35.24 1.64 12.02
CA ILE D 122 -35.83 1.71 10.65
C ILE D 122 -35.26 2.93 9.94
N HIS D 123 -35.08 2.85 8.64
CA HIS D 123 -34.55 3.95 7.80
C HIS D 123 -34.78 3.61 6.32
N GLN D 124 -34.54 4.54 5.44
CA GLN D 124 -34.76 4.31 3.99
C GLN D 124 -33.57 3.53 3.43
N PRO D 125 -33.77 2.86 2.28
CA PRO D 125 -32.70 2.09 1.65
C PRO D 125 -31.53 2.98 1.20
N LEU D 126 -30.33 2.38 1.20
CA LEU D 126 -29.08 3.02 0.75
C LEU D 126 -28.65 2.40 -0.57
N GLY D 127 -27.97 3.15 -1.40
CA GLY D 127 -27.37 2.59 -2.63
C GLY D 127 -26.46 3.58 -3.29
N GLY D 128 -26.30 3.38 -4.59
CA GLY D 128 -25.33 4.14 -5.38
C GLY D 128 -25.71 4.07 -6.84
N ALA D 129 -25.09 4.95 -7.60
CA ALA D 129 -25.29 5.07 -9.05
C ALA D 129 -24.12 5.89 -9.57
N GLN D 130 -23.55 5.43 -10.68
CA GLN D 130 -22.45 6.11 -11.38
C GLN D 130 -22.71 5.99 -12.87
N GLY D 131 -22.30 6.98 -13.65
CA GLY D 131 -22.25 6.89 -15.12
C GLY D 131 -22.97 8.04 -15.78
N GLN D 132 -23.60 7.75 -16.91
CA GLN D 132 -24.38 8.75 -17.68
C GLN D 132 -25.63 9.15 -16.91
N ALA D 133 -26.10 10.37 -17.14
CA ALA D 133 -27.37 10.90 -16.59
C ALA D 133 -28.47 9.84 -16.69
N THR D 134 -28.66 9.18 -17.83
CA THR D 134 -29.77 8.21 -17.99
C THR D 134 -29.53 6.96 -17.13
N GLU D 135 -28.27 6.54 -16.93
CA GLU D 135 -27.97 5.41 -16.01
C GLU D 135 -28.30 5.84 -14.58
N ILE D 136 -27.96 7.06 -14.21
CA ILE D 136 -28.23 7.54 -12.83
C ILE D 136 -29.76 7.60 -12.65
N GLU D 137 -30.49 8.01 -13.68
CA GLU D 137 -31.97 8.09 -13.64
C GLU D 137 -32.55 6.69 -13.41
N ILE D 138 -32.09 5.70 -14.15
CA ILE D 138 -32.57 4.30 -13.99
C ILE D 138 -32.29 3.83 -12.56
N ALA D 139 -31.10 4.07 -12.03
CA ALA D 139 -30.73 3.61 -10.66
C ALA D 139 -31.61 4.35 -9.63
N ALA D 140 -31.85 5.65 -9.81
CA ALA D 140 -32.69 6.44 -8.89
C ALA D 140 -34.12 5.91 -8.92
N ASN D 141 -34.69 5.68 -10.10
CA ASN D 141 -36.08 5.18 -10.23
C ASN D 141 -36.17 3.83 -9.54
N HIS D 142 -35.19 2.96 -9.73
CA HIS D 142 -35.22 1.61 -9.14
C HIS D 142 -35.19 1.69 -7.61
N ILE D 143 -34.30 2.50 -7.02
CA ILE D 143 -34.20 2.54 -5.53
C ILE D 143 -35.46 3.22 -4.96
N LEU D 144 -36.07 4.17 -5.66
CA LEU D 144 -37.35 4.80 -5.19
C LEU D 144 -38.48 3.78 -5.24
N LYS D 145 -38.55 2.96 -6.29
CA LYS D 145 -39.56 1.88 -6.40
C LYS D 145 -39.32 0.85 -5.29
N THR D 146 -38.07 0.53 -5.01
CA THR D 146 -37.71 -0.42 -3.92
C THR D 146 -38.22 0.15 -2.60
N ARG D 147 -38.02 1.44 -2.35
CA ARG D 147 -38.48 2.08 -1.11
C ARG D 147 -40.02 2.03 -1.03
N GLU D 148 -40.73 2.31 -2.13
CA GLU D 148 -42.22 2.23 -2.17
C GLU D 148 -42.64 0.80 -1.82
N LYS D 149 -41.95 -0.20 -2.36
CA LYS D 149 -42.27 -1.62 -2.10
C LYS D 149 -42.06 -1.94 -0.62
N LEU D 150 -40.92 -1.57 -0.04
CA LEU D 150 -40.63 -1.83 1.40
C LEU D 150 -41.69 -1.12 2.25
N ASN D 151 -42.01 0.12 1.95
CA ASN D 151 -42.94 0.94 2.78
C ASN D 151 -44.36 0.35 2.72
N ARG D 152 -44.80 -0.09 1.54
CA ARG D 152 -46.13 -0.71 1.35
C ARG D 152 -46.21 -1.97 2.23
N ILE D 153 -45.20 -2.84 2.17
CA ILE D 153 -45.24 -4.10 2.95
C ILE D 153 -45.16 -3.76 4.44
N LEU D 154 -44.35 -2.80 4.83
CA LEU D 154 -44.22 -2.39 6.26
C LEU D 154 -45.57 -1.84 6.74
N SER D 155 -46.28 -1.11 5.88
CA SER D 155 -47.65 -0.58 6.16
C SER D 155 -48.58 -1.77 6.46
N GLU D 156 -48.61 -2.76 5.58
CA GLU D 156 -49.44 -3.97 5.76
C GLU D 156 -49.05 -4.69 7.05
N ARG D 157 -47.78 -4.76 7.43
CA ARG D 157 -47.36 -5.60 8.57
C ARG D 157 -47.49 -4.86 9.89
N THR D 158 -47.44 -3.52 9.87
CA THR D 158 -47.46 -2.71 11.11
C THR D 158 -48.86 -2.14 11.36
N GLY D 159 -49.66 -1.95 10.32
CA GLY D 159 -50.92 -1.18 10.42
C GLY D 159 -50.71 0.32 10.26
N GLN D 160 -49.47 0.82 10.12
CA GLN D 160 -49.25 2.28 9.93
C GLN D 160 -49.50 2.64 8.47
N SER D 161 -49.89 3.88 8.20
CA SER D 161 -50.05 4.36 6.81
C SER D 161 -48.69 4.44 6.12
N ILE D 162 -48.70 4.33 4.80
CA ILE D 162 -47.50 4.53 3.93
C ILE D 162 -46.91 5.92 4.22
N GLU D 163 -47.74 6.95 4.41
CA GLU D 163 -47.26 8.34 4.62
C GLU D 163 -46.50 8.41 5.95
N LYS D 164 -46.98 7.73 6.98
CA LYS D 164 -46.30 7.77 8.29
C LYS D 164 -44.95 7.03 8.17
N ILE D 165 -44.93 5.88 7.50
CA ILE D 165 -43.69 5.06 7.36
C ILE D 165 -42.65 5.87 6.60
N GLN D 166 -43.06 6.55 5.52
CA GLN D 166 -42.18 7.41 4.70
C GLN D 166 -41.53 8.46 5.60
N LYS D 167 -42.33 9.21 6.37
CA LYS D 167 -41.82 10.28 7.25
C LYS D 167 -40.87 9.68 8.30
N ASP D 168 -41.25 8.54 8.90
CA ASP D 168 -40.52 7.97 10.06
C ASP D 168 -39.23 7.27 9.61
N THR D 169 -39.07 6.99 8.32
CA THR D 169 -37.86 6.30 7.79
C THR D 169 -36.97 7.27 7.02
N ASP D 170 -37.32 8.55 7.02
CA ASP D 170 -36.56 9.58 6.26
C ASP D 170 -35.10 9.55 6.73
N ARG D 171 -34.89 9.45 8.05
CA ARG D 171 -33.55 9.30 8.66
C ARG D 171 -33.56 8.09 9.59
N ASP D 172 -32.38 7.69 10.07
CA ASP D 172 -32.21 6.63 11.08
C ASP D 172 -33.16 6.93 12.23
N ASN D 173 -34.00 5.97 12.55
CA ASN D 173 -35.01 6.08 13.60
C ASN D 173 -34.85 4.88 14.54
N PHE D 174 -34.29 5.14 15.72
CA PHE D 174 -33.98 4.13 16.75
C PHE D 174 -35.20 3.96 17.67
N LEU D 175 -35.63 2.72 17.86
CA LEU D 175 -36.80 2.38 18.73
C LEU D 175 -36.35 1.42 19.81
N THR D 176 -36.87 1.62 21.02
CA THR D 176 -36.84 0.58 22.09
C THR D 176 -37.79 -0.56 21.71
N ALA D 177 -37.68 -1.69 22.40
CA ALA D 177 -38.58 -2.86 22.22
C ALA D 177 -40.03 -2.40 22.38
N GLU D 178 -40.30 -1.66 23.44
CA GLU D 178 -41.66 -1.15 23.75
C GLU D 178 -42.13 -0.24 22.61
N GLU D 179 -41.29 0.66 22.12
CA GLU D 179 -41.67 1.54 20.98
C GLU D 179 -41.92 0.70 19.72
N ALA D 180 -41.13 -0.34 19.49
CA ALA D 180 -41.33 -1.22 18.30
C ALA D 180 -42.71 -1.87 18.41
N LYS D 181 -43.13 -2.22 19.62
CA LYS D 181 -44.46 -2.83 19.85
C LYS D 181 -45.56 -1.79 19.58
N GLU D 182 -45.41 -0.58 20.09
CA GLU D 182 -46.38 0.53 19.84
C GLU D 182 -46.46 0.80 18.34
N TYR D 183 -45.34 0.68 17.63
CA TYR D 183 -45.28 0.95 16.17
C TYR D 183 -45.98 -0.17 15.39
N GLY D 184 -46.08 -1.38 15.94
CA GLY D 184 -46.65 -2.54 15.25
C GLY D 184 -45.58 -3.36 14.53
N LEU D 185 -44.29 -3.14 14.84
CA LEU D 185 -43.19 -3.97 14.24
C LEU D 185 -43.13 -5.32 14.96
N ILE D 186 -43.50 -5.35 16.23
CA ILE D 186 -43.62 -6.61 17.02
C ILE D 186 -44.98 -6.62 17.74
N ASP D 187 -45.36 -7.78 18.26
CA ASP D 187 -46.62 -7.98 18.99
C ASP D 187 -46.38 -7.87 20.50
N GLU D 188 -45.25 -8.34 21.01
CA GLU D 188 -44.99 -8.37 22.48
C GLU D 188 -43.52 -8.19 22.79
N VAL D 189 -43.25 -7.53 23.92
CA VAL D 189 -41.94 -7.59 24.62
C VAL D 189 -41.96 -8.83 25.52
N MET D 190 -41.06 -9.78 25.28
CA MET D 190 -40.87 -10.99 26.15
C MET D 190 -40.17 -10.55 27.44
N VAL D 191 -40.94 -10.37 28.51
CA VAL D 191 -40.39 -10.02 29.85
C VAL D 191 -39.88 -11.30 30.50
N PRO D 192 -38.83 -11.21 31.35
CA PRO D 192 -38.38 -12.35 32.13
C PRO D 192 -39.25 -12.59 33.37
N ILE E 4 -6.09 -24.95 20.14
CA ILE E 4 -7.19 -25.41 21.06
C ILE E 4 -7.15 -26.92 21.16
N PRO E 5 -6.86 -27.50 22.34
CA PRO E 5 -6.71 -28.95 22.48
C PRO E 5 -8.04 -29.74 22.51
N THR E 6 -7.91 -31.05 22.34
CA THR E 6 -9.01 -32.06 22.25
C THR E 6 -8.97 -33.00 23.48
N VAL E 7 -10.12 -33.49 23.96
CA VAL E 7 -10.23 -34.50 25.06
C VAL E 7 -11.26 -35.57 24.67
N TYR E 18 -14.29 -34.08 21.60
CA TYR E 18 -14.55 -32.74 22.20
C TYR E 18 -13.28 -31.87 22.12
N ASP E 19 -13.41 -30.62 21.64
CA ASP E 19 -12.44 -29.55 21.96
C ASP E 19 -12.69 -29.12 23.43
N ILE E 20 -11.75 -28.42 24.04
CA ILE E 20 -11.75 -28.19 25.51
C ILE E 20 -13.00 -27.36 25.88
N TYR E 21 -13.37 -26.40 25.04
CA TYR E 21 -14.52 -25.49 25.30
C TYR E 21 -15.82 -26.30 25.27
N SER E 22 -15.93 -27.23 24.34
CA SER E 22 -17.13 -28.11 24.22
C SER E 22 -17.24 -29.03 25.45
N ARG E 23 -16.11 -29.50 25.97
CA ARG E 23 -16.09 -30.31 27.21
C ARG E 23 -16.55 -29.45 28.39
N LEU E 24 -16.13 -28.18 28.47
CA LEU E 24 -16.59 -27.30 29.58
C LEU E 24 -18.09 -27.02 29.42
N LEU E 25 -18.57 -26.88 28.19
CA LEU E 25 -20.01 -26.60 27.94
C LEU E 25 -20.84 -27.77 28.46
N LYS E 26 -20.33 -28.99 28.32
CA LYS E 26 -21.00 -30.20 28.86
C LYS E 26 -21.18 -30.05 30.38
N ASP E 27 -20.33 -29.29 31.10
CA ASP E 27 -20.50 -29.01 32.55
C ASP E 27 -21.13 -27.64 32.79
N ARG E 28 -21.80 -27.08 31.78
CA ARG E 28 -22.62 -25.85 31.93
C ARG E 28 -21.72 -24.63 32.15
N ILE E 29 -20.50 -24.68 31.61
CA ILE E 29 -19.51 -23.56 31.66
C ILE E 29 -19.44 -22.95 30.26
N ILE E 30 -19.74 -21.66 30.18
CA ILE E 30 -19.66 -20.85 28.94
C ILE E 30 -18.51 -19.88 29.07
N MET E 31 -17.68 -19.79 28.03
CA MET E 31 -16.52 -18.86 28.01
C MET E 31 -16.88 -17.61 27.19
N LEU E 32 -16.80 -16.45 27.83
CA LEU E 32 -16.76 -15.13 27.13
C LEU E 32 -15.32 -14.61 27.27
N GLY E 33 -14.48 -14.93 26.29
CA GLY E 33 -13.02 -14.82 26.39
C GLY E 33 -12.43 -13.96 25.30
N SER E 34 -13.23 -13.06 24.72
CA SER E 34 -12.79 -12.19 23.62
C SER E 34 -13.61 -10.91 23.64
N GLN E 35 -13.28 -10.02 22.71
CA GLN E 35 -14.07 -8.84 22.36
C GLN E 35 -15.51 -9.28 22.06
N ILE E 36 -16.48 -8.50 22.52
CA ILE E 36 -17.91 -8.80 22.28
C ILE E 36 -18.33 -8.23 20.92
N ASP E 37 -18.58 -9.10 19.95
CA ASP E 37 -19.23 -8.70 18.70
C ASP E 37 -20.45 -9.60 18.52
N ASP E 38 -21.16 -9.42 17.41
CA ASP E 38 -22.42 -10.16 17.13
C ASP E 38 -22.14 -11.65 17.09
N ASN E 39 -21.02 -12.09 16.51
CA ASN E 39 -20.69 -13.54 16.38
C ASN E 39 -20.51 -14.14 17.77
N VAL E 40 -19.73 -13.48 18.62
CA VAL E 40 -19.49 -13.96 20.01
C VAL E 40 -20.83 -13.98 20.76
N ALA E 41 -21.63 -12.92 20.66
CA ALA E 41 -22.93 -12.82 21.36
C ALA E 41 -23.85 -13.94 20.90
N ASN E 42 -23.91 -14.19 19.58
CA ASN E 42 -24.82 -15.22 19.02
C ASN E 42 -24.40 -16.60 19.51
N SER E 43 -23.09 -16.86 19.60
CA SER E 43 -22.57 -18.12 20.18
C SER E 43 -23.01 -18.23 21.64
N ILE E 44 -22.84 -17.17 22.43
CA ILE E 44 -23.15 -17.21 23.89
C ILE E 44 -24.67 -17.41 24.06
N VAL E 45 -25.48 -16.67 23.29
CA VAL E 45 -26.96 -16.79 23.36
C VAL E 45 -27.36 -18.24 23.07
N SER E 46 -26.81 -18.83 22.01
CA SER E 46 -27.12 -20.22 21.62
C SER E 46 -26.77 -21.18 22.76
N GLN E 47 -25.62 -20.97 23.39
CA GLN E 47 -25.14 -21.85 24.48
C GLN E 47 -26.11 -21.72 25.68
N LEU E 48 -26.53 -20.50 26.02
CA LEU E 48 -27.47 -20.28 27.14
C LEU E 48 -28.79 -21.01 26.85
N LEU E 49 -29.32 -20.86 25.63
CA LEU E 49 -30.61 -21.50 25.26
C LEU E 49 -30.47 -23.02 25.32
N PHE E 50 -29.38 -23.55 24.79
CA PHE E 50 -29.12 -25.01 24.78
C PHE E 50 -29.06 -25.50 26.23
N LEU E 51 -28.32 -24.81 27.10
CA LEU E 51 -28.14 -25.28 28.49
C LEU E 51 -29.49 -25.23 29.24
N GLN E 52 -30.31 -24.22 28.99
CA GLN E 52 -31.66 -24.15 29.61
C GLN E 52 -32.48 -25.36 29.17
N ALA E 53 -32.43 -25.74 27.89
CA ALA E 53 -33.20 -26.88 27.33
C ALA E 53 -32.71 -28.19 27.97
N GLN E 54 -31.40 -28.35 28.21
CA GLN E 54 -30.83 -29.56 28.84
C GLN E 54 -31.33 -29.67 30.28
N ASP E 55 -31.39 -28.55 31.00
CA ASP E 55 -31.74 -28.54 32.44
C ASP E 55 -32.09 -27.12 32.84
N SER E 56 -33.36 -26.90 33.14
CA SER E 56 -33.92 -25.56 33.43
C SER E 56 -33.61 -25.16 34.88
N GLU E 57 -33.01 -26.03 35.70
CA GLU E 57 -32.84 -25.76 37.15
C GLU E 57 -31.38 -25.57 37.53
N LYS E 58 -30.44 -26.28 36.91
CA LYS E 58 -29.03 -26.23 37.36
C LYS E 58 -28.37 -24.91 36.90
N ASP E 59 -27.53 -24.37 37.77
CA ASP E 59 -26.72 -23.16 37.50
C ASP E 59 -25.95 -23.32 36.20
N ILE E 60 -25.74 -22.18 35.54
CA ILE E 60 -24.79 -22.00 34.41
C ILE E 60 -23.64 -21.14 34.93
N TYR E 61 -22.44 -21.38 34.44
CA TYR E 61 -21.21 -20.63 34.81
C TYR E 61 -20.70 -19.86 33.60
N LEU E 62 -20.86 -18.54 33.63
CA LEU E 62 -20.33 -17.63 32.58
C LEU E 62 -19.01 -17.04 33.07
N TRP E 63 -17.93 -17.50 32.46
CA TRP E 63 -16.57 -17.03 32.79
C TRP E 63 -16.19 -15.90 31.81
N ILE E 64 -15.71 -14.80 32.34
CA ILE E 64 -15.55 -13.52 31.58
C ILE E 64 -14.09 -13.10 31.65
N ASN E 65 -13.47 -13.06 30.48
CA ASN E 65 -12.19 -12.37 30.24
C ASN E 65 -12.34 -11.60 28.93
N SER E 66 -12.77 -10.35 29.00
CA SER E 66 -13.24 -9.57 27.83
C SER E 66 -12.92 -8.10 28.02
N PRO E 67 -12.38 -7.42 26.99
CA PRO E 67 -12.23 -5.95 27.01
C PRO E 67 -13.52 -5.21 26.65
N GLY E 68 -14.64 -5.90 26.43
CA GLY E 68 -15.90 -5.27 26.03
C GLY E 68 -16.11 -5.36 24.53
N GLY E 69 -16.82 -4.41 23.95
CA GLY E 69 -17.20 -4.42 22.53
C GLY E 69 -18.60 -3.88 22.33
N SER E 70 -19.33 -4.42 21.39
CA SER E 70 -20.63 -3.88 20.93
C SER E 70 -21.64 -3.88 22.08
N VAL E 71 -22.28 -2.74 22.31
CA VAL E 71 -23.32 -2.62 23.36
C VAL E 71 -24.54 -3.48 22.99
N THR E 72 -24.98 -3.47 21.73
CA THR E 72 -26.18 -4.25 21.32
C THR E 72 -25.87 -5.74 21.45
N ALA E 73 -24.65 -6.17 21.07
CA ALA E 73 -24.24 -7.58 21.24
C ALA E 73 -24.24 -7.94 22.72
N GLY E 74 -23.70 -7.07 23.57
CA GLY E 74 -23.73 -7.24 25.03
C GLY E 74 -25.16 -7.40 25.54
N PHE E 75 -26.09 -6.61 25.01
CA PHE E 75 -27.51 -6.66 25.44
C PHE E 75 -28.19 -7.93 24.93
N ALA E 76 -27.75 -8.51 23.81
CA ALA E 76 -28.24 -9.83 23.38
C ALA E 76 -27.93 -10.84 24.48
N ILE E 77 -26.71 -10.78 25.01
CA ILE E 77 -26.27 -11.71 26.08
C ILE E 77 -27.04 -11.39 27.35
N TYR E 78 -27.07 -10.12 27.75
CA TYR E 78 -27.74 -9.66 28.99
C TYR E 78 -29.19 -10.16 29.01
N ASP E 79 -29.97 -9.87 27.97
CA ASP E 79 -31.41 -10.21 27.96
C ASP E 79 -31.58 -11.73 27.95
N THR E 80 -30.68 -12.46 27.29
CA THR E 80 -30.81 -13.93 27.24
C THR E 80 -30.56 -14.48 28.65
N ILE E 81 -29.56 -13.94 29.36
CA ILE E 81 -29.31 -14.34 30.77
C ILE E 81 -30.60 -14.11 31.58
N GLN E 82 -31.20 -12.92 31.52
CA GLN E 82 -32.35 -12.62 32.40
C GLN E 82 -33.56 -13.46 31.95
N HIS E 83 -33.63 -13.84 30.68
CA HIS E 83 -34.80 -14.56 30.12
C HIS E 83 -34.87 -15.99 30.65
N ILE E 84 -33.73 -16.69 30.69
CA ILE E 84 -33.74 -18.16 30.98
C ILE E 84 -33.95 -18.38 32.47
N LYS E 85 -34.38 -19.59 32.82
CA LYS E 85 -34.76 -19.95 34.20
C LYS E 85 -33.53 -20.19 35.07
N PRO E 86 -32.48 -20.93 34.62
CA PRO E 86 -31.32 -21.15 35.46
C PRO E 86 -30.65 -19.83 35.90
N ASP E 87 -30.14 -19.81 37.12
CA ASP E 87 -29.18 -18.77 37.55
C ASP E 87 -27.94 -18.87 36.66
N VAL E 88 -27.41 -17.72 36.23
CA VAL E 88 -26.13 -17.64 35.51
C VAL E 88 -25.13 -16.99 36.46
N GLN E 89 -24.19 -17.78 36.98
CA GLN E 89 -23.07 -17.24 37.76
C GLN E 89 -22.14 -16.51 36.79
N THR E 90 -21.50 -15.45 37.25
CA THR E 90 -20.43 -14.77 36.47
C THR E 90 -19.15 -14.83 37.27
N ILE E 91 -18.05 -15.13 36.58
CA ILE E 91 -16.70 -15.20 37.19
C ILE E 91 -15.74 -14.41 36.30
N CYS E 92 -15.17 -13.34 36.83
CA CYS E 92 -14.17 -12.54 36.10
C CYS E 92 -12.78 -13.12 36.34
N ILE E 93 -12.12 -13.51 35.27
CA ILE E 93 -10.73 -14.06 35.26
C ILE E 93 -9.93 -13.22 34.26
N GLY E 94 -8.89 -12.53 34.73
CA GLY E 94 -8.09 -11.63 33.89
C GLY E 94 -8.68 -10.24 33.88
N MET E 95 -9.66 -9.97 33.02
CA MET E 95 -10.22 -8.59 32.87
C MET E 95 -11.69 -8.65 32.44
N ALA E 96 -12.51 -7.78 33.00
CA ALA E 96 -13.85 -7.46 32.50
C ALA E 96 -13.91 -5.94 32.36
N ALA E 97 -13.80 -5.44 31.13
CA ALA E 97 -13.83 -3.99 30.85
C ALA E 97 -15.09 -3.64 30.07
N SER E 98 -15.65 -2.48 30.34
CA SER E 98 -16.75 -1.88 29.54
C SER E 98 -17.94 -2.84 29.53
N MET E 99 -18.45 -3.25 28.36
CA MET E 99 -19.61 -4.18 28.30
C MET E 99 -19.27 -5.49 29.02
N GLY E 100 -17.98 -5.87 29.07
CA GLY E 100 -17.54 -7.04 29.84
C GLY E 100 -17.89 -6.89 31.31
N SER E 101 -17.63 -5.73 31.90
CA SER E 101 -17.94 -5.50 33.33
C SER E 101 -19.46 -5.38 33.52
N PHE E 102 -20.17 -4.85 32.53
CA PHE E 102 -21.64 -4.78 32.57
C PHE E 102 -22.20 -6.21 32.70
N LEU E 103 -21.70 -7.14 31.90
CA LEU E 103 -22.20 -8.54 31.91
C LEU E 103 -21.76 -9.25 33.20
N LEU E 104 -20.59 -8.93 33.73
CA LEU E 104 -20.13 -9.45 35.05
C LEU E 104 -21.17 -9.08 36.12
N ALA E 105 -21.60 -7.81 36.13
CA ALA E 105 -22.60 -7.29 37.09
C ALA E 105 -23.99 -7.90 36.85
N ALA E 106 -24.22 -8.55 35.71
CA ALA E 106 -25.56 -9.04 35.30
C ALA E 106 -25.80 -10.47 35.77
N GLY E 107 -24.81 -11.12 36.39
CA GLY E 107 -24.94 -12.50 36.88
C GLY E 107 -25.97 -12.58 38.00
N ALA E 108 -26.44 -13.78 38.32
CA ALA E 108 -27.44 -14.00 39.40
C ALA E 108 -26.92 -13.39 40.70
N LYS E 109 -27.82 -12.71 41.42
CA LYS E 109 -27.54 -12.04 42.71
C LYS E 109 -26.93 -13.07 43.69
N GLY E 110 -25.80 -12.72 44.28
CA GLY E 110 -25.04 -13.61 45.17
C GLY E 110 -24.09 -14.53 44.43
N LYS E 111 -24.11 -14.57 43.09
CA LYS E 111 -23.25 -15.52 42.33
C LYS E 111 -22.41 -14.79 41.27
N ARG E 112 -21.97 -13.57 41.58
CA ARG E 112 -21.07 -12.78 40.73
C ARG E 112 -19.71 -12.74 41.45
N PHE E 113 -18.67 -13.23 40.79
CA PHE E 113 -17.34 -13.43 41.41
C PHE E 113 -16.24 -12.80 40.54
N ALA E 114 -15.11 -12.51 41.16
CA ALA E 114 -13.84 -12.27 40.47
C ALA E 114 -12.73 -13.00 41.22
N LEU E 115 -11.74 -13.51 40.50
CA LEU E 115 -10.53 -14.03 41.15
C LEU E 115 -9.69 -12.82 41.59
N PRO E 116 -8.81 -13.00 42.59
CA PRO E 116 -8.24 -11.87 43.34
C PRO E 116 -7.47 -10.84 42.50
N ASN E 117 -6.83 -11.27 41.41
CA ASN E 117 -5.97 -10.37 40.60
C ASN E 117 -6.70 -9.92 39.33
N ALA E 118 -7.97 -10.30 39.17
CA ALA E 118 -8.77 -9.88 38.01
C ALA E 118 -8.98 -8.36 38.06
N GLU E 119 -9.05 -7.74 36.90
CA GLU E 119 -9.27 -6.27 36.77
C GLU E 119 -10.70 -6.06 36.26
N VAL E 120 -11.34 -5.04 36.78
CA VAL E 120 -12.67 -4.60 36.28
C VAL E 120 -12.50 -3.15 35.87
N MET E 121 -12.96 -2.78 34.68
CA MET E 121 -12.93 -1.36 34.27
C MET E 121 -14.32 -0.96 33.80
N ILE E 122 -14.77 0.18 34.29
CA ILE E 122 -16.06 0.79 33.87
C ILE E 122 -15.75 2.15 33.24
N HIS E 123 -16.52 2.52 32.24
CA HIS E 123 -16.38 3.80 31.49
C HIS E 123 -17.64 4.00 30.66
N GLN E 124 -17.80 5.18 30.08
CA GLN E 124 -19.00 5.49 29.26
C GLN E 124 -18.82 4.86 27.88
N PRO E 125 -19.94 4.65 27.16
CA PRO E 125 -19.91 4.06 25.82
C PRO E 125 -19.14 4.94 24.83
N LEU E 126 -18.53 4.28 23.84
CA LEU E 126 -17.78 4.92 22.74
C LEU E 126 -18.55 4.73 21.45
N GLY E 127 -18.39 5.68 20.53
CA GLY E 127 -18.95 5.55 19.19
C GLY E 127 -18.43 6.66 18.30
N GLY E 128 -19.21 6.96 17.29
CA GLY E 128 -18.82 7.88 16.23
C GLY E 128 -20.03 8.22 15.39
N ALA E 129 -19.86 9.22 14.55
CA ALA E 129 -20.93 9.83 13.74
C ALA E 129 -20.25 10.73 12.73
N GLN E 130 -20.67 10.63 11.48
CA GLN E 130 -20.16 11.45 10.38
C GLN E 130 -21.32 11.84 9.48
N GLY E 131 -21.28 13.03 8.90
CA GLY E 131 -22.29 13.49 7.94
C GLY E 131 -22.88 14.83 8.36
N GLN E 132 -24.16 15.02 8.03
CA GLN E 132 -24.89 16.27 8.23
C GLN E 132 -25.11 16.49 9.73
N ALA E 133 -25.22 17.76 10.12
CA ALA E 133 -25.56 18.17 11.50
C ALA E 133 -26.70 17.30 12.05
N THR E 134 -27.79 17.10 11.30
CA THR E 134 -28.96 16.34 11.84
C THR E 134 -28.59 14.85 12.01
N GLU E 135 -27.73 14.28 11.16
CA GLU E 135 -27.26 12.88 11.35
C GLU E 135 -26.42 12.82 12.62
N ILE E 136 -25.56 13.80 12.85
CA ILE E 136 -24.71 13.80 14.06
C ILE E 136 -25.62 13.91 15.29
N GLU E 137 -26.68 14.71 15.19
CA GLU E 137 -27.64 14.90 16.30
C GLU E 137 -28.32 13.56 16.63
N ILE E 138 -28.80 12.85 15.62
CA ILE E 138 -29.45 11.53 15.81
C ILE E 138 -28.46 10.57 16.49
N ALA E 139 -27.21 10.51 16.02
CA ALA E 139 -26.21 9.58 16.59
C ALA E 139 -25.91 9.99 18.04
N ALA E 140 -25.78 11.28 18.33
CA ALA E 140 -25.51 11.77 19.70
C ALA E 140 -26.68 11.41 20.62
N ASN E 141 -27.93 11.66 20.20
CA ASN E 141 -29.11 11.36 21.04
C ASN E 141 -29.12 9.87 21.34
N HIS E 142 -28.86 9.03 20.34
CA HIS E 142 -28.92 7.57 20.50
C HIS E 142 -27.86 7.10 21.50
N ILE E 143 -26.61 7.56 21.40
CA ILE E 143 -25.55 7.09 22.31
C ILE E 143 -25.80 7.63 23.73
N LEU E 144 -26.38 8.81 23.88
CA LEU E 144 -26.72 9.35 25.24
C LEU E 144 -27.85 8.49 25.85
N LYS E 145 -28.84 8.11 25.06
CA LYS E 145 -29.93 7.23 25.55
C LYS E 145 -29.37 5.85 25.91
N THR E 146 -28.42 5.35 25.12
CA THR E 146 -27.76 4.06 25.41
C THR E 146 -27.04 4.16 26.75
N ARG E 147 -26.33 5.27 27.00
CA ARG E 147 -25.62 5.47 28.28
C ARG E 147 -26.62 5.52 29.45
N GLU E 148 -27.75 6.23 29.29
CA GLU E 148 -28.79 6.29 30.34
C GLU E 148 -29.27 4.88 30.64
N LYS E 149 -29.50 4.07 29.60
CA LYS E 149 -29.99 2.69 29.75
C LYS E 149 -28.96 1.84 30.52
N LEU E 150 -27.69 1.89 30.12
CA LEU E 150 -26.60 1.13 30.80
C LEU E 150 -26.51 1.57 32.26
N ASN E 151 -26.53 2.86 32.51
CA ASN E 151 -26.33 3.41 33.88
C ASN E 151 -27.51 3.01 34.79
N ARG E 152 -28.73 3.05 34.27
CA ARG E 152 -29.94 2.68 35.04
C ARG E 152 -29.80 1.22 35.47
N ILE E 153 -29.47 0.33 34.54
CA ILE E 153 -29.38 -1.12 34.86
C ILE E 153 -28.22 -1.33 35.83
N LEU E 154 -27.09 -0.65 35.65
CA LEU E 154 -25.93 -0.79 36.55
C LEU E 154 -26.32 -0.33 37.96
N SER E 155 -27.11 0.75 38.05
CA SER E 155 -27.65 1.27 39.33
C SER E 155 -28.45 0.16 40.03
N GLU E 156 -29.40 -0.43 39.32
CA GLU E 156 -30.24 -1.54 39.86
C GLU E 156 -29.36 -2.69 40.32
N ARG E 157 -28.30 -3.04 39.57
CA ARG E 157 -27.54 -4.29 39.86
C ARG E 157 -26.47 -4.06 40.92
N THR E 158 -26.00 -2.82 41.10
CA THR E 158 -24.92 -2.50 42.05
C THR E 158 -25.49 -1.93 43.35
N GLY E 159 -26.66 -1.30 43.31
CA GLY E 159 -27.18 -0.52 44.44
C GLY E 159 -26.64 0.89 44.48
N GLN E 160 -25.77 1.31 43.54
CA GLN E 160 -25.27 2.71 43.51
C GLN E 160 -26.32 3.59 42.83
N SER E 161 -26.35 4.87 43.17
CA SER E 161 -27.24 5.83 42.48
C SER E 161 -26.78 6.03 41.04
N ILE E 162 -27.73 6.41 40.18
CA ILE E 162 -27.48 6.79 38.77
C ILE E 162 -26.44 7.91 38.73
N GLU E 163 -26.52 8.88 39.65
CA GLU E 163 -25.61 10.06 39.66
C GLU E 163 -24.19 9.59 39.95
N LYS E 164 -24.03 8.63 40.86
CA LYS E 164 -22.67 8.14 41.21
C LYS E 164 -22.11 7.37 40.00
N ILE E 165 -22.92 6.54 39.36
CA ILE E 165 -22.46 5.71 38.20
C ILE E 165 -22.03 6.65 37.07
N GLN E 166 -22.80 7.69 36.81
CA GLN E 166 -22.49 8.71 35.77
C GLN E 166 -21.11 9.31 36.06
N LYS E 167 -20.88 9.80 37.27
CA LYS E 167 -19.61 10.44 37.66
C LYS E 167 -18.46 9.42 37.54
N ASP E 168 -18.67 8.19 38.00
CA ASP E 168 -17.61 7.17 38.12
C ASP E 168 -17.27 6.56 36.74
N THR E 169 -18.12 6.77 35.72
CA THR E 169 -17.89 6.22 34.37
C THR E 169 -17.49 7.33 33.40
N ASP E 170 -17.33 8.54 33.89
CA ASP E 170 -17.02 9.70 33.02
C ASP E 170 -15.71 9.41 32.26
N ARG E 171 -14.73 8.84 32.96
CA ARG E 171 -13.45 8.39 32.39
C ARG E 171 -13.21 6.94 32.76
N ASP E 172 -12.23 6.31 32.12
CA ASP E 172 -11.77 4.94 32.44
C ASP E 172 -11.53 4.87 33.95
N ASN E 173 -12.20 3.92 34.58
CA ASN E 173 -12.15 3.73 36.04
C ASN E 173 -11.80 2.26 36.30
N PHE E 174 -10.56 2.03 36.71
CA PHE E 174 -9.98 0.69 36.92
C PHE E 174 -10.23 0.29 38.38
N LEU E 175 -10.80 -0.89 38.59
CA LEU E 175 -11.08 -1.41 39.95
C LEU E 175 -10.36 -2.74 40.13
N THR E 176 -9.82 -2.95 41.33
CA THR E 176 -9.41 -4.29 41.80
C THR E 176 -10.66 -5.14 42.05
N ALA E 177 -10.48 -6.46 42.17
CA ALA E 177 -11.58 -7.40 42.48
C ALA E 177 -12.29 -6.93 43.75
N GLU E 178 -11.51 -6.61 44.79
CA GLU E 178 -12.03 -6.17 46.11
C GLU E 178 -12.83 -4.87 45.91
N GLU E 179 -12.32 -3.91 45.15
CA GLU E 179 -13.05 -2.64 44.89
C GLU E 179 -14.34 -2.93 44.11
N ALA E 180 -14.31 -3.87 43.15
CA ALA E 180 -15.51 -4.22 42.37
C ALA E 180 -16.57 -4.75 43.34
N LYS E 181 -16.14 -5.51 44.35
CA LYS E 181 -17.09 -6.07 45.35
C LYS E 181 -17.67 -4.95 46.21
N GLU E 182 -16.83 -4.02 46.67
CA GLU E 182 -17.29 -2.85 47.47
C GLU E 182 -18.28 -2.03 46.64
N TYR E 183 -18.05 -1.93 45.32
CA TYR E 183 -18.89 -1.14 44.40
C TYR E 183 -20.24 -1.84 44.18
N GLY E 184 -20.32 -3.17 44.35
CA GLY E 184 -21.54 -3.93 44.08
C GLY E 184 -21.56 -4.50 42.67
N LEU E 185 -20.43 -4.49 41.94
CA LEU E 185 -20.37 -5.11 40.59
C LEU E 185 -20.28 -6.64 40.72
N ILE E 186 -19.68 -7.12 41.80
CA ILE E 186 -19.64 -8.57 42.13
C ILE E 186 -20.06 -8.74 43.60
N ASP E 187 -20.34 -9.98 43.99
CA ASP E 187 -20.75 -10.33 45.37
C ASP E 187 -19.56 -10.80 46.19
N GLU E 188 -18.58 -11.49 45.58
CA GLU E 188 -17.45 -12.07 46.34
C GLU E 188 -16.20 -12.12 45.47
N VAL E 189 -15.04 -11.96 46.12
CA VAL E 189 -13.72 -12.38 45.60
C VAL E 189 -13.55 -13.87 45.94
N MET E 190 -13.41 -14.73 44.92
CA MET E 190 -13.09 -16.16 45.13
C MET E 190 -11.61 -16.29 45.54
N VAL E 191 -11.35 -16.44 46.82
CA VAL E 191 -9.96 -16.62 47.35
C VAL E 191 -9.59 -18.09 47.18
N PRO E 192 -8.29 -18.41 46.97
CA PRO E 192 -7.81 -19.78 47.02
C PRO E 192 -7.64 -20.27 48.47
N ILE F 4 1.73 -29.66 12.69
CA ILE F 4 1.47 -30.15 14.10
C ILE F 4 0.98 -31.60 14.07
N PRO F 5 1.81 -32.57 14.50
CA PRO F 5 1.55 -33.98 14.19
C PRO F 5 0.49 -34.64 15.09
N THR F 6 0.03 -35.82 14.66
CA THR F 6 -1.08 -36.64 15.24
C THR F 6 -0.52 -37.96 15.82
N VAL F 7 -1.14 -38.53 16.86
CA VAL F 7 -0.79 -39.87 17.44
C VAL F 7 -2.08 -40.68 17.70
N TYR F 18 -5.63 -37.94 18.39
CA TYR F 18 -4.99 -36.87 19.19
C TYR F 18 -3.92 -36.14 18.36
N ASP F 19 -3.91 -34.81 18.37
CA ASP F 19 -2.69 -34.01 18.06
C ASP F 19 -1.72 -34.14 19.24
N ILE F 20 -0.46 -33.77 19.07
CA ILE F 20 0.60 -34.10 20.06
C ILE F 20 0.31 -33.36 21.38
N TYR F 21 -0.20 -32.13 21.30
CA TYR F 21 -0.48 -31.29 22.49
C TYR F 21 -1.63 -31.93 23.29
N SER F 22 -2.64 -32.44 22.60
CA SER F 22 -3.80 -33.10 23.25
C SER F 22 -3.34 -34.39 23.94
N ARG F 23 -2.40 -35.12 23.34
CA ARG F 23 -1.83 -36.34 23.96
C ARG F 23 -1.05 -35.95 25.22
N LEU F 24 -0.30 -34.85 25.20
CA LEU F 24 0.43 -34.42 26.42
C LEU F 24 -0.56 -33.98 27.49
N LEU F 25 -1.66 -33.34 27.09
CA LEU F 25 -2.69 -32.86 28.05
C LEU F 25 -3.28 -34.08 28.78
N LYS F 26 -3.43 -35.19 28.09
CA LYS F 26 -3.92 -36.44 28.71
C LYS F 26 -2.97 -36.87 29.84
N ASP F 27 -1.67 -36.51 29.80
CA ASP F 27 -0.72 -36.79 30.90
C ASP F 27 -0.51 -35.55 31.79
N ARG F 28 -1.46 -34.60 31.77
CA ARG F 28 -1.50 -33.46 32.70
C ARG F 28 -0.34 -32.48 32.39
N ILE F 29 0.10 -32.43 31.13
CA ILE F 29 1.13 -31.48 30.64
C ILE F 29 0.45 -30.42 29.80
N ILE F 30 0.59 -29.18 30.20
CA ILE F 30 0.05 -27.98 29.49
C ILE F 30 1.24 -27.21 28.90
N MET F 31 1.13 -26.86 27.62
CA MET F 31 2.17 -26.08 26.93
C MET F 31 1.78 -24.60 26.87
N LEU F 32 2.62 -23.74 27.44
CA LEU F 32 2.61 -22.28 27.18
C LEU F 32 3.82 -21.96 26.32
N GLY F 33 3.64 -21.99 24.99
CA GLY F 33 4.72 -22.02 24.00
C GLY F 33 4.62 -20.87 23.03
N SER F 34 3.96 -19.78 23.41
CA SER F 34 3.74 -18.62 22.53
C SER F 34 3.59 -17.36 23.38
N GLN F 35 3.45 -16.23 22.69
CA GLN F 35 3.04 -14.95 23.29
C GLN F 35 1.74 -15.17 24.07
N ILE F 36 1.62 -14.54 25.22
CA ILE F 36 0.40 -14.62 26.07
C ILE F 36 -0.61 -13.58 25.61
N ASP F 37 -1.68 -14.03 25.00
CA ASP F 37 -2.84 -13.16 24.68
C ASP F 37 -4.07 -13.83 25.30
N ASP F 38 -5.23 -13.21 25.12
CA ASP F 38 -6.49 -13.68 25.73
C ASP F 38 -6.81 -15.10 25.25
N ASN F 39 -6.57 -15.42 23.97
CA ASN F 39 -6.88 -16.74 23.40
C ASN F 39 -6.03 -17.80 24.08
N VAL F 40 -4.72 -17.56 24.18
CA VAL F 40 -3.78 -18.50 24.84
C VAL F 40 -4.20 -18.65 26.31
N ALA F 41 -4.47 -17.55 27.02
CA ALA F 41 -4.84 -17.58 28.45
C ALA F 41 -6.13 -18.40 28.63
N ASN F 42 -7.12 -18.18 27.77
CA ASN F 42 -8.43 -18.86 27.89
C ASN F 42 -8.25 -20.37 27.67
N SER F 43 -7.39 -20.73 26.72
CA SER F 43 -7.03 -22.15 26.48
C SER F 43 -6.36 -22.73 27.72
N ILE F 44 -5.39 -22.03 28.30
CA ILE F 44 -4.63 -22.56 29.49
C ILE F 44 -5.59 -22.67 30.67
N VAL F 45 -6.42 -21.65 30.92
CA VAL F 45 -7.42 -21.66 32.03
C VAL F 45 -8.31 -22.90 31.88
N SER F 46 -8.84 -23.14 30.67
CA SER F 46 -9.74 -24.28 30.39
C SER F 46 -9.02 -25.59 30.70
N GLN F 47 -7.75 -25.70 30.29
CA GLN F 47 -6.95 -26.92 30.49
C GLN F 47 -6.74 -27.15 31.99
N LEU F 48 -6.42 -26.10 32.74
CA LEU F 48 -6.21 -26.22 34.21
C LEU F 48 -7.52 -26.71 34.86
N LEU F 49 -8.66 -26.10 34.51
CA LEU F 49 -9.96 -26.47 35.12
C LEU F 49 -10.30 -27.93 34.76
N PHE F 50 -10.10 -28.31 33.51
CA PHE F 50 -10.38 -29.68 33.04
C PHE F 50 -9.51 -30.66 33.85
N LEU F 51 -8.22 -30.38 33.97
CA LEU F 51 -7.30 -31.32 34.66
C LEU F 51 -7.70 -31.45 36.15
N GLN F 52 -8.10 -30.34 36.78
CA GLN F 52 -8.54 -30.41 38.19
C GLN F 52 -9.77 -31.33 38.29
N ALA F 53 -10.72 -31.23 37.36
CA ALA F 53 -11.96 -32.05 37.35
C ALA F 53 -11.61 -33.53 37.15
N GLN F 54 -10.62 -33.85 36.32
CA GLN F 54 -10.18 -35.25 36.08
C GLN F 54 -9.55 -35.83 37.35
N ASP F 55 -8.77 -35.03 38.07
CA ASP F 55 -8.04 -35.50 39.26
C ASP F 55 -7.57 -34.27 40.05
N SER F 56 -8.15 -34.08 41.23
CA SER F 56 -7.94 -32.88 42.07
C SER F 56 -6.63 -33.01 42.85
N GLU F 57 -5.92 -34.15 42.78
CA GLU F 57 -4.76 -34.41 43.68
C GLU F 57 -3.45 -34.45 42.85
N LYS F 58 -3.47 -35.01 41.64
CA LYS F 58 -2.20 -35.22 40.89
C LYS F 58 -1.66 -33.90 40.35
N ASP F 59 -0.33 -33.78 40.37
CA ASP F 59 0.41 -32.62 39.83
C ASP F 59 0.00 -32.36 38.37
N ILE F 60 0.04 -31.09 38.00
CA ILE F 60 -0.03 -30.61 36.60
C ILE F 60 1.35 -30.06 36.25
N TYR F 61 1.75 -30.21 34.99
CA TYR F 61 3.06 -29.74 34.48
C TYR F 61 2.83 -28.63 33.44
N LEU F 62 3.16 -27.40 33.82
CA LEU F 62 3.10 -26.22 32.92
C LEU F 62 4.49 -25.95 32.38
N TRP F 63 4.68 -26.27 31.11
CA TRP F 63 5.96 -26.03 30.40
C TRP F 63 5.89 -24.68 29.68
N ILE F 64 6.91 -23.87 29.88
CA ILE F 64 6.90 -22.43 29.49
C ILE F 64 8.05 -22.15 28.55
N ASN F 65 7.70 -21.76 27.34
CA ASN F 65 8.61 -21.12 26.37
C ASN F 65 7.86 -19.94 25.76
N SER F 66 7.98 -18.76 26.36
CA SER F 66 7.12 -17.60 26.07
C SER F 66 7.89 -16.31 26.23
N PRO F 67 7.75 -15.36 25.28
CA PRO F 67 8.30 -14.01 25.44
C PRO F 67 7.42 -13.09 26.30
N GLY F 68 6.32 -13.60 26.85
CA GLY F 68 5.39 -12.78 27.66
C GLY F 68 4.19 -12.33 26.84
N GLY F 69 3.59 -11.21 27.21
CA GLY F 69 2.39 -10.68 26.53
C GLY F 69 1.49 -9.97 27.49
N SER F 70 0.18 -10.10 27.31
CA SER F 70 -0.83 -9.32 28.07
C SER F 70 -0.72 -9.63 29.57
N VAL F 71 -0.65 -8.60 30.38
CA VAL F 71 -0.59 -8.75 31.86
C VAL F 71 -1.93 -9.34 32.36
N THR F 72 -3.07 -8.85 31.87
CA THR F 72 -4.40 -9.34 32.35
C THR F 72 -4.56 -10.80 31.93
N ALA F 73 -4.15 -11.16 30.71
CA ALA F 73 -4.19 -12.57 30.26
C ALA F 73 -3.30 -13.42 31.17
N GLY F 74 -2.10 -12.95 31.48
CA GLY F 74 -1.19 -13.62 32.42
C GLY F 74 -1.85 -13.83 33.77
N PHE F 75 -2.59 -12.82 34.26
CA PHE F 75 -3.26 -12.92 35.58
C PHE F 75 -4.45 -13.88 35.52
N ALA F 76 -5.10 -14.06 34.37
CA ALA F 76 -6.13 -15.12 34.22
C ALA F 76 -5.47 -16.46 34.52
N ILE F 77 -4.28 -16.69 33.96
CA ILE F 77 -3.55 -17.96 34.16
C ILE F 77 -3.10 -18.04 35.62
N TYR F 78 -2.46 -16.99 36.13
CA TYR F 78 -1.93 -16.94 37.50
C TYR F 78 -3.03 -17.31 38.50
N ASP F 79 -4.17 -16.62 38.45
CA ASP F 79 -5.24 -16.81 39.46
C ASP F 79 -5.82 -18.22 39.30
N THR F 80 -5.90 -18.74 38.09
CA THR F 80 -6.48 -20.09 37.88
C THR F 80 -5.52 -21.12 38.50
N ILE F 81 -4.22 -20.94 38.32
CA ILE F 81 -3.21 -21.81 38.98
C ILE F 81 -3.45 -21.79 40.49
N GLN F 82 -3.53 -20.61 41.10
CA GLN F 82 -3.61 -20.54 42.59
C GLN F 82 -4.97 -21.09 43.03
N HIS F 83 -6.00 -20.99 42.19
CA HIS F 83 -7.39 -21.37 42.56
C HIS F 83 -7.51 -22.90 42.69
N ILE F 84 -6.94 -23.66 41.75
CA ILE F 84 -7.21 -25.11 41.67
C ILE F 84 -6.40 -25.82 42.76
N LYS F 85 -6.82 -27.05 43.08
CA LYS F 85 -6.24 -27.83 44.21
C LYS F 85 -4.91 -28.46 43.81
N PRO F 86 -4.75 -29.06 42.61
CA PRO F 86 -3.46 -29.65 42.25
C PRO F 86 -2.31 -28.62 42.27
N ASP F 87 -1.15 -29.06 42.71
CA ASP F 87 0.11 -28.32 42.46
C ASP F 87 0.33 -28.21 40.96
N VAL F 88 0.75 -27.03 40.51
CA VAL F 88 1.16 -26.81 39.10
C VAL F 88 2.67 -26.61 39.10
N GLN F 89 3.40 -27.60 38.61
CA GLN F 89 4.85 -27.46 38.38
C GLN F 89 5.06 -26.54 37.20
N THR F 90 6.13 -25.75 37.21
CA THR F 90 6.52 -24.93 36.05
C THR F 90 7.92 -25.33 35.61
N ILE F 91 8.09 -25.46 34.30
CA ILE F 91 9.39 -25.85 33.69
C ILE F 91 9.67 -24.87 32.55
N CYS F 92 10.75 -24.09 32.68
CA CYS F 92 11.17 -23.16 31.62
C CYS F 92 12.11 -23.89 30.66
N ILE F 93 11.71 -23.91 29.38
CA ILE F 93 12.47 -24.53 28.26
C ILE F 93 12.60 -23.43 27.19
N GLY F 94 13.82 -23.05 26.83
CA GLY F 94 14.08 -21.97 25.87
C GLY F 94 14.10 -20.62 26.53
N MET F 95 12.94 -19.99 26.73
CA MET F 95 12.88 -18.62 27.32
C MET F 95 11.57 -18.43 28.08
N ALA F 96 11.65 -17.76 29.22
CA ALA F 96 10.49 -17.19 29.94
C ALA F 96 10.81 -15.72 30.16
N ALA F 97 10.20 -14.84 29.39
CA ALA F 97 10.43 -13.38 29.49
C ALA F 97 9.15 -12.70 29.96
N SER F 98 9.29 -11.66 30.77
CA SER F 98 8.21 -10.73 31.16
C SER F 98 7.10 -11.54 31.85
N MET F 99 5.85 -11.48 31.40
CA MET F 99 4.74 -12.25 32.03
C MET F 99 5.07 -13.75 32.02
N GLY F 100 5.85 -14.21 31.05
CA GLY F 100 6.31 -15.60 31.01
C GLY F 100 7.11 -15.95 32.24
N SER F 101 8.04 -15.10 32.65
CA SER F 101 8.88 -15.35 33.85
C SER F 101 8.01 -15.18 35.11
N PHE F 102 7.01 -14.30 35.08
CA PHE F 102 6.07 -14.14 36.21
C PHE F 102 5.36 -15.49 36.44
N LEU F 103 4.87 -16.12 35.38
CA LEU F 103 4.12 -17.39 35.49
C LEU F 103 5.08 -18.52 35.89
N LEU F 104 6.33 -18.50 35.42
CA LEU F 104 7.35 -19.49 35.85
C LEU F 104 7.49 -19.41 37.39
N ALA F 105 7.59 -18.21 37.94
CA ALA F 105 7.74 -17.98 39.39
C ALA F 105 6.46 -18.35 40.15
N ALA F 106 5.33 -18.55 39.46
CA ALA F 106 4.01 -18.78 40.09
C ALA F 106 3.74 -20.27 40.32
N GLY F 107 4.63 -21.15 39.88
CA GLY F 107 4.47 -22.60 40.06
C GLY F 107 4.50 -22.99 41.53
N ALA F 108 4.06 -24.19 41.87
CA ALA F 108 4.04 -24.69 43.26
C ALA F 108 5.45 -24.60 43.85
N LYS F 109 5.54 -24.15 45.09
CA LYS F 109 6.80 -24.02 45.87
C LYS F 109 7.54 -25.35 45.85
N GLY F 110 8.82 -25.32 45.46
CA GLY F 110 9.66 -26.51 45.31
C GLY F 110 9.51 -27.18 43.96
N LYS F 111 8.58 -26.75 43.09
CA LYS F 111 8.35 -27.45 41.80
C LYS F 111 8.43 -26.45 40.63
N ARG F 112 9.30 -25.46 40.74
CA ARG F 112 9.59 -24.49 39.65
C ARG F 112 10.98 -24.80 39.14
N PHE F 113 11.09 -25.12 37.85
CA PHE F 113 12.35 -25.61 37.24
C PHE F 113 12.70 -24.81 35.98
N ALA F 114 13.97 -24.85 35.62
CA ALA F 114 14.42 -24.47 34.27
C ALA F 114 15.46 -25.49 33.81
N LEU F 115 15.48 -25.77 32.52
CA LEU F 115 16.58 -26.56 31.93
C LEU F 115 17.81 -25.68 31.86
N PRO F 116 19.02 -26.28 31.84
CA PRO F 116 20.26 -25.54 32.11
C PRO F 116 20.54 -24.33 31.21
N ASN F 117 20.11 -24.40 29.94
CA ASN F 117 20.42 -23.32 28.96
C ASN F 117 19.22 -22.40 28.75
N ALA F 118 18.14 -22.61 29.49
CA ALA F 118 16.92 -21.78 29.36
C ALA F 118 17.23 -20.38 29.89
N GLU F 119 16.61 -19.37 29.29
CA GLU F 119 16.79 -17.95 29.66
C GLU F 119 15.55 -17.45 30.37
N VAL F 120 15.77 -16.64 31.37
CA VAL F 120 14.67 -15.94 32.10
C VAL F 120 14.95 -14.45 31.98
N MET F 121 13.96 -13.67 31.60
CA MET F 121 14.14 -12.19 31.54
C MET F 121 13.00 -11.54 32.29
N ILE F 122 13.38 -10.61 33.15
CA ILE F 122 12.41 -9.79 33.93
C ILE F 122 12.59 -8.33 33.52
N HIS F 123 11.49 -7.59 33.48
CA HIS F 123 11.48 -6.16 33.12
C HIS F 123 10.13 -5.57 33.53
N GLN F 124 10.00 -4.26 33.48
CA GLN F 124 8.74 -3.60 33.88
C GLN F 124 7.72 -3.72 32.75
N PRO F 125 6.42 -3.59 33.08
CA PRO F 125 5.36 -3.65 32.08
C PRO F 125 5.47 -2.49 31.07
N LEU F 126 5.00 -2.77 29.84
CA LEU F 126 4.97 -1.85 28.71
C LEU F 126 3.53 -1.46 28.42
N GLY F 127 3.34 -0.25 27.91
CA GLY F 127 2.01 0.17 27.45
C GLY F 127 2.10 1.46 26.68
N GLY F 128 0.97 2.12 26.57
CA GLY F 128 0.87 3.40 25.87
C GLY F 128 -0.32 4.17 26.35
N ALA F 129 -0.35 5.44 26.01
CA ALA F 129 -1.44 6.36 26.34
C ALA F 129 -1.35 7.53 25.37
N GLN F 130 -2.49 7.89 24.83
CA GLN F 130 -2.67 9.05 23.94
C GLN F 130 -3.99 9.72 24.32
N GLY F 131 -4.08 11.03 24.13
CA GLY F 131 -5.30 11.82 24.38
C GLY F 131 -5.01 12.99 25.30
N GLN F 132 -6.02 13.39 26.05
CA GLN F 132 -5.95 14.55 26.98
C GLN F 132 -5.01 14.23 28.14
N ALA F 133 -4.40 15.26 28.71
CA ALA F 133 -3.56 15.18 29.92
C ALA F 133 -4.21 14.27 30.97
N THR F 134 -5.49 14.43 31.27
CA THR F 134 -6.16 13.64 32.35
C THR F 134 -6.29 12.17 31.92
N GLU F 135 -6.47 11.88 30.62
CA GLU F 135 -6.49 10.47 30.14
C GLU F 135 -5.09 9.89 30.30
N ILE F 136 -4.06 10.65 29.98
CA ILE F 136 -2.67 10.14 30.10
C ILE F 136 -2.40 9.87 31.59
N GLU F 137 -2.89 10.72 32.47
CA GLU F 137 -2.70 10.57 33.93
C GLU F 137 -3.36 9.27 34.39
N ILE F 138 -4.59 9.02 33.97
CA ILE F 138 -5.31 7.76 34.34
C ILE F 138 -4.52 6.55 33.83
N ALA F 139 -4.03 6.58 32.59
CA ALA F 139 -3.28 5.45 32.02
C ALA F 139 -1.96 5.24 32.79
N ALA F 140 -1.27 6.33 33.15
CA ALA F 140 -0.01 6.25 33.92
C ALA F 140 -0.30 5.65 35.30
N ASN F 141 -1.32 6.13 36.00
CA ASN F 141 -1.65 5.62 37.36
C ASN F 141 -1.96 4.13 37.26
N HIS F 142 -2.71 3.72 36.26
CA HIS F 142 -3.12 2.30 36.09
C HIS F 142 -1.89 1.42 35.86
N ILE F 143 -0.96 1.80 34.97
CA ILE F 143 0.20 0.93 34.66
C ILE F 143 1.15 0.93 35.87
N LEU F 144 1.26 2.03 36.64
CA LEU F 144 2.09 2.02 37.88
C LEU F 144 1.47 1.10 38.93
N LYS F 145 0.15 1.10 39.08
CA LYS F 145 -0.53 0.19 40.02
C LYS F 145 -0.35 -1.26 39.57
N THR F 146 -0.42 -1.51 38.26
CA THR F 146 -0.22 -2.86 37.71
C THR F 146 1.20 -3.31 38.06
N ARG F 147 2.19 -2.44 37.91
CA ARG F 147 3.60 -2.78 38.20
C ARG F 147 3.74 -3.08 39.71
N GLU F 148 3.13 -2.28 40.59
CA GLU F 148 3.16 -2.52 42.06
C GLU F 148 2.56 -3.90 42.34
N LYS F 149 1.47 -4.25 41.69
CA LYS F 149 0.80 -5.56 41.89
C LYS F 149 1.74 -6.69 41.46
N LEU F 150 2.33 -6.60 40.27
CA LEU F 150 3.27 -7.63 39.77
C LEU F 150 4.45 -7.76 40.73
N ASN F 151 5.02 -6.63 41.15
CA ASN F 151 6.25 -6.61 41.98
C ASN F 151 5.95 -7.20 43.37
N ARG F 152 4.78 -6.90 43.94
CA ARG F 152 4.37 -7.43 45.26
C ARG F 152 4.31 -8.95 45.17
N ILE F 153 3.64 -9.49 44.16
CA ILE F 153 3.49 -10.95 44.03
C ILE F 153 4.88 -11.57 43.78
N LEU F 154 5.69 -10.94 42.94
CA LEU F 154 7.04 -11.47 42.64
C LEU F 154 7.89 -11.48 43.93
N SER F 155 7.74 -10.45 44.78
CA SER F 155 8.39 -10.36 46.11
C SER F 155 8.00 -11.58 46.95
N GLU F 156 6.71 -11.84 47.08
CA GLU F 156 6.19 -13.00 47.85
C GLU F 156 6.75 -14.29 47.28
N ARG F 157 6.86 -14.44 45.96
CA ARG F 157 7.20 -15.75 45.36
C ARG F 157 8.71 -15.97 45.30
N THR F 158 9.50 -14.90 45.29
CA THR F 158 10.97 -14.99 45.17
C THR F 158 11.64 -14.86 46.54
N GLY F 159 11.03 -14.17 47.49
CA GLY F 159 11.68 -13.78 48.74
C GLY F 159 12.46 -12.47 48.61
N GLN F 160 12.50 -11.84 47.43
CA GLN F 160 13.25 -10.55 47.28
C GLN F 160 12.34 -9.42 47.76
N SER F 161 12.91 -8.32 48.22
CA SER F 161 12.12 -7.13 48.61
C SER F 161 11.48 -6.50 47.36
N ILE F 162 10.38 -5.80 47.55
CA ILE F 162 9.68 -5.00 46.51
C ILE F 162 10.68 -4.02 45.90
N GLU F 163 11.53 -3.39 46.73
CA GLU F 163 12.48 -2.36 46.27
C GLU F 163 13.53 -3.01 45.37
N LYS F 164 13.97 -4.22 45.69
CA LYS F 164 15.00 -4.91 44.87
C LYS F 164 14.36 -5.29 43.52
N ILE F 165 13.13 -5.79 43.53
CA ILE F 165 12.44 -6.21 42.27
C ILE F 165 12.26 -4.97 41.38
N GLN F 166 11.85 -3.86 41.95
CA GLN F 166 11.70 -2.57 41.25
C GLN F 166 13.01 -2.20 40.53
N LYS F 167 14.12 -2.18 41.27
CA LYS F 167 15.45 -1.79 40.71
C LYS F 167 15.83 -2.80 39.62
N ASP F 168 15.63 -4.09 39.86
CA ASP F 168 16.13 -5.18 38.97
C ASP F 168 15.26 -5.29 37.70
N THR F 169 14.07 -4.69 37.69
CA THR F 169 13.15 -4.75 36.52
C THR F 169 13.08 -3.41 35.81
N ASP F 170 13.90 -2.45 36.23
CA ASP F 170 13.87 -1.09 35.65
C ASP F 170 14.15 -1.20 34.13
N ARG F 171 15.10 -2.05 33.76
CA ARG F 171 15.44 -2.37 32.35
C ARG F 171 15.44 -3.89 32.19
N ASP F 172 15.49 -4.35 30.94
CA ASP F 172 15.60 -5.77 30.58
C ASP F 172 16.74 -6.36 31.38
N ASN F 173 16.43 -7.42 32.12
CA ASN F 173 17.40 -8.10 32.99
C ASN F 173 17.36 -9.59 32.64
N PHE F 174 18.40 -10.07 31.96
CA PHE F 174 18.52 -11.44 31.45
C PHE F 174 19.21 -12.28 32.53
N LEU F 175 18.61 -13.41 32.91
CA LEU F 175 19.19 -14.35 33.88
C LEU F 175 19.40 -15.71 33.22
N THR F 176 20.50 -16.36 33.57
CA THR F 176 20.69 -17.81 33.32
C THR F 176 19.78 -18.60 34.25
N ALA F 177 19.60 -19.89 33.99
CA ALA F 177 18.79 -20.80 34.84
C ALA F 177 19.32 -20.73 36.27
N GLU F 178 20.63 -20.84 36.43
CA GLU F 178 21.30 -20.82 37.76
C GLU F 178 21.01 -19.48 38.43
N GLU F 179 21.13 -18.35 37.72
CA GLU F 179 20.84 -17.02 38.31
C GLU F 179 19.35 -16.93 38.69
N ALA F 180 18.45 -17.49 37.88
CA ALA F 180 17.00 -17.47 38.19
C ALA F 180 16.78 -18.22 39.50
N LYS F 181 17.52 -19.29 39.73
CA LYS F 181 17.40 -20.09 40.97
C LYS F 181 17.92 -19.27 42.16
N GLU F 182 19.08 -18.62 42.02
CA GLU F 182 19.64 -17.75 43.08
C GLU F 182 18.66 -16.62 43.39
N TYR F 183 17.97 -16.11 42.38
CA TYR F 183 17.00 -15.00 42.53
C TYR F 183 15.73 -15.47 43.26
N GLY F 184 15.40 -16.76 43.18
CA GLY F 184 14.16 -17.31 43.76
C GLY F 184 13.02 -17.35 42.74
N LEU F 185 13.30 -17.19 41.45
CA LEU F 185 12.26 -17.32 40.38
C LEU F 185 11.95 -18.80 40.14
N ILE F 186 12.93 -19.67 40.34
CA ILE F 186 12.76 -21.14 40.27
C ILE F 186 13.41 -21.77 41.50
N ASP F 187 13.12 -23.04 41.74
CA ASP F 187 13.66 -23.81 42.89
C ASP F 187 14.88 -24.61 42.45
N GLU F 188 14.92 -25.12 41.22
CA GLU F 188 16.01 -26.02 40.78
C GLU F 188 16.26 -25.88 39.27
N VAL F 189 17.51 -26.04 38.88
CA VAL F 189 17.93 -26.36 37.50
C VAL F 189 17.82 -27.88 37.32
N MET F 190 16.97 -28.36 36.40
CA MET F 190 16.89 -29.78 36.03
C MET F 190 18.11 -30.16 35.19
N VAL F 191 19.15 -30.74 35.80
CA VAL F 191 20.36 -31.20 35.08
C VAL F 191 20.06 -32.55 34.46
N PRO F 192 20.67 -32.89 33.29
CA PRO F 192 20.59 -34.24 32.75
C PRO F 192 21.56 -35.20 33.48
N ILE G 4 1.22 -33.01 4.33
CA ILE G 4 0.18 -32.90 3.28
C ILE G 4 -0.47 -34.26 3.03
N PRO G 5 0.27 -35.31 2.63
CA PRO G 5 -0.34 -36.62 2.37
C PRO G 5 -0.73 -37.41 3.62
N THR G 6 -1.76 -38.28 3.51
CA THR G 6 -2.36 -39.08 4.62
C THR G 6 -2.10 -40.58 4.37
N VAL G 7 -1.95 -41.40 5.41
CA VAL G 7 -1.86 -42.89 5.33
C VAL G 7 -2.75 -43.54 6.39
N TYR G 18 -3.77 -40.53 9.77
CA TYR G 18 -2.37 -40.05 10.02
C TYR G 18 -1.80 -39.32 8.81
N ASP G 19 -1.28 -38.12 9.01
CA ASP G 19 -0.41 -37.43 8.04
C ASP G 19 0.96 -38.12 8.02
N ILE G 20 1.78 -37.82 7.01
CA ILE G 20 3.03 -38.61 6.76
C ILE G 20 3.99 -38.43 7.95
N TYR G 21 4.03 -37.22 8.51
CA TYR G 21 4.93 -36.86 9.64
C TYR G 21 4.53 -37.69 10.87
N SER G 22 3.23 -37.82 11.12
CA SER G 22 2.70 -38.59 12.28
C SER G 22 3.03 -40.07 12.12
N ARG G 23 2.99 -40.59 10.89
CA ARG G 23 3.36 -42.00 10.63
C ARG G 23 4.88 -42.18 10.90
N LEU G 24 5.71 -41.22 10.53
CA LEU G 24 7.16 -41.35 10.78
C LEU G 24 7.42 -41.25 12.29
N LEU G 25 6.65 -40.41 12.98
CA LEU G 25 6.80 -40.24 14.46
C LEU G 25 6.53 -41.57 15.15
N LYS G 26 5.58 -42.34 14.63
CA LYS G 26 5.30 -43.70 15.15
C LYS G 26 6.57 -44.57 15.07
N ASP G 27 7.49 -44.32 14.15
CA ASP G 27 8.81 -45.04 14.07
C ASP G 27 9.94 -44.22 14.74
N ARG G 28 9.60 -43.25 15.58
CA ARG G 28 10.56 -42.49 16.42
C ARG G 28 11.42 -41.58 15.52
N ILE G 29 10.86 -41.14 14.39
CA ILE G 29 11.54 -40.20 13.46
C ILE G 29 10.86 -38.85 13.61
N ILE G 30 11.66 -37.84 13.94
CA ILE G 30 11.20 -36.43 14.07
C ILE G 30 11.83 -35.64 12.92
N MET G 31 11.02 -34.92 12.18
CA MET G 31 11.53 -34.16 10.98
C MET G 31 11.60 -32.68 11.34
N LEU G 32 12.77 -32.09 11.31
CA LEU G 32 13.02 -30.63 11.48
C LEU G 32 13.41 -30.12 10.09
N GLY G 33 12.43 -29.63 9.33
CA GLY G 33 12.57 -29.24 7.92
C GLY G 33 12.26 -27.78 7.69
N SER G 34 12.41 -26.92 8.69
CA SER G 34 12.07 -25.50 8.53
C SER G 34 12.96 -24.62 9.40
N GLN G 35 12.75 -23.32 9.29
CA GLN G 35 13.29 -22.29 10.21
C GLN G 35 12.90 -22.67 11.63
N ILE G 36 13.79 -22.45 12.58
CA ILE G 36 13.53 -22.71 14.02
C ILE G 36 12.87 -21.49 14.64
N ASP G 37 11.59 -21.58 14.95
CA ASP G 37 10.90 -20.56 15.77
C ASP G 37 10.28 -21.29 16.97
N ASP G 38 9.60 -20.55 17.82
CA ASP G 38 9.00 -21.09 19.06
C ASP G 38 8.00 -22.19 18.72
N ASN G 39 7.19 -22.04 17.67
CA ASN G 39 6.17 -23.05 17.30
C ASN G 39 6.85 -24.35 16.90
N VAL G 40 7.86 -24.27 16.04
CA VAL G 40 8.62 -25.46 15.60
C VAL G 40 9.29 -26.10 16.82
N ALA G 41 9.94 -25.32 17.68
CA ALA G 41 10.65 -25.84 18.87
C ALA G 41 9.64 -26.53 19.79
N ASN G 42 8.47 -25.94 20.00
CA ASN G 42 7.46 -26.51 20.92
C ASN G 42 6.96 -27.83 20.38
N SER G 43 6.76 -27.93 19.06
CA SER G 43 6.38 -29.18 18.39
C SER G 43 7.49 -30.22 18.60
N ILE G 44 8.75 -29.87 18.37
CA ILE G 44 9.88 -30.84 18.47
C ILE G 44 10.01 -31.28 19.93
N VAL G 45 9.95 -30.34 20.89
CA VAL G 45 10.06 -30.68 22.34
C VAL G 45 8.93 -31.68 22.70
N SER G 46 7.71 -31.42 22.27
CA SER G 46 6.55 -32.30 22.56
C SER G 46 6.80 -33.69 21.99
N GLN G 47 7.33 -33.77 20.78
CA GLN G 47 7.59 -35.07 20.11
C GLN G 47 8.67 -35.82 20.89
N LEU G 48 9.74 -35.14 21.31
CA LEU G 48 10.82 -35.79 22.09
C LEU G 48 10.25 -36.33 23.41
N LEU G 49 9.45 -35.53 24.12
CA LEU G 49 8.88 -35.95 25.43
C LEU G 49 7.94 -37.14 25.20
N PHE G 50 7.10 -37.08 24.17
CA PHE G 50 6.15 -38.16 23.86
C PHE G 50 6.93 -39.44 23.58
N LEU G 51 7.98 -39.36 22.76
CA LEU G 51 8.74 -40.57 22.37
C LEU G 51 9.44 -41.16 23.61
N GLN G 52 9.97 -40.32 24.50
CA GLN G 52 10.61 -40.82 25.74
C GLN G 52 9.55 -41.58 26.57
N ALA G 53 8.32 -41.06 26.68
CA ALA G 53 7.23 -41.69 27.47
C ALA G 53 6.85 -43.03 26.84
N GLN G 54 6.84 -43.15 25.51
CA GLN G 54 6.51 -44.41 24.80
C GLN G 54 7.59 -45.45 25.07
N ASP G 55 8.86 -45.04 25.08
CA ASP G 55 9.99 -45.98 25.22
C ASP G 55 11.23 -45.18 25.58
N SER G 56 11.72 -45.37 26.81
CA SER G 56 12.83 -44.58 27.38
C SER G 56 14.18 -45.12 26.88
N GLU G 57 14.21 -46.24 26.14
CA GLU G 57 15.49 -46.90 25.76
C GLU G 57 15.79 -46.79 24.27
N LYS G 58 14.79 -46.86 23.42
CA LYS G 58 15.02 -46.92 21.95
C LYS G 58 15.46 -45.55 21.42
N ASP G 59 16.39 -45.57 20.47
CA ASP G 59 16.92 -44.35 19.82
C ASP G 59 15.75 -43.57 19.21
N ILE G 60 15.93 -42.25 19.14
CA ILE G 60 15.10 -41.31 18.36
C ILE G 60 15.96 -40.82 17.20
N TYR G 61 15.31 -40.57 16.05
CA TYR G 61 16.00 -40.10 14.82
C TYR G 61 15.52 -38.70 14.48
N LEU G 62 16.37 -37.69 14.72
CA LEU G 62 16.07 -36.28 14.39
C LEU G 62 16.76 -35.94 13.07
N TRP G 63 15.95 -35.80 12.04
CA TRP G 63 16.42 -35.43 10.69
C TRP G 63 16.34 -33.90 10.53
N ILE G 64 17.40 -33.27 10.08
CA ILE G 64 17.57 -31.79 10.13
C ILE G 64 17.84 -31.28 8.71
N ASN G 65 16.93 -30.43 8.24
CA ASN G 65 17.11 -29.57 7.07
C ASN G 65 16.57 -28.19 7.47
N SER G 66 17.46 -27.32 7.97
CA SER G 66 17.07 -26.04 8.60
C SER G 66 18.10 -24.97 8.35
N PRO G 67 17.67 -23.74 7.99
CA PRO G 67 18.57 -22.60 7.93
C PRO G 67 18.85 -21.95 9.30
N GLY G 68 18.32 -22.51 10.38
CA GLY G 68 18.49 -21.96 11.73
C GLY G 68 17.26 -21.16 12.14
N GLY G 69 17.46 -20.13 12.95
CA GLY G 69 16.37 -19.33 13.53
C GLY G 69 16.67 -18.93 14.96
N SER G 70 15.65 -18.89 15.79
CA SER G 70 15.73 -18.36 17.16
C SER G 70 16.71 -19.20 18.00
N VAL G 71 17.64 -18.53 18.66
CA VAL G 71 18.62 -19.21 19.55
C VAL G 71 17.90 -19.82 20.75
N THR G 72 16.96 -19.09 21.37
CA THR G 72 16.25 -19.60 22.57
C THR G 72 15.38 -20.79 22.17
N ALA G 73 14.73 -20.73 21.01
CA ALA G 73 13.94 -21.87 20.49
C ALA G 73 14.86 -23.07 20.28
N GLY G 74 16.02 -22.85 19.67
CA GLY G 74 17.05 -23.88 19.47
C GLY G 74 17.44 -24.51 20.81
N PHE G 75 17.60 -23.69 21.85
CA PHE G 75 18.03 -24.18 23.18
C PHE G 75 16.88 -24.95 23.85
N ALA G 76 15.61 -24.65 23.55
CA ALA G 76 14.49 -25.48 24.04
C ALA G 76 14.70 -26.89 23.52
N ILE G 77 15.03 -27.01 22.23
CA ILE G 77 15.23 -28.35 21.60
C ILE G 77 16.50 -28.98 22.19
N TYR G 78 17.60 -28.23 22.23
CA TYR G 78 18.92 -28.74 22.72
C TYR G 78 18.74 -29.33 24.12
N ASP G 79 18.17 -28.57 25.06
CA ASP G 79 18.07 -29.00 26.48
C ASP G 79 17.12 -30.19 26.57
N THR G 80 16.08 -30.24 25.74
CA THR G 80 15.12 -31.36 25.79
C THR G 80 15.84 -32.62 25.31
N ILE G 81 16.66 -32.52 24.26
CA ILE G 81 17.49 -33.66 23.79
C ILE G 81 18.34 -34.16 24.96
N GLN G 82 19.09 -33.28 25.63
CA GLN G 82 20.04 -33.73 26.67
C GLN G 82 19.26 -34.27 27.87
N HIS G 83 18.04 -33.78 28.10
CA HIS G 83 17.24 -34.14 29.28
C HIS G 83 16.75 -35.59 29.20
N ILE G 84 16.27 -36.01 28.03
CA ILE G 84 15.57 -37.31 27.89
C ILE G 84 16.59 -38.44 27.89
N LYS G 85 16.13 -39.64 28.20
CA LYS G 85 17.02 -40.83 28.37
C LYS G 85 17.42 -41.40 27.02
N PRO G 86 16.52 -41.54 26.01
CA PRO G 86 16.93 -42.09 24.73
C PRO G 86 18.03 -41.24 24.08
N ASP G 87 18.96 -41.92 23.40
CA ASP G 87 19.88 -41.27 22.45
C ASP G 87 19.05 -40.65 21.34
N VAL G 88 19.42 -39.43 20.94
CA VAL G 88 18.80 -38.76 19.76
C VAL G 88 19.87 -38.72 18.69
N GLN G 89 19.69 -39.53 17.66
CA GLN G 89 20.57 -39.48 16.46
C GLN G 89 20.19 -38.21 15.71
N THR G 90 21.18 -37.57 15.08
CA THR G 90 20.91 -36.42 14.20
C THR G 90 21.44 -36.77 12.81
N ILE G 91 20.64 -36.44 11.81
CA ILE G 91 20.99 -36.70 10.38
C ILE G 91 20.71 -35.41 9.62
N CYS G 92 21.76 -34.82 9.06
CA CYS G 92 21.64 -33.60 8.23
C CYS G 92 21.36 -34.01 6.78
N ILE G 93 20.27 -33.52 6.23
CA ILE G 93 19.93 -33.63 4.79
C ILE G 93 19.63 -32.24 4.26
N GLY G 94 20.24 -31.87 3.14
CA GLY G 94 20.11 -30.55 2.48
C GLY G 94 21.03 -29.53 3.13
N MET G 95 20.60 -28.94 4.24
CA MET G 95 21.40 -27.94 4.96
C MET G 95 21.10 -27.95 6.47
N ALA G 96 22.12 -27.76 7.29
CA ALA G 96 22.00 -27.38 8.70
C ALA G 96 22.85 -26.13 8.88
N ALA G 97 22.22 -24.97 8.97
CA ALA G 97 22.91 -23.67 9.14
C ALA G 97 22.57 -23.10 10.51
N SER G 98 23.56 -22.44 11.12
CA SER G 98 23.37 -21.63 12.35
C SER G 98 22.83 -22.53 13.46
N MET G 99 21.70 -22.21 14.08
CA MET G 99 21.13 -23.06 15.18
C MET G 99 20.85 -24.46 14.65
N GLY G 100 20.58 -24.60 13.35
CA GLY G 100 20.43 -25.93 12.73
C GLY G 100 21.68 -26.77 12.91
N SER G 101 22.86 -26.19 12.65
CA SER G 101 24.13 -26.93 12.77
C SER G 101 24.46 -27.15 14.24
N PHE G 102 24.05 -26.23 15.13
CA PHE G 102 24.23 -26.40 16.58
C PHE G 102 23.48 -27.67 17.02
N LEU G 103 22.24 -27.83 16.57
CA LEU G 103 21.41 -29.00 16.96
C LEU G 103 21.95 -30.28 16.31
N LEU G 104 22.48 -30.21 15.09
CA LEU G 104 23.13 -31.37 14.45
C LEU G 104 24.28 -31.86 15.35
N ALA G 105 25.11 -30.94 15.84
CA ALA G 105 26.27 -31.26 16.72
C ALA G 105 25.80 -31.75 18.09
N ALA G 106 24.52 -31.58 18.45
CA ALA G 106 24.00 -31.89 19.80
C ALA G 106 23.48 -33.34 19.89
N GLY G 107 23.48 -34.08 18.79
CA GLY G 107 23.02 -35.48 18.78
C GLY G 107 23.91 -36.36 19.62
N ALA G 108 23.43 -37.56 19.97
CA ALA G 108 24.21 -38.51 20.80
C ALA G 108 25.58 -38.77 20.14
N LYS G 109 26.62 -38.80 20.96
CA LYS G 109 28.02 -39.07 20.57
C LYS G 109 28.08 -40.38 19.77
N GLY G 110 28.68 -40.34 18.59
CA GLY G 110 28.75 -41.47 17.65
C GLY G 110 27.52 -41.59 16.76
N LYS G 111 26.46 -40.80 16.97
CA LYS G 111 25.21 -40.95 16.18
C LYS G 111 24.79 -39.62 15.55
N ARG G 112 25.77 -38.81 15.14
CA ARG G 112 25.54 -37.55 14.40
C ARG G 112 26.03 -37.78 12.97
N PHE G 113 25.14 -37.63 12.00
CA PHE G 113 25.40 -37.98 10.60
C PHE G 113 25.07 -36.82 9.67
N ALA G 114 25.66 -36.84 8.48
CA ALA G 114 25.17 -36.05 7.33
C ALA G 114 25.21 -36.92 6.10
N LEU G 115 24.24 -36.74 5.20
CA LEU G 115 24.30 -37.40 3.88
C LEU G 115 25.31 -36.63 3.05
N PRO G 116 25.92 -37.28 2.03
CA PRO G 116 27.15 -36.80 1.41
C PRO G 116 27.09 -35.39 0.83
N ASN G 117 25.93 -34.96 0.33
CA ASN G 117 25.82 -33.66 -0.37
C ASN G 117 25.19 -32.60 0.55
N ALA G 118 24.93 -32.94 1.81
CA ALA G 118 24.36 -31.99 2.78
C ALA G 118 25.41 -30.93 3.10
N GLU G 119 24.95 -29.71 3.36
CA GLU G 119 25.81 -28.58 3.74
C GLU G 119 25.59 -28.27 5.22
N VAL G 120 26.66 -27.88 5.88
CA VAL G 120 26.65 -27.38 7.27
C VAL G 120 27.23 -25.99 7.24
N MET G 121 26.58 -25.02 7.87
CA MET G 121 27.13 -23.66 7.97
C MET G 121 27.10 -23.25 9.44
N ILE G 122 28.24 -22.71 9.88
CA ILE G 122 28.38 -22.14 11.24
C ILE G 122 28.72 -20.67 11.09
N HIS G 123 28.23 -19.87 12.03
CA HIS G 123 28.43 -18.41 12.07
C HIS G 123 28.01 -17.89 13.44
N GLN G 124 28.30 -16.64 13.74
CA GLN G 124 27.94 -16.05 15.05
C GLN G 124 26.46 -15.66 15.03
N PRO G 125 25.85 -15.54 16.22
CA PRO G 125 24.44 -15.14 16.33
C PRO G 125 24.18 -13.74 15.77
N LEU G 126 22.97 -13.54 15.26
CA LEU G 126 22.52 -12.25 14.67
C LEU G 126 21.44 -11.68 15.59
N GLY G 127 21.35 -10.36 15.64
CA GLY G 127 20.24 -9.72 16.34
C GLY G 127 20.18 -8.24 16.02
N GLY G 128 19.50 -7.53 16.91
CA GLY G 128 19.20 -6.12 16.73
C GLY G 128 18.92 -5.47 18.06
N ALA G 129 18.95 -4.15 18.09
CA ALA G 129 18.72 -3.34 19.29
C ALA G 129 18.52 -1.91 18.80
N GLN G 130 17.49 -1.27 19.36
CA GLN G 130 17.18 0.14 19.12
C GLN G 130 16.80 0.78 20.44
N GLY G 131 17.10 2.06 20.60
CA GLY G 131 16.73 2.86 21.78
C GLY G 131 17.93 3.53 22.41
N GLN G 132 17.86 3.71 23.72
CA GLN G 132 18.86 4.47 24.50
C GLN G 132 20.18 3.71 24.52
N ALA G 133 21.28 4.43 24.65
CA ALA G 133 22.64 3.87 24.80
C ALA G 133 22.64 2.70 25.80
N THR G 134 22.01 2.85 26.96
CA THR G 134 22.02 1.79 28.01
C THR G 134 21.20 0.57 27.54
N GLU G 135 20.13 0.76 26.77
CA GLU G 135 19.37 -0.38 26.19
C GLU G 135 20.26 -1.10 25.17
N ILE G 136 20.98 -0.36 24.35
CA ILE G 136 21.86 -0.99 23.33
C ILE G 136 22.95 -1.77 24.07
N GLU G 137 23.45 -1.23 25.18
CA GLU G 137 24.51 -1.89 25.98
C GLU G 137 23.97 -3.23 26.52
N ILE G 138 22.77 -3.22 27.08
CA ILE G 138 22.14 -4.46 27.62
C ILE G 138 21.98 -5.48 26.49
N ALA G 139 21.51 -5.07 25.33
CA ALA G 139 21.28 -6.00 24.19
C ALA G 139 22.64 -6.54 23.71
N ALA G 140 23.67 -5.70 23.64
CA ALA G 140 25.01 -6.15 23.20
C ALA G 140 25.57 -7.15 24.20
N ASN G 141 25.50 -6.87 25.50
CA ASN G 141 26.05 -7.78 26.55
C ASN G 141 25.33 -9.11 26.44
N HIS G 142 24.02 -9.09 26.26
CA HIS G 142 23.22 -10.34 26.20
C HIS G 142 23.62 -11.18 24.99
N ILE G 143 23.75 -10.59 23.80
CA ILE G 143 24.08 -11.39 22.59
C ILE G 143 25.54 -11.88 22.68
N LEU G 144 26.44 -11.13 23.30
CA LEU G 144 27.85 -11.61 23.49
C LEU G 144 27.87 -12.79 24.46
N LYS G 145 27.07 -12.73 25.53
CA LYS G 145 26.98 -13.87 26.48
C LYS G 145 26.36 -15.07 25.78
N THR G 146 25.36 -14.86 24.94
CA THR G 146 24.72 -15.94 24.17
C THR G 146 25.78 -16.59 23.27
N ARG G 147 26.60 -15.80 22.61
CA ARG G 147 27.66 -16.32 21.72
C ARG G 147 28.67 -17.15 22.54
N GLU G 148 29.09 -16.66 23.71
CA GLU G 148 30.02 -17.40 24.60
C GLU G 148 29.40 -18.74 24.97
N LYS G 149 28.11 -18.75 25.28
CA LYS G 149 27.38 -19.99 25.66
C LYS G 149 27.37 -20.97 24.49
N LEU G 150 27.00 -20.52 23.29
CA LEU G 150 26.96 -21.38 22.07
C LEU G 150 28.38 -21.94 21.82
N ASN G 151 29.39 -21.09 21.88
CA ASN G 151 30.77 -21.48 21.52
C ASN G 151 31.32 -22.49 22.53
N ARG G 152 31.03 -22.30 23.81
CA ARG G 152 31.48 -23.23 24.89
C ARG G 152 30.88 -24.61 24.60
N ILE G 153 29.58 -24.68 24.35
CA ILE G 153 28.91 -25.99 24.13
C ILE G 153 29.47 -26.60 22.82
N LEU G 154 29.67 -25.81 21.79
CA LEU G 154 30.19 -26.32 20.50
C LEU G 154 31.62 -26.87 20.72
N SER G 155 32.41 -26.20 21.57
CA SER G 155 33.76 -26.67 21.96
C SER G 155 33.67 -28.06 22.59
N GLU G 156 32.79 -28.22 23.59
CA GLU G 156 32.58 -29.51 24.27
C GLU G 156 32.14 -30.57 23.26
N ARG G 157 31.29 -30.25 22.30
CA ARG G 157 30.68 -31.29 21.43
C ARG G 157 31.58 -31.62 20.23
N THR G 158 32.45 -30.70 19.83
CA THR G 158 33.32 -30.89 18.63
C THR G 158 34.73 -31.32 19.05
N GLY G 159 35.17 -30.98 20.25
CA GLY G 159 36.58 -31.14 20.66
C GLY G 159 37.45 -29.96 20.22
N GLN G 160 36.92 -28.95 19.52
CA GLN G 160 37.73 -27.78 19.11
C GLN G 160 37.84 -26.82 20.30
N SER G 161 38.90 -26.03 20.36
CA SER G 161 39.03 -24.97 21.39
C SER G 161 37.98 -23.87 21.15
N ILE G 162 37.62 -23.18 22.23
CA ILE G 162 36.74 -21.98 22.18
C ILE G 162 37.35 -20.95 21.23
N GLU G 163 38.67 -20.78 21.24
CA GLU G 163 39.34 -19.73 20.41
C GLU G 163 39.18 -20.10 18.94
N LYS G 164 39.29 -21.38 18.60
CA LYS G 164 39.15 -21.81 17.19
C LYS G 164 37.69 -21.60 16.75
N ILE G 165 36.73 -21.95 17.59
CA ILE G 165 35.28 -21.82 17.25
C ILE G 165 34.95 -20.34 17.02
N GLN G 166 35.45 -19.47 17.89
CA GLN G 166 35.27 -18.00 17.78
C GLN G 166 35.77 -17.53 16.41
N LYS G 167 37.00 -17.87 16.05
CA LYS G 167 37.62 -17.45 14.76
C LYS G 167 36.81 -18.02 13.60
N ASP G 168 36.41 -19.29 13.67
CA ASP G 168 35.78 -20.02 12.54
C ASP G 168 34.32 -19.59 12.37
N THR G 169 33.71 -18.93 13.35
CA THR G 169 32.29 -18.49 13.27
C THR G 169 32.20 -16.97 13.09
N ASP G 170 33.33 -16.31 12.93
CA ASP G 170 33.34 -14.83 12.81
C ASP G 170 32.46 -14.42 11.62
N ARG G 171 32.56 -15.15 10.52
CA ARG G 171 31.72 -14.98 9.30
C ARG G 171 31.10 -16.32 8.93
N ASP G 172 30.14 -16.29 8.01
CA ASP G 172 29.52 -17.50 7.43
C ASP G 172 30.63 -18.44 6.99
N ASN G 173 30.60 -19.65 7.49
CA ASN G 173 31.60 -20.68 7.23
C ASN G 173 30.85 -21.93 6.76
N PHE G 174 30.91 -22.20 5.46
CA PHE G 174 30.19 -23.31 4.79
C PHE G 174 31.10 -24.53 4.79
N LEU G 175 30.59 -25.66 5.27
CA LEU G 175 31.34 -26.94 5.32
C LEU G 175 30.59 -27.99 4.52
N THR G 176 31.34 -28.81 3.80
CA THR G 176 30.83 -30.09 3.24
C THR G 176 30.60 -31.08 4.39
N ALA G 177 29.88 -32.17 4.12
CA ALA G 177 29.62 -33.23 5.09
C ALA G 177 30.96 -33.73 5.66
N GLU G 178 31.90 -34.01 4.76
CA GLU G 178 33.24 -34.52 5.13
C GLU G 178 33.95 -33.49 6.01
N GLU G 179 33.91 -32.20 5.67
CA GLU G 179 34.55 -31.15 6.50
C GLU G 179 33.85 -31.07 7.87
N ALA G 180 32.52 -31.23 7.91
CA ALA G 180 31.78 -31.18 9.19
C ALA G 180 32.28 -32.33 10.08
N LYS G 181 32.57 -33.47 9.47
CA LYS G 181 33.07 -34.65 10.22
C LYS G 181 34.49 -34.36 10.74
N GLU G 182 35.37 -33.81 9.91
CA GLU G 182 36.74 -33.43 10.31
C GLU G 182 36.67 -32.42 11.46
N TYR G 183 35.69 -31.52 11.42
CA TYR G 183 35.52 -30.47 12.44
C TYR G 183 35.02 -31.05 13.77
N GLY G 184 34.34 -32.19 13.74
CA GLY G 184 33.73 -32.81 14.94
C GLY G 184 32.28 -32.38 15.12
N LEU G 185 31.64 -31.78 14.11
CA LEU G 185 30.21 -31.43 14.17
C LEU G 185 29.34 -32.67 13.99
N ILE G 186 29.84 -33.64 13.22
CA ILE G 186 29.19 -34.96 13.04
C ILE G 186 30.24 -36.05 13.26
N ASP G 187 29.78 -37.29 13.39
CA ASP G 187 30.67 -38.47 13.60
C ASP G 187 30.92 -39.17 12.26
N GLU G 188 29.95 -39.21 11.35
CA GLU G 188 30.09 -39.98 10.09
C GLU G 188 29.28 -39.33 8.97
N VAL G 189 29.80 -39.44 7.75
CA VAL G 189 29.03 -39.25 6.49
C VAL G 189 28.35 -40.58 6.17
N MET G 190 27.01 -40.63 6.14
CA MET G 190 26.21 -41.82 5.78
C MET G 190 26.29 -41.97 4.26
N VAL G 191 27.14 -42.86 3.77
CA VAL G 191 27.24 -43.19 2.32
C VAL G 191 26.10 -44.16 1.97
N PRO G 192 25.56 -44.11 0.73
CA PRO G 192 24.58 -45.10 0.29
C PRO G 192 25.27 -46.41 -0.15
N ILE H 4 -0.69 29.35 -15.32
CA ILE H 4 -1.18 30.73 -14.97
C ILE H 4 -0.35 31.76 -15.73
N PRO H 5 -0.93 32.53 -16.68
CA PRO H 5 -0.16 33.43 -17.52
C PRO H 5 0.25 34.74 -16.83
N THR H 6 1.17 35.46 -17.48
CA THR H 6 1.78 36.74 -17.04
C THR H 6 1.33 37.89 -17.96
N VAL H 7 1.18 39.11 -17.42
CA VAL H 7 0.95 40.34 -18.25
C VAL H 7 1.86 41.48 -17.79
N TYR H 18 3.45 40.83 -13.47
CA TYR H 18 2.18 40.39 -12.84
C TYR H 18 1.73 39.05 -13.43
N ASP H 19 1.37 38.08 -12.57
CA ASP H 19 0.47 36.97 -12.97
C ASP H 19 -0.95 37.54 -13.12
N ILE H 20 -1.85 36.80 -13.76
CA ILE H 20 -3.16 37.36 -14.21
C ILE H 20 -3.98 37.74 -12.98
N TYR H 21 -3.91 36.95 -11.90
CA TYR H 21 -4.69 37.17 -10.66
C TYR H 21 -4.22 38.47 -10.00
N SER H 22 -2.91 38.71 -10.00
CA SER H 22 -2.31 39.93 -9.41
C SER H 22 -2.73 41.16 -10.20
N ARG H 23 -2.84 41.04 -11.53
CA ARG H 23 -3.33 42.14 -12.40
C ARG H 23 -4.81 42.42 -12.07
N LEU H 24 -5.62 41.39 -11.83
CA LEU H 24 -7.05 41.62 -11.46
C LEU H 24 -7.12 42.28 -10.08
N LEU H 25 -6.24 41.89 -9.17
CA LEU H 25 -6.22 42.45 -7.79
C LEU H 25 -5.94 43.97 -7.88
N LYS H 26 -5.09 44.37 -8.82
CA LYS H 26 -4.80 45.80 -9.05
C LYS H 26 -6.09 46.55 -9.41
N ASP H 27 -7.11 45.88 -9.99
CA ASP H 27 -8.42 46.51 -10.28
C ASP H 27 -9.47 46.11 -9.23
N ARG H 28 -9.02 45.70 -8.04
CA ARG H 28 -9.89 45.48 -6.85
C ARG H 28 -10.80 44.25 -7.09
N ILE H 29 -10.31 43.29 -7.87
CA ILE H 29 -11.01 42.00 -8.13
C ILE H 29 -10.26 40.92 -7.37
N ILE H 30 -10.98 40.23 -6.49
CA ILE H 30 -10.47 39.09 -5.69
C ILE H 30 -11.13 37.83 -6.20
N MET H 31 -10.34 36.79 -6.44
CA MET H 31 -10.84 35.48 -6.90
C MET H 31 -10.94 34.51 -5.72
N LEU H 32 -12.16 34.02 -5.46
CA LEU H 32 -12.39 32.83 -4.62
C LEU H 32 -12.77 31.67 -5.56
N GLY H 33 -11.77 30.91 -6.00
CA GLY H 33 -11.87 29.98 -7.14
C GLY H 33 -11.52 28.56 -6.75
N SER H 34 -11.61 28.23 -5.48
CA SER H 34 -11.22 26.89 -4.97
C SER H 34 -12.03 26.58 -3.72
N GLN H 35 -11.80 25.37 -3.20
CA GLN H 35 -12.28 24.94 -1.88
C GLN H 35 -11.81 25.96 -0.85
N ILE H 36 -12.66 26.27 0.13
CA ILE H 36 -12.35 27.23 1.21
C ILE H 36 -11.64 26.48 2.34
N ASP H 37 -10.35 26.72 2.51
CA ASP H 37 -9.60 26.27 3.70
C ASP H 37 -8.97 27.52 4.30
N ASP H 38 -8.21 27.33 5.37
CA ASP H 38 -7.58 28.42 6.13
C ASP H 38 -6.63 29.19 5.21
N ASN H 39 -5.87 28.52 4.34
CA ASN H 39 -4.90 29.21 3.45
C ASN H 39 -5.64 30.13 2.49
N VAL H 40 -6.69 29.62 1.86
CA VAL H 40 -7.52 30.43 0.92
C VAL H 40 -8.13 31.61 1.69
N ALA H 41 -8.71 31.36 2.86
CA ALA H 41 -9.37 32.41 3.67
C ALA H 41 -8.34 33.49 4.05
N ASN H 42 -7.14 33.07 4.47
CA ASN H 42 -6.10 34.03 4.91
C ASN H 42 -5.66 34.89 3.73
N SER H 43 -5.55 34.30 2.55
CA SER H 43 -5.24 35.05 1.31
C SER H 43 -6.35 36.06 1.03
N ILE H 44 -7.61 35.64 1.09
CA ILE H 44 -8.76 36.55 0.77
C ILE H 44 -8.81 37.68 1.82
N VAL H 45 -8.67 37.35 3.10
CA VAL H 45 -8.69 38.36 4.19
C VAL H 45 -7.59 39.40 3.93
N SER H 46 -6.37 38.94 3.60
CA SER H 46 -5.22 39.84 3.34
C SER H 46 -5.54 40.77 2.17
N GLN H 47 -6.14 40.21 1.11
CA GLN H 47 -6.47 41.00 -0.10
C GLN H 47 -7.53 42.06 0.28
N LEU H 48 -8.54 41.70 1.05
CA LEU H 48 -9.59 42.66 1.47
C LEU H 48 -8.94 43.80 2.27
N LEU H 49 -8.08 43.46 3.24
CA LEU H 49 -7.43 44.50 4.09
C LEU H 49 -6.55 45.40 3.22
N PHE H 50 -5.77 44.81 2.32
CA PHE H 50 -4.89 45.57 1.42
C PHE H 50 -5.73 46.53 0.57
N LEU H 51 -6.81 46.04 -0.03
CA LEU H 51 -7.64 46.89 -0.92
C LEU H 51 -8.29 48.03 -0.12
N GLN H 52 -8.72 47.77 1.12
CA GLN H 52 -9.28 48.85 1.96
C GLN H 52 -8.21 49.93 2.19
N ALA H 53 -6.96 49.53 2.46
CA ALA H 53 -5.84 50.46 2.72
C ALA H 53 -5.54 51.28 1.46
N GLN H 54 -5.63 50.69 0.27
CA GLN H 54 -5.40 51.41 -1.02
C GLN H 54 -6.50 52.46 -1.24
N ASP H 55 -7.73 52.13 -0.91
CA ASP H 55 -8.89 53.01 -1.16
C ASP H 55 -10.08 52.50 -0.35
N SER H 56 -10.49 53.27 0.66
CA SER H 56 -11.54 52.88 1.62
C SER H 56 -12.93 53.11 1.02
N GLU H 57 -13.05 53.68 -0.17
CA GLU H 57 -14.37 54.10 -0.73
C GLU H 57 -14.76 53.27 -1.95
N LYS H 58 -13.81 52.87 -2.79
CA LYS H 58 -14.14 52.17 -4.07
C LYS H 58 -14.56 50.72 -3.79
N ASP H 59 -15.56 50.27 -4.55
CA ASP H 59 -16.08 48.88 -4.46
C ASP H 59 -14.93 47.89 -4.67
N ILE H 60 -15.08 46.73 -4.03
CA ILE H 60 -14.27 45.52 -4.27
C ILE H 60 -15.18 44.51 -4.96
N TYR H 61 -14.61 43.69 -5.85
CA TYR H 61 -15.33 42.64 -6.61
C TYR H 61 -14.81 41.27 -6.19
N LEU H 62 -15.64 40.53 -5.44
CA LEU H 62 -15.33 39.14 -5.03
C LEU H 62 -16.05 38.19 -5.99
N TRP H 63 -15.26 37.55 -6.84
CA TRP H 63 -15.76 36.56 -7.82
C TRP H 63 -15.64 35.17 -7.22
N ILE H 64 -16.72 34.40 -7.29
CA ILE H 64 -16.86 33.13 -6.54
C ILE H 64 -17.13 32.00 -7.52
N ASN H 65 -16.20 31.05 -7.54
CA ASN H 65 -16.39 29.72 -8.15
C ASN H 65 -15.82 28.71 -7.16
N SER H 66 -16.62 28.19 -6.25
CA SER H 66 -16.16 27.44 -5.05
C SER H 66 -17.20 26.39 -4.67
N PRO H 67 -16.76 25.15 -4.36
CA PRO H 67 -17.65 24.13 -3.81
C PRO H 67 -17.85 24.27 -2.29
N GLY H 68 -17.29 25.30 -1.67
CA GLY H 68 -17.40 25.49 -0.22
C GLY H 68 -16.17 25.00 0.51
N GLY H 69 -16.31 24.66 1.77
CA GLY H 69 -15.20 24.15 2.61
C GLY H 69 -15.41 24.54 4.05
N SER H 70 -14.33 24.90 4.75
CA SER H 70 -14.34 25.12 6.21
C SER H 70 -15.30 26.26 6.57
N VAL H 71 -16.18 26.01 7.52
CA VAL H 71 -17.14 27.04 8.02
C VAL H 71 -16.37 28.18 8.70
N THR H 72 -15.37 27.86 9.55
CA THR H 72 -14.63 28.90 10.30
C THR H 72 -13.81 29.72 9.31
N ALA H 73 -13.21 29.08 8.29
CA ALA H 73 -12.46 29.81 7.24
C ALA H 73 -13.43 30.73 6.50
N GLY H 74 -14.61 30.24 6.15
CA GLY H 74 -15.66 31.06 5.51
C GLY H 74 -16.02 32.25 6.38
N PHE H 75 -16.11 32.07 7.69
CA PHE H 75 -16.46 33.17 8.63
C PHE H 75 -15.31 34.17 8.76
N ALA H 76 -14.06 33.75 8.58
CA ALA H 76 -12.93 34.71 8.52
C ALA H 76 -13.20 35.67 7.37
N ILE H 77 -13.60 35.13 6.22
CA ILE H 77 -13.87 35.96 5.02
C ILE H 77 -15.11 36.81 5.29
N TYR H 78 -16.20 36.19 5.75
CA TYR H 78 -17.49 36.89 6.01
C TYR H 78 -17.24 38.11 6.92
N ASP H 79 -16.61 37.91 8.08
CA ASP H 79 -16.45 38.99 9.08
C ASP H 79 -15.52 40.07 8.50
N THR H 80 -14.53 39.69 7.70
CA THR H 80 -13.61 40.69 7.13
C THR H 80 -14.39 41.54 6.13
N ILE H 81 -15.25 40.92 5.32
CA ILE H 81 -16.14 41.67 4.38
C ILE H 81 -16.95 42.68 5.19
N GLN H 82 -17.63 42.25 6.26
CA GLN H 82 -18.55 43.17 6.98
C GLN H 82 -17.73 44.25 7.68
N HIS H 83 -16.49 43.95 8.06
CA HIS H 83 -15.65 44.87 8.86
C HIS H 83 -15.20 46.07 8.01
N ILE H 84 -14.77 45.85 6.77
CA ILE H 84 -14.08 46.91 5.97
C ILE H 84 -15.13 47.89 5.44
N LYS H 85 -14.69 49.07 5.07
CA LYS H 85 -15.58 50.19 4.67
C LYS H 85 -16.09 50.00 3.23
N PRO H 86 -15.26 49.61 2.24
CA PRO H 86 -15.77 49.43 0.89
C PRO H 86 -16.89 48.37 0.83
N ASP H 87 -17.87 48.61 -0.02
CA ASP H 87 -18.81 47.56 -0.45
C ASP H 87 -18.02 46.45 -1.14
N VAL H 88 -18.37 45.20 -0.84
CA VAL H 88 -17.81 44.02 -1.56
C VAL H 88 -18.93 43.44 -2.40
N GLN H 89 -18.84 43.63 -3.70
CA GLN H 89 -19.78 42.98 -4.65
C GLN H 89 -19.41 41.49 -4.69
N THR H 90 -20.40 40.63 -4.90
CA THR H 90 -20.16 39.19 -5.12
C THR H 90 -20.72 38.81 -6.46
N ILE H 91 -19.96 38.01 -7.21
CA ILE H 91 -20.36 37.52 -8.55
C ILE H 91 -20.10 36.02 -8.61
N CYS H 92 -21.16 35.23 -8.76
CA CYS H 92 -21.04 33.76 -8.90
C CYS H 92 -20.85 33.41 -10.37
N ILE H 93 -19.73 32.76 -10.66
CA ILE H 93 -19.37 32.28 -12.02
C ILE H 93 -19.04 30.78 -11.89
N GLY H 94 -19.82 29.93 -12.56
CA GLY H 94 -19.66 28.47 -12.44
C GLY H 94 -20.51 27.94 -11.30
N MET H 95 -19.99 27.95 -10.07
CA MET H 95 -20.71 27.29 -8.93
C MET H 95 -20.36 28.02 -7.61
N ALA H 96 -21.37 28.23 -6.77
CA ALA H 96 -21.19 28.60 -5.36
C ALA H 96 -21.98 27.59 -4.53
N ALA H 97 -21.29 26.65 -3.90
CA ALA H 97 -21.94 25.61 -3.06
C ALA H 97 -21.57 25.79 -1.60
N SER H 98 -22.50 25.52 -0.71
CA SER H 98 -22.25 25.43 0.75
C SER H 98 -21.71 26.76 1.24
N MET H 99 -20.54 26.81 1.90
CA MET H 99 -19.98 28.08 2.40
C MET H 99 -19.74 29.04 1.23
N GLY H 100 -19.53 28.53 0.02
CA GLY H 100 -19.41 29.37 -1.18
C GLY H 100 -20.68 30.17 -1.41
N SER H 101 -21.85 29.54 -1.30
CA SER H 101 -23.14 30.23 -1.50
C SER H 101 -23.40 31.17 -0.31
N PHE H 102 -22.94 30.82 0.89
CA PHE H 102 -23.05 31.69 2.08
C PHE H 102 -22.32 33.00 1.80
N LEU H 103 -21.10 32.92 1.26
CA LEU H 103 -20.29 34.13 0.97
C LEU H 103 -20.88 34.91 -0.20
N LEU H 104 -21.46 34.24 -1.19
CA LEU H 104 -22.17 34.92 -2.30
C LEU H 104 -23.29 35.80 -1.70
N ALA H 105 -24.07 35.26 -0.77
CA ALA H 105 -25.17 35.97 -0.10
C ALA H 105 -24.65 37.10 0.80
N ALA H 106 -23.35 37.13 1.12
CA ALA H 106 -22.77 38.07 2.10
C ALA H 106 -22.29 39.37 1.43
N GLY H 107 -22.39 39.47 0.11
CA GLY H 107 -21.97 40.68 -0.62
C GLY H 107 -22.85 41.87 -0.27
N ALA H 108 -22.41 43.07 -0.62
CA ALA H 108 -23.16 44.33 -0.36
C ALA H 108 -24.56 44.22 -0.96
N LYS H 109 -25.56 44.66 -0.20
CA LYS H 109 -26.99 44.65 -0.60
C LYS H 109 -27.15 45.40 -1.93
N GLY H 110 -27.78 44.76 -2.90
CA GLY H 110 -27.94 45.28 -4.27
C GLY H 110 -26.77 44.95 -5.16
N LYS H 111 -25.67 44.36 -4.66
CA LYS H 111 -24.46 44.11 -5.50
C LYS H 111 -24.03 42.64 -5.40
N ARG H 112 -25.00 41.73 -5.29
CA ARG H 112 -24.76 40.27 -5.33
C ARG H 112 -25.33 39.75 -6.64
N PHE H 113 -24.47 39.13 -7.46
CA PHE H 113 -24.81 38.74 -8.84
C PHE H 113 -24.47 37.27 -9.10
N ALA H 114 -25.12 36.68 -10.10
CA ALA H 114 -24.68 35.42 -10.71
C ALA H 114 -24.82 35.57 -12.23
N LEU H 115 -23.92 34.95 -12.98
CA LEU H 115 -24.10 34.83 -14.44
C LEU H 115 -25.17 33.77 -14.70
N PRO H 116 -25.84 33.81 -15.86
CA PRO H 116 -27.10 33.08 -16.06
C PRO H 116 -27.04 31.56 -15.86
N ASN H 117 -25.89 30.94 -16.17
CA ASN H 117 -25.75 29.46 -16.09
C ASN H 117 -24.99 29.06 -14.83
N ALA H 118 -24.69 29.98 -13.94
CA ALA H 118 -24.03 29.68 -12.65
C ALA H 118 -24.98 28.85 -11.79
N GLU H 119 -24.42 27.93 -11.00
CA GLU H 119 -25.20 27.10 -10.07
C GLU H 119 -24.93 27.54 -8.64
N VAL H 120 -25.96 27.49 -7.84
CA VAL H 120 -25.87 27.78 -6.38
C VAL H 120 -26.41 26.54 -5.68
N MET H 121 -25.69 26.06 -4.66
CA MET H 121 -26.23 24.94 -3.85
C MET H 121 -26.14 25.32 -2.38
N ILE H 122 -27.22 25.07 -1.67
CA ILE H 122 -27.28 25.27 -0.20
C ILE H 122 -27.58 23.92 0.46
N HIS H 123 -27.03 23.70 1.63
CA HIS H 123 -27.21 22.47 2.43
C HIS H 123 -26.71 22.72 3.84
N GLN H 124 -26.96 21.79 4.74
CA GLN H 124 -26.54 21.96 6.16
C GLN H 124 -25.06 21.61 6.27
N PRO H 125 -24.39 22.10 7.34
CA PRO H 125 -23.00 21.77 7.60
C PRO H 125 -22.77 20.28 7.81
N LEU H 126 -21.58 19.82 7.45
CA LEU H 126 -21.10 18.42 7.56
C LEU H 126 -20.00 18.41 8.62
N GLY H 127 -19.87 17.30 9.31
CA GLY H 127 -18.76 17.08 10.23
C GLY H 127 -18.67 15.63 10.65
N GLY H 128 -17.97 15.44 11.75
CA GLY H 128 -17.87 14.14 12.42
C GLY H 128 -17.54 14.35 13.88
N ALA H 129 -17.52 13.25 14.60
CA ALA H 129 -17.36 13.19 16.06
C ALA H 129 -17.06 11.73 16.39
N GLN H 130 -16.07 11.53 17.24
CA GLN H 130 -15.62 10.17 17.64
C GLN H 130 -15.26 10.24 19.13
N GLY H 131 -15.51 9.16 19.86
CA GLY H 131 -15.03 9.00 21.24
C GLY H 131 -16.15 8.67 22.21
N GLN H 132 -16.04 9.17 23.42
CA GLN H 132 -17.02 8.94 24.51
C GLN H 132 -18.34 9.63 24.17
N ALA H 133 -19.44 9.09 24.69
CA ALA H 133 -20.79 9.68 24.61
C ALA H 133 -20.73 11.20 24.85
N THR H 134 -20.06 11.66 25.90
CA THR H 134 -20.06 13.11 26.25
C THR H 134 -19.26 13.90 25.20
N GLU H 135 -18.21 13.32 24.60
CA GLU H 135 -17.46 14.00 23.51
C GLU H 135 -18.39 14.11 22.29
N ILE H 136 -19.14 13.06 22.00
CA ILE H 136 -20.05 13.09 20.82
C ILE H 136 -21.12 14.16 21.08
N GLU H 137 -21.58 14.28 22.32
CA GLU H 137 -22.61 15.28 22.69
C GLU H 137 -22.05 16.69 22.47
N ILE H 138 -20.83 16.95 22.92
CA ILE H 138 -20.18 18.28 22.74
C ILE H 138 -20.06 18.58 21.25
N ALA H 139 -19.62 17.62 20.43
CA ALA H 139 -19.43 17.85 18.98
C ALA H 139 -20.81 18.09 18.33
N ALA H 140 -21.84 17.35 18.72
CA ALA H 140 -23.21 17.53 18.17
C ALA H 140 -23.72 18.93 18.54
N ASN H 141 -23.60 19.34 19.80
CA ASN H 141 -24.09 20.66 20.25
C ASN H 141 -23.37 21.74 19.45
N HIS H 142 -22.07 21.61 19.26
CA HIS H 142 -21.27 22.63 18.54
C HIS H 142 -21.74 22.74 17.08
N ILE H 143 -21.92 21.62 16.36
CA ILE H 143 -22.28 21.70 14.92
C ILE H 143 -23.74 22.20 14.82
N LEU H 144 -24.63 21.89 15.76
CA LEU H 144 -26.02 22.42 15.75
C LEU H 144 -25.99 23.93 15.98
N LYS H 145 -25.17 24.42 16.89
CA LYS H 145 -25.03 25.87 17.14
C LYS H 145 -24.45 26.54 15.89
N THR H 146 -23.49 25.91 15.24
CA THR H 146 -22.89 26.44 13.99
C THR H 146 -24.00 26.56 12.94
N ARG H 147 -24.84 25.54 12.81
CA ARG H 147 -25.96 25.56 11.81
C ARG H 147 -26.93 26.68 12.16
N GLU H 148 -27.29 26.87 13.44
CA GLU H 148 -28.21 27.96 13.89
C GLU H 148 -27.58 29.28 13.49
N LYS H 149 -26.28 29.45 13.69
CA LYS H 149 -25.57 30.71 13.36
C LYS H 149 -25.63 30.96 11.86
N LEU H 150 -25.29 29.96 11.04
CA LEU H 150 -25.33 30.10 9.55
C LEU H 150 -26.75 30.44 9.13
N ASN H 151 -27.74 29.75 9.65
CA ASN H 151 -29.16 29.90 9.21
C ASN H 151 -29.68 31.29 9.60
N ARG H 152 -29.33 31.76 10.79
CA ARG H 152 -29.76 33.10 11.27
C ARG H 152 -29.21 34.15 10.31
N ILE H 153 -27.91 34.09 10.00
CA ILE H 153 -27.30 35.12 9.11
C ILE H 153 -27.91 34.99 7.72
N LEU H 154 -28.13 33.78 7.22
CA LEU H 154 -28.73 33.56 5.88
C LEU H 154 -30.14 34.16 5.87
N SER H 155 -30.88 34.00 6.96
CA SER H 155 -32.24 34.58 7.14
C SER H 155 -32.16 36.10 6.97
N GLU H 156 -31.26 36.74 7.73
CA GLU H 156 -31.04 38.21 7.65
C GLU H 156 -30.67 38.62 6.22
N ARG H 157 -29.84 37.85 5.51
CA ARG H 157 -29.29 38.32 4.21
C ARG H 157 -30.22 38.00 3.04
N THR H 158 -31.09 37.00 3.20
CA THR H 158 -31.99 36.56 2.12
C THR H 158 -33.40 37.14 2.32
N GLY H 159 -33.79 37.45 3.55
CA GLY H 159 -35.18 37.77 3.89
C GLY H 159 -36.05 36.54 4.11
N GLN H 160 -35.52 35.31 3.99
CA GLN H 160 -36.31 34.09 4.29
C GLN H 160 -36.36 33.88 5.80
N SER H 161 -37.43 33.24 6.28
CA SER H 161 -37.54 32.86 7.70
C SER H 161 -36.52 31.76 8.01
N ILE H 162 -36.13 31.69 9.28
CA ILE H 162 -35.25 30.61 9.83
C ILE H 162 -35.88 29.25 9.51
N GLU H 163 -37.21 29.13 9.65
CA GLU H 163 -37.90 27.83 9.44
C GLU H 163 -37.73 27.40 7.96
N LYS H 164 -37.85 28.35 7.03
CA LYS H 164 -37.75 28.00 5.60
C LYS H 164 -36.30 27.60 5.29
N ILE H 165 -35.32 28.32 5.83
CA ILE H 165 -33.89 28.03 5.55
C ILE H 165 -33.55 26.64 6.08
N GLN H 166 -34.01 26.33 7.28
CA GLN H 166 -33.79 25.01 7.92
C GLN H 166 -34.34 23.90 6.99
N LYS H 167 -35.59 24.01 6.56
CA LYS H 167 -36.23 22.99 5.69
C LYS H 167 -35.48 22.92 4.35
N ASP H 168 -35.09 24.04 3.77
CA ASP H 168 -34.53 24.10 2.41
C ASP H 168 -33.07 23.64 2.40
N THR H 169 -32.42 23.57 3.56
CA THR H 169 -31.00 23.15 3.65
C THR H 169 -30.89 21.76 4.26
N ASP H 170 -32.01 21.10 4.50
CA ASP H 170 -32.02 19.77 5.14
C ASP H 170 -31.19 18.80 4.28
N ARG H 171 -31.35 18.89 2.96
CA ARG H 171 -30.56 18.12 1.97
C ARG H 171 -29.98 19.07 0.94
N ASP H 172 -29.07 18.58 0.11
CA ASP H 172 -28.49 19.32 -1.02
C ASP H 172 -29.64 19.92 -1.83
N ASN H 173 -29.60 21.21 -2.03
CA ASN H 173 -30.64 21.97 -2.73
C ASN H 173 -29.96 22.82 -3.80
N PHE H 174 -30.12 22.41 -5.05
CA PHE H 174 -29.49 23.04 -6.23
C PHE H 174 -30.41 24.14 -6.77
N LEU H 175 -29.90 25.34 -6.95
CA LEU H 175 -30.66 26.47 -7.53
C LEU H 175 -29.99 26.96 -8.81
N THR H 176 -30.81 27.32 -9.78
CA THR H 176 -30.37 28.17 -10.93
C THR H 176 -30.11 29.59 -10.45
N ALA H 177 -29.44 30.39 -11.26
CA ALA H 177 -29.15 31.82 -10.97
C ALA H 177 -30.48 32.54 -10.67
N GLU H 178 -31.47 32.32 -11.52
CA GLU H 178 -32.81 32.95 -11.39
C GLU H 178 -33.43 32.50 -10.06
N GLU H 179 -33.38 31.23 -9.71
CA GLU H 179 -33.93 30.73 -8.42
C GLU H 179 -33.15 31.35 -7.25
N ALA H 180 -31.83 31.50 -7.37
CA ALA H 180 -31.01 32.11 -6.30
C ALA H 180 -31.50 33.55 -6.07
N LYS H 181 -31.86 34.22 -7.15
CA LYS H 181 -32.36 35.62 -7.05
C LYS H 181 -33.74 35.63 -6.36
N GLU H 182 -34.63 34.74 -6.76
CA GLU H 182 -35.97 34.59 -6.12
C GLU H 182 -35.79 34.29 -4.63
N TYR H 183 -34.78 33.50 -4.28
CA TYR H 183 -34.49 33.08 -2.89
C TYR H 183 -33.95 34.27 -2.07
N GLY H 184 -33.32 35.24 -2.71
CA GLY H 184 -32.67 36.36 -2.02
C GLY H 184 -31.19 36.09 -1.73
N LEU H 185 -30.60 35.07 -2.36
CA LEU H 185 -29.13 34.80 -2.22
C LEU H 185 -28.34 35.81 -3.05
N ILE H 186 -28.92 36.24 -4.16
CA ILE H 186 -28.34 37.32 -5.02
C ILE H 186 -29.43 38.36 -5.31
N ASP H 187 -29.03 39.52 -5.82
CA ASP H 187 -29.93 40.64 -6.18
C ASP H 187 -30.28 40.57 -7.66
N GLU H 188 -29.36 40.15 -8.54
CA GLU H 188 -29.59 40.20 -10.00
C GLU H 188 -28.82 39.07 -10.70
N VAL H 189 -29.42 38.56 -11.77
CA VAL H 189 -28.72 37.79 -12.82
C VAL H 189 -28.10 38.79 -13.81
N MET H 190 -26.77 38.80 -13.94
CA MET H 190 -26.05 39.63 -14.93
C MET H 190 -26.28 39.04 -16.32
N VAL H 191 -27.15 39.68 -17.08
CA VAL H 191 -27.39 39.37 -18.52
C VAL H 191 -26.24 39.97 -19.34
N PRO H 192 -25.89 39.34 -20.48
CA PRO H 192 -24.96 39.94 -21.43
C PRO H 192 -25.62 41.03 -22.30
N ILE I 4 7.82 24.26 -20.59
CA ILE I 4 7.13 25.36 -21.39
C ILE I 4 8.06 26.60 -21.45
N PRO I 5 8.47 27.06 -22.66
CA PRO I 5 9.60 28.00 -22.81
C PRO I 5 9.27 29.50 -22.82
N TYR I 18 8.64 36.68 -21.25
CA TYR I 18 7.36 36.00 -21.54
C TYR I 18 7.58 34.49 -21.72
N ASP I 19 6.77 33.66 -21.05
CA ASP I 19 6.56 32.25 -21.49
C ASP I 19 5.67 32.30 -22.76
N ILE I 20 5.61 31.19 -23.50
CA ILE I 20 5.04 31.22 -24.88
C ILE I 20 3.54 31.55 -24.79
N TYR I 21 2.85 31.05 -23.76
CA TYR I 21 1.40 31.24 -23.57
C TYR I 21 1.12 32.72 -23.29
N SER I 22 1.97 33.37 -22.50
CA SER I 22 1.84 34.81 -22.17
C SER I 22 2.06 35.66 -23.43
N ARG I 23 2.97 35.25 -24.30
CA ARG I 23 3.21 35.96 -25.59
C ARG I 23 1.97 35.79 -26.48
N LEU I 24 1.33 34.62 -26.50
CA LEU I 24 0.11 34.44 -27.33
C LEU I 24 -1.03 35.29 -26.73
N LEU I 25 -1.09 35.39 -25.40
CA LEU I 25 -2.16 36.16 -24.73
C LEU I 25 -2.04 37.64 -25.13
N LYS I 26 -0.81 38.12 -25.30
CA LYS I 26 -0.56 39.50 -25.80
C LYS I 26 -1.21 39.69 -27.17
N ASP I 27 -1.38 38.65 -27.98
CA ASP I 27 -2.10 38.73 -29.29
C ASP I 27 -3.54 38.23 -29.17
N ARG I 28 -4.10 38.20 -27.94
CA ARG I 28 -5.54 37.92 -27.69
C ARG I 28 -5.85 36.46 -28.02
N ILE I 29 -4.87 35.58 -27.85
CA ILE I 29 -5.03 34.11 -28.03
C ILE I 29 -5.00 33.47 -26.65
N ILE I 30 -6.08 32.76 -26.33
CA ILE I 30 -6.23 31.99 -25.06
C ILE I 30 -6.19 30.50 -25.41
N MET I 31 -5.39 29.75 -24.66
CA MET I 31 -5.29 28.28 -24.85
C MET I 31 -6.15 27.57 -23.80
N LEU I 32 -7.10 26.76 -24.27
CA LEU I 32 -7.78 25.72 -23.45
C LEU I 32 -7.24 24.37 -23.94
N GLY I 33 -6.17 23.89 -23.29
CA GLY I 33 -5.36 22.76 -23.79
C GLY I 33 -5.30 21.63 -22.77
N SER I 34 -6.28 21.54 -21.88
CA SER I 34 -6.31 20.49 -20.85
C SER I 34 -7.74 20.16 -20.47
N GLN I 35 -7.88 19.20 -19.57
CA GLN I 35 -9.14 18.91 -18.84
C GLN I 35 -9.67 20.19 -18.21
N ILE I 36 -10.97 20.39 -18.25
CA ILE I 36 -11.63 21.58 -17.66
C ILE I 36 -11.92 21.29 -16.17
N ASP I 37 -11.17 21.95 -15.29
CA ASP I 37 -11.52 21.98 -13.85
C ASP I 37 -11.63 23.44 -13.45
N ASP I 38 -11.90 23.68 -12.17
CA ASP I 38 -12.13 25.05 -11.63
C ASP I 38 -10.89 25.91 -11.87
N ASN I 39 -9.68 25.37 -11.68
CA ASN I 39 -8.43 26.14 -11.87
C ASN I 39 -8.30 26.60 -13.31
N VAL I 40 -8.49 25.68 -14.25
CA VAL I 40 -8.41 26.00 -15.70
C VAL I 40 -9.50 27.04 -16.04
N ALA I 41 -10.73 26.84 -15.57
CA ALA I 41 -11.84 27.77 -15.87
C ALA I 41 -11.52 29.16 -15.30
N ASN I 42 -11.01 29.22 -14.07
CA ASN I 42 -10.71 30.52 -13.42
C ASN I 42 -9.62 31.26 -14.17
N SER I 43 -8.61 30.53 -14.67
CA SER I 43 -7.55 31.10 -15.52
C SER I 43 -8.18 31.65 -16.81
N ILE I 44 -9.02 30.87 -17.47
CA ILE I 44 -9.63 31.30 -18.77
C ILE I 44 -10.54 32.51 -18.53
N VAL I 45 -11.36 32.48 -17.48
CA VAL I 45 -12.27 33.62 -17.13
C VAL I 45 -11.43 34.89 -16.94
N SER I 46 -10.33 34.79 -16.18
CA SER I 46 -9.44 35.94 -15.89
C SER I 46 -8.87 36.48 -17.20
N GLN I 47 -8.45 35.60 -18.09
CA GLN I 47 -7.85 36.00 -19.38
C GLN I 47 -8.90 36.72 -20.23
N LEU I 48 -10.14 36.20 -20.28
CA LEU I 48 -11.23 36.84 -21.05
C LEU I 48 -11.48 38.25 -20.49
N LEU I 49 -11.58 38.39 -19.17
CA LEU I 49 -11.87 39.70 -18.54
C LEU I 49 -10.71 40.67 -18.83
N PHE I 50 -9.48 40.20 -18.70
CA PHE I 50 -8.30 41.04 -18.96
C PHE I 50 -8.32 41.51 -20.42
N LEU I 51 -8.57 40.61 -21.35
CA LEU I 51 -8.53 40.98 -22.79
C LEU I 51 -9.65 41.98 -23.11
N GLN I 52 -10.83 41.82 -22.51
CA GLN I 52 -11.93 42.80 -22.72
C GLN I 52 -11.47 44.19 -22.22
N ALA I 53 -10.81 44.25 -21.06
CA ALA I 53 -10.33 45.53 -20.47
C ALA I 53 -9.27 46.17 -21.37
N GLN I 54 -8.40 45.39 -22.00
CA GLN I 54 -7.36 45.90 -22.92
C GLN I 54 -8.01 46.50 -24.17
N ASP I 55 -9.05 45.85 -24.69
CA ASP I 55 -9.70 46.26 -25.95
C ASP I 55 -11.06 45.56 -26.04
N SER I 56 -12.13 46.32 -25.95
CA SER I 56 -13.51 45.80 -25.88
C SER I 56 -14.03 45.48 -27.28
N GLU I 57 -13.27 45.75 -28.34
CA GLU I 57 -13.77 45.62 -29.74
C GLU I 57 -13.09 44.48 -30.50
N LYS I 58 -11.79 44.27 -30.27
CA LYS I 58 -11.02 43.30 -31.09
C LYS I 58 -11.37 41.87 -30.69
N ASP I 59 -11.44 40.99 -31.67
CA ASP I 59 -11.70 39.55 -31.50
C ASP I 59 -10.70 38.96 -30.52
N ILE I 60 -11.18 37.94 -29.80
CA ILE I 60 -10.35 37.02 -28.98
C ILE I 60 -10.37 35.67 -29.69
N TYR I 61 -9.25 34.94 -29.59
CA TYR I 61 -9.10 33.60 -30.20
C TYR I 61 -8.95 32.55 -29.09
N LEU I 62 -9.99 31.74 -28.90
CA LEU I 62 -9.98 30.62 -27.93
C LEU I 62 -9.67 29.33 -28.70
N TRP I 63 -8.48 28.82 -28.50
CA TRP I 63 -8.03 27.56 -29.12
C TRP I 63 -8.29 26.42 -28.15
N ILE I 64 -8.91 25.35 -28.65
CA ILE I 64 -9.48 24.28 -27.79
C ILE I 64 -8.84 22.96 -28.23
N ASN I 65 -8.14 22.35 -27.27
CA ASN I 65 -7.75 20.93 -27.32
C ASN I 65 -8.02 20.36 -25.92
N SER I 66 -9.20 19.80 -25.71
CA SER I 66 -9.70 19.43 -24.36
C SER I 66 -10.60 18.22 -24.44
N PRO I 67 -10.44 17.24 -23.52
CA PRO I 67 -11.37 16.12 -23.39
C PRO I 67 -12.63 16.47 -22.58
N GLY I 68 -12.79 17.73 -22.15
CA GLY I 68 -13.94 18.14 -21.34
C GLY I 68 -13.54 18.21 -19.88
N GLY I 69 -14.50 17.96 -18.99
CA GLY I 69 -14.32 18.04 -17.53
C GLY I 69 -15.57 18.59 -16.86
N SER I 70 -15.39 19.39 -15.83
CA SER I 70 -16.48 19.86 -14.96
C SER I 70 -17.48 20.69 -15.77
N VAL I 71 -18.76 20.37 -15.66
CA VAL I 71 -19.83 21.12 -16.35
C VAL I 71 -19.91 22.55 -15.78
N THR I 72 -19.84 22.72 -14.45
CA THR I 72 -19.97 24.07 -13.85
C THR I 72 -18.74 24.90 -14.24
N ALA I 73 -17.55 24.30 -14.27
CA ALA I 73 -16.33 25.01 -14.72
C ALA I 73 -16.51 25.44 -16.17
N GLY I 74 -17.00 24.54 -17.02
CA GLY I 74 -17.31 24.84 -18.43
C GLY I 74 -18.27 26.02 -18.54
N PHE I 75 -19.29 26.06 -17.67
CA PHE I 75 -20.31 27.15 -17.70
C PHE I 75 -19.70 28.45 -17.19
N ALA I 76 -18.69 28.43 -16.33
CA ALA I 76 -17.95 29.66 -15.93
C ALA I 76 -17.36 30.26 -17.20
N ILE I 77 -16.75 29.41 -18.03
CA ILE I 77 -16.12 29.87 -19.29
C ILE I 77 -17.21 30.34 -20.25
N TYR I 78 -18.23 29.51 -20.46
CA TYR I 78 -19.34 29.81 -21.39
C TYR I 78 -19.94 31.19 -21.07
N ASP I 79 -20.36 31.41 -19.82
CA ASP I 79 -21.06 32.65 -19.44
C ASP I 79 -20.10 33.84 -19.58
N THR I 80 -18.82 33.64 -19.29
CA THR I 80 -17.86 34.76 -19.40
C THR I 80 -17.71 35.13 -20.87
N ILE I 81 -17.64 34.13 -21.77
CA ILE I 81 -17.61 34.40 -23.23
C ILE I 81 -18.83 35.24 -23.60
N GLN I 82 -20.04 34.83 -23.23
CA GLN I 82 -21.26 35.53 -23.70
C GLN I 82 -21.33 36.91 -23.05
N HIS I 83 -20.75 37.07 -21.86
CA HIS I 83 -20.86 38.33 -21.08
C HIS I 83 -20.04 39.44 -21.74
N ILE I 84 -18.82 39.15 -22.19
CA ILE I 84 -17.87 40.21 -22.63
C ILE I 84 -18.29 40.71 -24.01
N LYS I 85 -17.83 41.89 -24.39
CA LYS I 85 -18.23 42.55 -25.65
C LYS I 85 -17.49 41.96 -26.85
N PRO I 86 -16.18 41.68 -26.80
CA PRO I 86 -15.51 41.11 -27.97
C PRO I 86 -16.11 39.78 -28.38
N ASP I 87 -16.16 39.54 -29.69
CA ASP I 87 -16.41 38.19 -30.25
C ASP I 87 -15.26 37.28 -29.79
N VAL I 88 -15.61 36.06 -29.40
CA VAL I 88 -14.61 35.01 -29.08
C VAL I 88 -14.69 33.97 -30.17
N GLN I 89 -13.68 33.93 -31.02
CA GLN I 89 -13.55 32.86 -32.04
C GLN I 89 -13.17 31.57 -31.29
N THR I 90 -13.64 30.43 -31.77
CA THR I 90 -13.18 29.12 -31.25
C THR I 90 -12.53 28.34 -32.38
N ILE I 91 -11.41 27.71 -32.07
CA ILE I 91 -10.66 26.88 -33.04
C ILE I 91 -10.33 25.56 -32.36
N CYS I 92 -10.88 24.46 -32.88
CA CYS I 92 -10.58 23.11 -32.37
C CYS I 92 -9.34 22.56 -33.06
N ILE I 93 -8.31 22.23 -32.26
CA ILE I 93 -7.10 21.53 -32.76
C ILE I 93 -6.88 20.31 -31.90
N GLY I 94 -6.82 19.12 -32.52
CA GLY I 94 -6.67 17.85 -31.81
C GLY I 94 -8.03 17.30 -31.45
N MET I 95 -8.61 17.73 -30.32
CA MET I 95 -9.90 17.17 -29.86
C MET I 95 -10.69 18.19 -29.05
N ALA I 96 -12.00 18.23 -29.25
CA ALA I 96 -12.95 18.90 -28.35
C ALA I 96 -14.01 17.86 -27.99
N ALA I 97 -13.94 17.30 -26.79
CA ALA I 97 -14.91 16.28 -26.33
C ALA I 97 -15.74 16.86 -25.18
N SER I 98 -17.00 16.47 -25.13
CA SER I 98 -17.90 16.75 -23.98
C SER I 98 -17.99 18.25 -23.76
N MET I 99 -17.69 18.77 -22.57
CA MET I 99 -17.75 20.24 -22.31
C MET I 99 -16.82 20.98 -23.27
N GLY I 100 -15.74 20.35 -23.72
CA GLY I 100 -14.86 20.92 -24.74
C GLY I 100 -15.62 21.24 -26.02
N SER I 101 -16.43 20.32 -26.49
CA SER I 101 -17.21 20.52 -27.74
C SER I 101 -18.33 21.54 -27.48
N PHE I 102 -18.87 21.57 -26.27
CA PHE I 102 -19.90 22.56 -25.88
C PHE I 102 -19.30 23.97 -26.05
N LEU I 103 -18.07 24.17 -25.54
CA LEU I 103 -17.41 25.50 -25.61
C LEU I 103 -17.01 25.82 -27.05
N LEU I 104 -16.61 24.83 -27.84
CA LEU I 104 -16.33 25.02 -29.29
C LEU I 104 -17.58 25.62 -29.97
N ALA I 105 -18.75 25.04 -29.70
CA ALA I 105 -20.04 25.49 -30.27
C ALA I 105 -20.45 26.87 -29.72
N ALA I 106 -19.81 27.36 -28.65
CA ALA I 106 -20.22 28.60 -27.96
C ALA I 106 -19.50 29.83 -28.52
N GLY I 107 -18.58 29.64 -29.48
CA GLY I 107 -17.84 30.75 -30.10
C GLY I 107 -18.78 31.67 -30.88
N ALA I 108 -18.33 32.86 -31.22
CA ALA I 108 -19.14 33.85 -31.97
C ALA I 108 -19.61 33.21 -33.28
N LYS I 109 -20.88 33.45 -33.62
CA LYS I 109 -21.53 32.93 -34.84
C LYS I 109 -20.71 33.32 -36.07
N GLY I 110 -20.38 32.35 -36.92
CA GLY I 110 -19.51 32.55 -38.09
C GLY I 110 -18.03 32.44 -37.76
N LYS I 111 -17.63 32.32 -36.49
CA LYS I 111 -16.18 32.30 -36.14
C LYS I 111 -15.85 31.08 -35.26
N ARG I 112 -16.51 29.95 -35.53
CA ARG I 112 -16.22 28.66 -34.88
C ARG I 112 -15.58 27.76 -35.93
N PHE I 113 -14.36 27.29 -35.65
CA PHE I 113 -13.54 26.56 -36.63
C PHE I 113 -13.02 25.25 -36.04
N ALA I 114 -12.65 24.33 -36.92
CA ALA I 114 -11.82 23.17 -36.57
C ALA I 114 -10.79 22.98 -37.69
N LEU I 115 -9.58 22.54 -37.35
CA LEU I 115 -8.61 22.09 -38.36
C LEU I 115 -9.06 20.71 -38.85
N PRO I 116 -8.66 20.31 -40.08
CA PRO I 116 -9.30 19.21 -40.78
C PRO I 116 -9.28 17.85 -40.06
N ASN I 117 -8.26 17.57 -39.26
CA ASN I 117 -8.12 16.25 -38.60
C ASN I 117 -8.53 16.32 -37.13
N ALA I 118 -9.06 17.46 -36.69
CA ALA I 118 -9.53 17.62 -35.31
C ALA I 118 -10.77 16.73 -35.10
N GLU I 119 -10.92 16.20 -33.90
CA GLU I 119 -12.06 15.33 -33.54
C GLU I 119 -12.98 16.11 -32.60
N VAL I 120 -14.27 15.93 -32.80
CA VAL I 120 -15.30 16.51 -31.89
C VAL I 120 -16.11 15.33 -31.37
N MET I 121 -16.34 15.28 -30.06
CA MET I 121 -17.18 14.22 -29.49
C MET I 121 -18.23 14.86 -28.59
N ILE I 122 -19.47 14.44 -28.77
CA ILE I 122 -20.61 14.88 -27.93
C ILE I 122 -21.19 13.66 -27.23
N HIS I 123 -21.67 13.83 -26.02
CA HIS I 123 -22.28 12.75 -25.19
C HIS I 123 -22.99 13.40 -24.01
N GLN I 124 -23.75 12.61 -23.27
CA GLN I 124 -24.49 13.13 -22.10
C GLN I 124 -23.53 13.26 -20.91
N PRO I 125 -23.87 14.13 -19.94
CA PRO I 125 -23.03 14.36 -18.76
C PRO I 125 -22.90 13.09 -17.91
N LEU I 126 -21.77 12.97 -17.21
CA LEU I 126 -21.42 11.85 -16.33
C LEU I 126 -21.43 12.32 -14.88
N GLY I 127 -21.77 11.44 -13.95
CA GLY I 127 -21.66 11.76 -12.52
C GLY I 127 -21.89 10.55 -11.67
N GLY I 128 -22.18 10.79 -10.42
CA GLY I 128 -22.22 9.76 -9.37
C GLY I 128 -23.10 10.22 -8.24
N ALA I 129 -23.53 9.29 -7.41
CA ALA I 129 -24.40 9.53 -6.26
C ALA I 129 -24.36 8.28 -5.40
N GLN I 130 -24.22 8.49 -4.09
CA GLN I 130 -24.20 7.42 -3.07
C GLN I 130 -25.01 7.93 -1.88
N GLY I 131 -25.65 7.01 -1.16
CA GLY I 131 -26.36 7.31 0.10
C GLY I 131 -27.81 6.86 0.06
N GLN I 132 -28.66 7.62 0.75
CA GLN I 132 -30.09 7.30 0.91
C GLN I 132 -30.80 7.48 -0.45
N ALA I 133 -31.89 6.74 -0.64
CA ALA I 133 -32.78 6.86 -1.80
C ALA I 133 -33.07 8.33 -2.11
N THR I 134 -33.41 9.16 -1.12
CA THR I 134 -33.76 10.57 -1.41
C THR I 134 -32.52 11.37 -1.85
N GLU I 135 -31.33 11.05 -1.36
CA GLU I 135 -30.08 11.70 -1.84
C GLU I 135 -29.84 11.29 -3.29
N ILE I 136 -30.06 10.02 -3.62
CA ILE I 136 -29.84 9.56 -5.02
C ILE I 136 -30.85 10.27 -5.92
N GLU I 137 -32.07 10.47 -5.44
CA GLU I 137 -33.14 11.15 -6.22
C GLU I 137 -32.71 12.60 -6.51
N ILE I 138 -32.22 13.31 -5.49
CA ILE I 138 -31.75 14.71 -5.65
C ILE I 138 -30.62 14.75 -6.69
N ALA I 139 -29.64 13.84 -6.60
CA ALA I 139 -28.49 13.84 -7.53
C ALA I 139 -28.99 13.53 -8.96
N ALA I 140 -29.92 12.58 -9.11
CA ALA I 140 -30.47 12.22 -10.43
C ALA I 140 -31.21 13.43 -11.02
N ASN I 141 -32.09 14.08 -10.24
CA ASN I 141 -32.86 15.25 -10.75
C ASN I 141 -31.88 16.32 -11.21
N HIS I 142 -30.84 16.58 -10.43
CA HIS I 142 -29.88 17.65 -10.75
C HIS I 142 -29.14 17.33 -12.07
N ILE I 143 -28.66 16.11 -12.26
CA ILE I 143 -27.87 15.80 -13.49
C ILE I 143 -28.81 15.78 -14.69
N LEU I 144 -30.08 15.38 -14.54
CA LEU I 144 -31.05 15.45 -15.66
C LEU I 144 -31.34 16.91 -16.03
N LYS I 145 -31.47 17.79 -15.05
CA LYS I 145 -31.69 19.23 -15.31
C LYS I 145 -30.45 19.82 -16.00
N THR I 146 -29.27 19.41 -15.56
CA THR I 146 -28.00 19.87 -16.18
C THR I 146 -27.99 19.44 -17.66
N ARG I 147 -28.39 18.21 -17.95
CA ARG I 147 -28.44 17.72 -19.34
C ARG I 147 -29.45 18.52 -20.17
N GLU I 148 -30.64 18.80 -19.62
CA GLU I 148 -31.68 19.61 -20.32
C GLU I 148 -31.07 20.98 -20.66
N LYS I 149 -30.36 21.57 -19.70
CA LYS I 149 -29.75 22.92 -19.90
C LYS I 149 -28.71 22.85 -21.03
N LEU I 150 -27.79 21.88 -20.99
CA LEU I 150 -26.75 21.73 -22.03
C LEU I 150 -27.41 21.53 -23.40
N ASN I 151 -28.41 20.66 -23.46
CA ASN I 151 -29.05 20.30 -24.76
C ASN I 151 -29.81 21.50 -25.35
N ARG I 152 -30.49 22.27 -24.50
CA ARG I 152 -31.23 23.48 -24.95
C ARG I 152 -30.23 24.45 -25.58
N ILE I 153 -29.12 24.73 -24.90
CA ILE I 153 -28.13 25.72 -25.42
C ILE I 153 -27.51 25.16 -26.71
N LEU I 154 -27.21 23.87 -26.74
CA LEU I 154 -26.61 23.24 -27.96
C LEU I 154 -27.60 23.36 -29.13
N SER I 155 -28.90 23.18 -28.85
CA SER I 155 -29.99 23.36 -29.85
C SER I 155 -29.93 24.78 -30.43
N GLU I 156 -29.91 25.78 -29.56
CA GLU I 156 -29.85 27.20 -29.97
C GLU I 156 -28.58 27.44 -30.81
N ARG I 157 -27.43 26.84 -30.45
CA ARG I 157 -26.15 27.23 -31.11
C ARG I 157 -25.92 26.42 -32.38
N THR I 158 -26.54 25.25 -32.52
CA THR I 158 -26.34 24.37 -33.70
C THR I 158 -27.48 24.53 -34.70
N GLY I 159 -28.68 24.92 -34.24
CA GLY I 159 -29.88 24.88 -35.08
C GLY I 159 -30.56 23.51 -35.09
N GLN I 160 -30.02 22.49 -34.39
CA GLN I 160 -30.68 21.17 -34.32
C GLN I 160 -31.79 21.23 -33.26
N SER I 161 -32.81 20.41 -33.40
CA SER I 161 -33.88 20.29 -32.39
C SER I 161 -33.32 19.66 -31.11
N ILE I 162 -33.95 19.96 -29.99
CA ILE I 162 -33.66 19.38 -28.67
C ILE I 162 -33.76 17.85 -28.76
N GLU I 163 -34.76 17.33 -29.50
CA GLU I 163 -35.01 15.87 -29.59
C GLU I 163 -33.83 15.23 -30.32
N LYS I 164 -33.32 15.88 -31.37
CA LYS I 164 -32.20 15.29 -32.13
C LYS I 164 -30.94 15.30 -31.25
N ILE I 165 -30.68 16.38 -30.52
CA ILE I 165 -29.48 16.48 -29.66
C ILE I 165 -29.53 15.41 -28.57
N GLN I 166 -30.70 15.22 -27.96
CA GLN I 166 -30.92 14.16 -26.94
C GLN I 166 -30.53 12.80 -27.51
N LYS I 167 -31.09 12.43 -28.66
CA LYS I 167 -30.82 11.13 -29.32
C LYS I 167 -29.33 11.02 -29.65
N ASP I 168 -28.72 12.08 -30.19
CA ASP I 168 -27.34 12.05 -30.73
C ASP I 168 -26.31 12.08 -29.58
N THR I 169 -26.71 12.41 -28.35
CA THR I 169 -25.78 12.47 -27.20
C THR I 169 -26.04 11.31 -26.24
N ASP I 170 -26.93 10.40 -26.61
CA ASP I 170 -27.30 9.28 -25.71
C ASP I 170 -26.04 8.47 -25.38
N ARG I 171 -25.18 8.25 -26.36
CA ARG I 171 -23.86 7.58 -26.21
C ARG I 171 -22.80 8.47 -26.84
N ASP I 172 -21.53 8.13 -26.61
CA ASP I 172 -20.37 8.80 -27.23
C ASP I 172 -20.60 8.85 -28.73
N ASN I 173 -20.53 10.06 -29.27
CA ASN I 173 -20.79 10.32 -30.69
C ASN I 173 -19.59 11.12 -31.23
N PHE I 174 -18.75 10.45 -32.01
CA PHE I 174 -17.50 11.01 -32.58
C PHE I 174 -17.82 11.64 -33.93
N LEU I 175 -17.43 12.90 -34.13
CA LEU I 175 -17.59 13.59 -35.42
C LEU I 175 -16.22 14.01 -35.95
N THR I 176 -16.07 13.91 -37.27
CA THR I 176 -14.97 14.60 -38.00
C THR I 176 -15.25 16.10 -38.01
N ALA I 177 -14.25 16.91 -38.35
CA ALA I 177 -14.38 18.37 -38.48
C ALA I 177 -15.54 18.70 -39.44
N GLU I 178 -15.54 18.04 -40.59
CA GLU I 178 -16.57 18.24 -41.64
C GLU I 178 -17.95 17.88 -41.05
N GLU I 179 -18.08 16.76 -40.34
CA GLU I 179 -19.38 16.37 -39.73
C GLU I 179 -19.78 17.41 -38.66
N ALA I 180 -18.83 17.93 -37.88
CA ALA I 180 -19.13 18.95 -36.86
C ALA I 180 -19.72 20.18 -37.55
N LYS I 181 -19.20 20.52 -38.73
CA LYS I 181 -19.68 21.68 -39.50
C LYS I 181 -21.11 21.39 -40.00
N GLU I 182 -21.35 20.22 -40.56
CA GLU I 182 -22.71 19.82 -41.02
C GLU I 182 -23.69 19.86 -39.86
N TYR I 183 -23.24 19.48 -38.67
CA TYR I 183 -24.08 19.43 -37.44
C TYR I 183 -24.40 20.86 -36.96
N GLY I 184 -23.56 21.84 -37.27
CA GLY I 184 -23.72 23.22 -36.77
C GLY I 184 -22.93 23.46 -35.49
N LEU I 185 -21.99 22.58 -35.12
CA LEU I 185 -21.12 22.79 -33.95
C LEU I 185 -20.03 23.81 -34.29
N ILE I 186 -19.61 23.85 -35.53
CA ILE I 186 -18.65 24.86 -36.06
C ILE I 186 -19.22 25.45 -37.36
N ASP I 187 -18.64 26.55 -37.81
CA ASP I 187 -19.06 27.24 -39.06
C ASP I 187 -18.18 26.81 -40.23
N GLU I 188 -16.90 26.54 -40.01
CA GLU I 188 -15.96 26.23 -41.12
C GLU I 188 -14.86 25.28 -40.64
N VAL I 189 -14.41 24.42 -41.54
CA VAL I 189 -13.11 23.71 -41.48
C VAL I 189 -12.05 24.64 -42.06
N MET I 190 -11.05 25.04 -41.26
CA MET I 190 -9.89 25.83 -41.74
C MET I 190 -8.97 24.93 -42.57
N VAL I 191 -9.09 24.98 -43.89
CA VAL I 191 -8.22 24.16 -44.79
C VAL I 191 -6.87 24.86 -44.95
N PRO I 192 -5.77 24.09 -45.12
CA PRO I 192 -4.50 24.64 -45.61
C PRO I 192 -4.49 24.70 -47.15
N ILE J 4 18.15 21.63 -16.20
CA ILE J 4 17.99 22.34 -17.51
C ILE J 4 18.63 23.72 -17.41
N PRO J 5 19.70 24.00 -18.19
CA PRO J 5 20.42 25.27 -18.08
C PRO J 5 19.74 26.49 -18.74
N ALA J 17 18.62 36.12 -20.13
CA ALA J 17 18.00 35.27 -19.07
C ALA J 17 17.09 34.17 -19.69
N TYR J 18 17.68 33.27 -20.46
CA TYR J 18 16.96 32.27 -21.29
C TYR J 18 17.56 30.88 -21.10
N ASP J 19 16.67 29.90 -20.98
CA ASP J 19 17.01 28.46 -20.97
C ASP J 19 17.40 28.06 -22.41
N ILE J 20 18.02 26.88 -22.55
CA ILE J 20 18.66 26.45 -23.81
C ILE J 20 17.58 26.34 -24.90
N TYR J 21 16.39 25.86 -24.57
CA TYR J 21 15.27 25.63 -25.51
C TYR J 21 14.81 26.98 -26.07
N SER J 22 14.75 28.03 -25.24
CA SER J 22 14.34 29.36 -25.73
C SER J 22 15.35 29.94 -26.71
N ARG J 23 16.65 29.69 -26.44
CA ARG J 23 17.73 30.15 -27.39
C ARG J 23 17.60 29.35 -28.71
N LEU J 24 17.29 28.08 -28.66
CA LEU J 24 17.15 27.27 -29.92
C LEU J 24 15.90 27.75 -30.68
N LEU J 25 14.85 28.10 -29.95
CA LEU J 25 13.59 28.59 -30.57
C LEU J 25 13.86 29.89 -31.33
N LYS J 26 14.74 30.71 -30.81
CA LYS J 26 15.19 31.95 -31.51
C LYS J 26 15.81 31.60 -32.87
N ASP J 27 16.37 30.41 -33.06
CA ASP J 27 16.87 29.94 -34.39
C ASP J 27 15.85 29.03 -35.09
N ARG J 28 14.58 29.07 -34.67
CA ARG J 28 13.44 28.38 -35.34
C ARG J 28 13.61 26.86 -35.19
N ILE J 29 14.21 26.42 -34.08
CA ILE J 29 14.38 24.99 -33.74
C ILE J 29 13.43 24.67 -32.60
N ILE J 30 12.54 23.70 -32.86
CA ILE J 30 11.59 23.19 -31.85
C ILE J 30 12.03 21.76 -31.49
N MET J 31 12.13 21.48 -30.21
CA MET J 31 12.61 20.14 -29.74
C MET J 31 11.43 19.33 -29.23
N LEU J 32 11.13 18.20 -29.85
CA LEU J 32 10.09 17.24 -29.36
C LEU J 32 10.86 16.00 -28.89
N GLY J 33 11.14 15.95 -27.58
CA GLY J 33 11.96 14.91 -26.95
C GLY J 33 11.20 14.09 -25.92
N SER J 34 9.88 13.97 -26.03
CA SER J 34 9.13 13.17 -25.02
C SER J 34 7.91 12.50 -25.63
N GLN J 35 7.21 11.75 -24.81
CA GLN J 35 5.85 11.23 -25.10
C GLN J 35 4.97 12.39 -25.55
N ILE J 36 4.10 12.15 -26.53
CA ILE J 36 3.15 13.17 -27.01
C ILE J 36 1.88 13.09 -26.15
N ASP J 37 1.67 14.10 -25.32
CA ASP J 37 0.38 14.30 -24.63
C ASP J 37 -0.12 15.69 -25.00
N ASP J 38 -1.25 16.07 -24.45
CA ASP J 38 -1.92 17.37 -24.74
C ASP J 38 -0.97 18.52 -24.38
N ASN J 39 -0.25 18.44 -23.25
CA ASN J 39 0.65 19.52 -22.80
C ASN J 39 1.77 19.71 -23.80
N VAL J 40 2.41 18.62 -24.20
CA VAL J 40 3.52 18.66 -25.20
C VAL J 40 2.96 19.21 -26.52
N ALA J 41 1.82 18.72 -26.98
CA ALA J 41 1.20 19.17 -28.26
C ALA J 41 0.89 20.67 -28.18
N ASN J 42 0.35 21.14 -27.07
CA ASN J 42 -0.03 22.55 -26.92
C ASN J 42 1.21 23.44 -26.94
N SER J 43 2.30 22.98 -26.32
CA SER J 43 3.60 23.67 -26.36
C SER J 43 4.09 23.73 -27.81
N ILE J 44 4.06 22.61 -28.54
CA ILE J 44 4.59 22.57 -29.93
C ILE J 44 3.73 23.46 -30.83
N VAL J 45 2.40 23.37 -30.69
CA VAL J 45 1.46 24.20 -31.50
C VAL J 45 1.79 25.69 -31.26
N SER J 46 1.95 26.09 -30.00
CA SER J 46 2.25 27.50 -29.63
C SER J 46 3.56 27.93 -30.29
N GLN J 47 4.57 27.07 -30.26
CA GLN J 47 5.89 27.40 -30.84
C GLN J 47 5.77 27.56 -32.35
N LEU J 48 5.04 26.67 -33.02
CA LEU J 48 4.82 26.79 -34.48
C LEU J 48 4.11 28.12 -34.80
N LEU J 49 3.06 28.46 -34.08
CA LEU J 49 2.29 29.71 -34.32
C LEU J 49 3.20 30.92 -34.09
N PHE J 50 3.95 30.91 -33.00
CA PHE J 50 4.88 32.00 -32.65
C PHE J 50 5.90 32.18 -33.78
N LEU J 51 6.51 31.08 -34.24
CA LEU J 51 7.56 31.16 -35.28
C LEU J 51 6.96 31.68 -36.59
N GLN J 52 5.74 31.27 -36.94
CA GLN J 52 5.08 31.79 -38.16
C GLN J 52 4.90 33.32 -38.03
N ALA J 53 4.49 33.81 -36.86
CA ALA J 53 4.28 35.25 -36.60
C ALA J 53 5.60 36.02 -36.71
N GLN J 54 6.71 35.44 -36.25
CA GLN J 54 8.06 36.07 -36.33
C GLN J 54 8.49 36.19 -37.78
N ASP J 55 8.22 35.16 -38.58
CA ASP J 55 8.68 35.11 -40.00
C ASP J 55 7.90 34.00 -40.71
N SER J 56 7.05 34.39 -41.65
CA SER J 56 6.13 33.47 -42.34
C SER J 56 6.84 32.74 -43.48
N GLU J 57 8.11 33.05 -43.75
CA GLU J 57 8.83 32.50 -44.95
C GLU J 57 9.93 31.53 -44.56
N LYS J 58 10.65 31.76 -43.46
CA LYS J 58 11.84 30.95 -43.13
C LYS J 58 11.41 29.57 -42.60
N ASP J 59 12.16 28.56 -42.96
CA ASP J 59 11.99 27.16 -42.49
C ASP J 59 12.00 27.13 -40.96
N ILE J 60 11.24 26.18 -40.43
CA ILE J 60 11.26 25.74 -39.01
C ILE J 60 11.90 24.35 -38.97
N TYR J 61 12.63 24.05 -37.90
CA TYR J 61 13.33 22.75 -37.70
C TYR J 61 12.73 22.03 -36.50
N LEU J 62 11.95 20.98 -36.75
CA LEU J 62 11.34 20.14 -35.69
C LEU J 62 12.20 18.89 -35.53
N TRP J 63 12.91 18.82 -34.42
CA TRP J 63 13.73 17.66 -34.04
C TRP J 63 12.87 16.69 -33.19
N ILE J 64 12.86 15.41 -33.53
CA ILE J 64 11.91 14.42 -32.97
C ILE J 64 12.70 13.26 -32.37
N ASN J 65 12.51 13.07 -31.07
CA ASN J 65 12.89 11.86 -30.32
C ASN J 65 11.70 11.55 -29.41
N SER J 66 10.79 10.69 -29.89
CA SER J 66 9.50 10.44 -29.21
C SER J 66 9.06 9.01 -29.38
N PRO J 67 8.57 8.36 -28.31
CA PRO J 67 7.93 7.04 -28.42
C PRO J 67 6.47 7.12 -28.88
N GLY J 68 5.94 8.30 -29.18
CA GLY J 68 4.55 8.49 -29.59
C GLY J 68 3.71 8.96 -28.42
N GLY J 69 2.43 8.58 -28.38
CA GLY J 69 1.46 9.05 -27.39
C GLY J 69 0.10 9.31 -28.04
N SER J 70 -0.59 10.32 -27.57
CA SER J 70 -2.00 10.58 -27.90
C SER J 70 -2.14 10.86 -29.40
N VAL J 71 -3.06 10.18 -30.07
CA VAL J 71 -3.33 10.40 -31.51
C VAL J 71 -3.90 11.82 -31.71
N THR J 72 -4.85 12.27 -30.87
CA THR J 72 -5.49 13.59 -31.05
C THR J 72 -4.43 14.67 -30.79
N ALA J 73 -3.56 14.50 -29.79
CA ALA J 73 -2.47 15.45 -29.53
C ALA J 73 -1.53 15.50 -30.75
N GLY J 74 -1.18 14.34 -31.29
CA GLY J 74 -0.38 14.25 -32.53
C GLY J 74 -1.04 15.02 -33.67
N PHE J 75 -2.36 14.91 -33.81
CA PHE J 75 -3.11 15.59 -34.90
C PHE J 75 -3.18 17.10 -34.65
N ALA J 76 -3.14 17.56 -33.40
CA ALA J 76 -3.03 19.00 -33.12
C ALA J 76 -1.73 19.51 -33.76
N ILE J 77 -0.64 18.77 -33.57
CA ILE J 77 0.67 19.15 -34.13
C ILE J 77 0.61 19.04 -35.66
N TYR J 78 0.14 17.91 -36.16
CA TYR J 78 0.07 17.64 -37.62
C TYR J 78 -0.67 18.78 -38.32
N ASP J 79 -1.89 19.10 -37.88
CA ASP J 79 -2.72 20.11 -38.58
C ASP J 79 -2.07 21.48 -38.46
N THR J 80 -1.40 21.78 -37.33
CA THR J 80 -0.76 23.10 -37.16
C THR J 80 0.40 23.20 -38.15
N ILE J 81 1.19 22.13 -38.30
CA ILE J 81 2.27 22.10 -39.32
C ILE J 81 1.67 22.41 -40.69
N GLN J 82 0.61 21.71 -41.11
CA GLN J 82 0.10 21.87 -42.49
C GLN J 82 -0.53 23.26 -42.63
N HIS J 83 -1.03 23.84 -41.54
CA HIS J 83 -1.75 25.12 -41.57
C HIS J 83 -0.80 26.29 -41.83
N ILE J 84 0.36 26.32 -41.19
CA ILE J 84 1.26 27.50 -41.22
C ILE J 84 1.98 27.55 -42.56
N LYS J 85 2.48 28.74 -42.90
CA LYS J 85 3.10 28.99 -44.23
C LYS J 85 4.53 28.44 -44.28
N PRO J 86 5.38 28.62 -43.26
CA PRO J 86 6.74 28.08 -43.33
C PRO J 86 6.75 26.56 -43.52
N ASP J 87 7.72 26.08 -44.31
CA ASP J 87 8.07 24.65 -44.31
C ASP J 87 8.55 24.25 -42.93
N VAL J 88 8.13 23.10 -42.43
CA VAL J 88 8.63 22.50 -41.16
C VAL J 88 9.48 21.30 -41.55
N GLN J 89 10.79 21.42 -41.41
CA GLN J 89 11.71 20.28 -41.56
C GLN J 89 11.52 19.38 -40.35
N THR J 90 11.65 18.07 -40.55
CA THR J 90 11.63 17.10 -39.43
C THR J 90 12.94 16.34 -39.45
N ILE J 91 13.52 16.16 -38.27
CA ILE J 91 14.81 15.44 -38.08
C ILE J 91 14.63 14.44 -36.94
N CYS J 92 14.71 13.16 -37.25
CA CYS J 92 14.60 12.08 -36.25
C CYS J 92 15.98 11.80 -35.64
N ILE J 93 16.08 11.92 -34.33
CA ILE J 93 17.26 11.47 -33.54
C ILE J 93 16.80 10.57 -32.43
N GLY J 94 17.47 9.44 -32.26
CA GLY J 94 17.15 8.39 -31.25
C GLY J 94 16.03 7.49 -31.76
N MET J 95 14.78 7.91 -31.57
CA MET J 95 13.61 7.14 -32.01
C MET J 95 12.45 8.07 -32.40
N ALA J 96 11.72 7.70 -33.42
CA ALA J 96 10.36 8.21 -33.72
C ALA J 96 9.45 6.99 -33.85
N ALA J 97 8.66 6.72 -32.84
CA ALA J 97 7.74 5.55 -32.81
C ALA J 97 6.30 6.06 -32.82
N SER J 98 5.43 5.31 -33.50
CA SER J 98 3.96 5.50 -33.46
C SER J 98 3.62 6.93 -33.93
N MET J 99 2.92 7.72 -33.16
CA MET J 99 2.57 9.11 -33.55
C MET J 99 3.84 9.91 -33.79
N GLY J 100 4.94 9.57 -33.14
CA GLY J 100 6.24 10.21 -33.40
C GLY J 100 6.67 10.02 -34.85
N SER J 101 6.54 8.81 -35.38
CA SER J 101 6.93 8.52 -36.79
C SER J 101 5.91 9.16 -37.73
N PHE J 102 4.64 9.25 -37.32
CA PHE J 102 3.60 9.93 -38.12
C PHE J 102 4.03 11.39 -38.33
N LEU J 103 4.46 12.06 -37.26
CA LEU J 103 4.85 13.49 -37.34
C LEU J 103 6.17 13.64 -38.10
N LEU J 104 7.10 12.69 -37.99
CA LEU J 104 8.35 12.69 -38.80
C LEU J 104 7.96 12.71 -40.29
N ALA J 105 7.02 11.85 -40.69
CA ALA J 105 6.56 11.74 -42.08
C ALA J 105 5.77 12.98 -42.52
N ALA J 106 5.36 13.85 -41.58
CA ALA J 106 4.48 15.00 -41.87
C ALA J 106 5.29 16.26 -42.20
N GLY J 107 6.62 16.21 -42.13
CA GLY J 107 7.49 17.35 -42.44
C GLY J 107 7.39 17.74 -43.90
N ALA J 108 7.85 18.93 -44.26
CA ALA J 108 7.80 19.44 -45.65
C ALA J 108 8.49 18.44 -46.58
N LYS J 109 7.87 18.19 -47.73
CA LYS J 109 8.38 17.26 -48.77
C LYS J 109 9.82 17.65 -49.14
N GLY J 110 10.73 16.70 -49.11
CA GLY J 110 12.16 16.92 -49.36
C GLY J 110 12.91 17.35 -48.11
N LYS J 111 12.25 17.62 -46.98
CA LYS J 111 12.95 18.13 -45.77
C LYS J 111 12.62 17.27 -44.53
N ARG J 112 12.46 15.97 -44.73
CA ARG J 112 12.28 14.99 -43.64
C ARG J 112 13.55 14.16 -43.56
N PHE J 113 14.20 14.17 -42.41
CA PHE J 113 15.54 13.56 -42.22
C PHE J 113 15.55 12.62 -41.02
N ALA J 114 16.49 11.69 -41.01
CA ALA J 114 16.89 10.95 -39.80
C ALA J 114 18.40 10.89 -39.76
N LEU J 115 18.98 10.97 -38.57
CA LEU J 115 20.42 10.73 -38.40
C LEU J 115 20.62 9.21 -38.49
N PRO J 116 21.85 8.76 -38.88
CA PRO J 116 22.05 7.39 -39.35
C PRO J 116 21.64 6.27 -38.39
N ASN J 117 21.72 6.51 -37.07
CA ASN J 117 21.47 5.46 -36.05
C ASN J 117 20.08 5.62 -35.44
N ALA J 118 19.30 6.60 -35.91
CA ALA J 118 17.92 6.79 -35.41
C ALA J 118 17.04 5.61 -35.84
N GLU J 119 16.09 5.24 -35.01
CA GLU J 119 15.08 4.21 -35.30
C GLU J 119 13.74 4.88 -35.56
N VAL J 120 13.01 4.28 -36.48
CA VAL J 120 11.60 4.65 -36.79
C VAL J 120 10.76 3.39 -36.56
N MET J 121 9.68 3.51 -35.82
CA MET J 121 8.78 2.35 -35.59
C MET J 121 7.36 2.80 -35.94
N ILE J 122 6.70 1.96 -36.70
CA ILE J 122 5.28 2.13 -37.08
C ILE J 122 4.49 0.94 -36.53
N HIS J 123 3.26 1.21 -36.09
CA HIS J 123 2.35 0.19 -35.55
C HIS J 123 0.94 0.79 -35.53
N GLN J 124 -0.07 -0.04 -35.26
CA GLN J 124 -1.46 0.43 -35.24
C GLN J 124 -1.72 1.12 -33.91
N PRO J 125 -2.76 1.99 -33.87
CA PRO J 125 -3.13 2.70 -32.65
C PRO J 125 -3.56 1.75 -31.54
N LEU J 126 -3.33 2.18 -30.29
CA LEU J 126 -3.67 1.46 -29.06
C LEU J 126 -4.81 2.19 -28.37
N GLY J 127 -5.66 1.45 -27.67
CA GLY J 127 -6.70 2.03 -26.82
C GLY J 127 -7.35 0.97 -25.98
N GLY J 128 -8.58 1.23 -25.61
CA GLY J 128 -9.27 0.43 -24.59
C GLY J 128 -10.74 0.70 -24.66
N ALA J 129 -11.53 -0.22 -24.13
CA ALA J 129 -12.99 -0.11 -24.11
C ALA J 129 -13.51 -1.02 -23.01
N GLN J 130 -14.42 -0.48 -22.23
CA GLN J 130 -15.04 -1.15 -21.08
C GLN J 130 -16.52 -0.78 -21.07
N GLY J 131 -17.37 -1.70 -20.64
CA GLY J 131 -18.81 -1.43 -20.44
C GLY J 131 -19.70 -2.38 -21.24
N GLN J 132 -20.84 -1.85 -21.66
CA GLN J 132 -21.87 -2.60 -22.41
C GLN J 132 -21.34 -2.91 -23.81
N ALA J 133 -21.84 -3.99 -24.40
CA ALA J 133 -21.57 -4.40 -25.78
C ALA J 133 -21.64 -3.19 -26.73
N THR J 134 -22.67 -2.36 -26.64
CA THR J 134 -22.84 -1.23 -27.60
C THR J 134 -21.77 -0.16 -27.33
N GLU J 135 -21.34 0.05 -26.08
CA GLU J 135 -20.22 0.98 -25.79
C GLU J 135 -18.93 0.42 -26.39
N ILE J 136 -18.71 -0.88 -26.27
CA ILE J 136 -17.48 -1.50 -26.84
C ILE J 136 -17.52 -1.33 -28.36
N GLU J 137 -18.70 -1.48 -28.96
CA GLU J 137 -18.88 -1.34 -30.42
C GLU J 137 -18.52 0.09 -30.85
N ILE J 138 -19.02 1.08 -30.14
CA ILE J 138 -18.72 2.51 -30.44
C ILE J 138 -17.20 2.75 -30.34
N ALA J 139 -16.55 2.25 -29.28
CA ALA J 139 -15.10 2.45 -29.09
C ALA J 139 -14.33 1.74 -30.21
N ALA J 140 -14.74 0.53 -30.59
CA ALA J 140 -14.07 -0.23 -31.68
C ALA J 140 -14.22 0.53 -33.00
N ASN J 141 -15.42 0.98 -33.33
CA ASN J 141 -15.65 1.71 -34.61
C ASN J 141 -14.77 2.95 -34.63
N HIS J 142 -14.70 3.68 -33.54
CA HIS J 142 -13.93 4.94 -33.48
C HIS J 142 -12.43 4.66 -33.69
N ILE J 143 -11.85 3.66 -33.01
CA ILE J 143 -10.39 3.40 -33.16
C ILE J 143 -10.10 2.84 -34.57
N LEU J 144 -11.01 2.08 -35.17
CA LEU J 144 -10.82 1.59 -36.57
C LEU J 144 -10.86 2.78 -37.55
N LYS J 145 -11.78 3.73 -37.35
CA LYS J 145 -11.84 4.93 -38.20
C LYS J 145 -10.55 5.76 -38.02
N THR J 146 -10.07 5.87 -36.78
CA THR J 146 -8.83 6.61 -36.49
C THR J 146 -7.67 5.95 -37.25
N ARG J 147 -7.60 4.62 -37.24
CA ARG J 147 -6.53 3.88 -37.95
C ARG J 147 -6.64 4.13 -39.46
N GLU J 148 -7.85 4.10 -40.03
CA GLU J 148 -8.05 4.37 -41.49
C GLU J 148 -7.54 5.78 -41.79
N LYS J 149 -7.83 6.75 -40.92
CA LYS J 149 -7.41 8.16 -41.12
C LYS J 149 -5.87 8.24 -41.09
N LEU J 150 -5.22 7.65 -40.09
CA LEU J 150 -3.74 7.67 -39.99
C LEU J 150 -3.14 7.00 -41.23
N ASN J 151 -3.66 5.85 -41.62
CA ASN J 151 -3.09 5.04 -42.75
C ASN J 151 -3.25 5.80 -44.07
N ARG J 152 -4.38 6.46 -44.29
CA ARG J 152 -4.63 7.26 -45.51
C ARG J 152 -3.58 8.36 -45.60
N ILE J 153 -3.39 9.11 -44.52
CA ILE J 153 -2.42 10.25 -44.55
C ILE J 153 -1.01 9.67 -44.74
N LEU J 154 -0.68 8.57 -44.08
CA LEU J 154 0.67 7.96 -44.21
C LEU J 154 0.88 7.51 -45.66
N SER J 155 -0.17 6.98 -46.30
CA SER J 155 -0.15 6.58 -47.73
C SER J 155 0.21 7.78 -48.59
N GLU J 156 -0.51 8.89 -48.42
CA GLU J 156 -0.25 10.14 -49.16
C GLU J 156 1.19 10.61 -48.94
N ARG J 157 1.72 10.51 -47.72
CA ARG J 157 3.03 11.15 -47.39
C ARG J 157 4.19 10.23 -47.73
N THR J 158 3.97 8.92 -47.80
CA THR J 158 5.04 7.93 -48.07
C THR J 158 5.03 7.51 -49.54
N GLY J 159 3.89 7.55 -50.21
CA GLY J 159 3.71 6.94 -51.53
C GLY J 159 3.39 5.44 -51.45
N GLN J 160 3.30 4.84 -50.27
CA GLN J 160 2.93 3.40 -50.14
C GLN J 160 1.41 3.30 -50.23
N SER J 161 0.91 2.16 -50.69
CA SER J 161 -0.55 1.89 -50.71
C SER J 161 -1.07 1.76 -49.28
N ILE J 162 -2.35 2.06 -49.10
CA ILE J 162 -3.09 1.90 -47.82
C ILE J 162 -2.96 0.43 -47.39
N GLU J 163 -3.04 -0.52 -48.33
CA GLU J 163 -3.00 -1.96 -47.99
C GLU J 163 -1.63 -2.32 -47.43
N LYS J 164 -0.57 -1.75 -47.99
CA LYS J 164 0.81 -2.06 -47.50
C LYS J 164 0.97 -1.47 -46.10
N ILE J 165 0.49 -0.25 -45.87
CA ILE J 165 0.62 0.42 -44.55
C ILE J 165 -0.13 -0.40 -43.50
N GLN J 166 -1.33 -0.84 -43.83
CA GLN J 166 -2.17 -1.70 -42.95
C GLN J 166 -1.38 -2.95 -42.54
N LYS J 167 -0.86 -3.68 -43.51
CA LYS J 167 -0.10 -4.94 -43.26
C LYS J 167 1.15 -4.63 -42.43
N ASP J 168 1.86 -3.55 -42.75
CA ASP J 168 3.16 -3.22 -42.15
C ASP J 168 3.00 -2.65 -40.74
N THR J 169 1.80 -2.23 -40.35
CA THR J 169 1.53 -1.65 -39.02
C THR J 169 0.74 -2.62 -38.16
N ASP J 170 0.49 -3.82 -38.65
CA ASP J 170 -0.32 -4.81 -37.91
C ASP J 170 0.36 -5.08 -36.55
N ARG J 171 1.69 -5.20 -36.56
CA ARG J 171 2.52 -5.34 -35.33
C ARG J 171 3.62 -4.28 -35.36
N ASP J 172 4.30 -4.11 -34.23
CA ASP J 172 5.47 -3.22 -34.10
C ASP J 172 6.44 -3.55 -35.24
N ASN J 173 6.76 -2.54 -36.02
CA ASN J 173 7.63 -2.65 -37.19
C ASN J 173 8.74 -1.62 -37.10
N PHE J 174 9.95 -2.08 -36.77
CA PHE J 174 11.15 -1.27 -36.51
C PHE J 174 11.89 -1.09 -37.85
N LEU J 175 12.19 0.15 -38.21
CA LEU J 175 12.99 0.48 -39.41
C LEU J 175 14.26 1.21 -39.02
N THR J 176 15.35 0.92 -39.72
CA THR J 176 16.56 1.75 -39.72
C THR J 176 16.28 3.05 -40.47
N ALA J 177 17.16 4.05 -40.31
CA ALA J 177 17.06 5.34 -41.02
C ALA J 177 16.96 5.08 -42.53
N GLU J 178 17.85 4.25 -43.04
CA GLU J 178 17.92 3.90 -44.48
C GLU J 178 16.59 3.24 -44.90
N GLU J 179 16.08 2.29 -44.12
CA GLU J 179 14.78 1.64 -44.44
C GLU J 179 13.63 2.66 -44.40
N ALA J 180 13.67 3.60 -43.46
CA ALA J 180 12.62 4.64 -43.36
C ALA J 180 12.64 5.47 -44.64
N LYS J 181 13.83 5.72 -45.18
CA LYS J 181 13.96 6.51 -46.42
C LYS J 181 13.40 5.70 -47.60
N GLU J 182 13.74 4.42 -47.69
CA GLU J 182 13.20 3.52 -48.76
C GLU J 182 11.68 3.46 -48.66
N TYR J 183 11.14 3.49 -47.44
CA TYR J 183 9.68 3.42 -47.16
C TYR J 183 9.00 4.72 -47.59
N GLY J 184 9.71 5.85 -47.60
CA GLY J 184 9.14 7.17 -47.88
C GLY J 184 8.69 7.89 -46.60
N LEU J 185 9.10 7.44 -45.40
CA LEU J 185 8.80 8.14 -44.14
C LEU J 185 9.70 9.38 -44.01
N ILE J 186 10.91 9.31 -44.57
CA ILE J 186 11.85 10.47 -44.65
C ILE J 186 12.37 10.57 -46.08
N ASP J 187 13.00 11.69 -46.39
CA ASP J 187 13.58 11.97 -47.74
C ASP J 187 15.07 11.62 -47.76
N GLU J 188 15.79 11.82 -46.65
CA GLU J 188 17.27 11.61 -46.63
C GLU J 188 17.73 11.19 -45.24
N VAL J 189 18.77 10.37 -45.21
CA VAL J 189 19.64 10.14 -44.04
C VAL J 189 20.70 11.25 -44.03
N MET J 190 20.71 12.10 -42.98
CA MET J 190 21.75 13.14 -42.79
C MET J 190 23.01 12.45 -42.30
N VAL J 191 23.97 12.21 -43.19
CA VAL J 191 25.30 11.66 -42.84
C VAL J 191 26.16 12.81 -42.30
N PRO J 192 27.08 12.53 -41.35
CA PRO J 192 28.03 13.53 -40.89
C PRO J 192 29.21 13.70 -41.88
N ILE K 4 22.55 22.67 -5.25
CA ILE K 4 23.31 23.15 -6.44
C ILE K 4 23.61 24.64 -6.28
N PRO K 5 24.89 25.05 -6.15
CA PRO K 5 25.22 26.45 -5.88
C PRO K 5 25.11 27.37 -7.10
N THR K 6 25.13 28.69 -6.82
CA THR K 6 25.02 29.81 -7.77
C THR K 6 26.36 30.57 -7.86
N VAL K 7 26.71 31.12 -9.03
CA VAL K 7 27.88 32.05 -9.19
C VAL K 7 27.48 33.29 -10.01
N TYR K 18 23.69 32.53 -12.55
CA TYR K 18 24.05 31.19 -13.09
C TYR K 18 24.11 30.17 -11.93
N ASP K 19 23.45 29.02 -12.08
CA ASP K 19 23.79 27.79 -11.33
C ASP K 19 25.12 27.25 -11.89
N ILE K 20 25.77 26.34 -11.18
CA ILE K 20 27.18 25.97 -11.47
C ILE K 20 27.24 25.30 -12.85
N TYR K 21 26.24 24.51 -13.20
CA TYR K 21 26.17 23.75 -14.49
C TYR K 21 26.06 24.75 -15.64
N SER K 22 25.28 25.81 -15.46
CA SER K 22 25.10 26.87 -16.49
C SER K 22 26.40 27.63 -16.68
N ARG K 23 27.16 27.86 -15.62
CA ARG K 23 28.50 28.50 -15.70
C ARG K 23 29.45 27.58 -16.47
N LEU K 24 29.40 26.26 -16.25
CA LEU K 24 30.27 25.34 -17.02
C LEU K 24 29.85 25.33 -18.49
N LEU K 25 28.55 25.41 -18.76
CA LEU K 25 28.02 25.41 -20.15
C LEU K 25 28.58 26.62 -20.91
N LYS K 26 28.71 27.76 -20.21
CA LYS K 26 29.32 28.96 -20.79
C LYS K 26 30.75 28.67 -21.26
N ASP K 27 31.46 27.70 -20.65
CA ASP K 27 32.81 27.29 -21.11
C ASP K 27 32.75 26.01 -21.96
N ARG K 28 31.58 25.70 -22.54
CA ARG K 28 31.40 24.63 -23.54
C ARG K 28 31.60 23.25 -22.87
N ILE K 29 31.26 23.17 -21.58
CA ILE K 29 31.28 21.90 -20.81
C ILE K 29 29.84 21.48 -20.58
N ILE K 30 29.51 20.28 -21.05
CA ILE K 30 28.19 19.63 -20.83
C ILE K 30 28.40 18.47 -19.87
N MET K 31 27.55 18.41 -18.85
CA MET K 31 27.59 17.31 -17.86
C MET K 31 26.49 16.28 -18.22
N LEU K 32 26.92 15.04 -18.46
CA LEU K 32 26.05 13.85 -18.49
C LEU K 32 26.32 13.06 -17.22
N GLY K 33 25.52 13.35 -16.18
CA GLY K 33 25.80 12.99 -14.79
C GLY K 33 24.69 12.14 -14.20
N SER K 34 23.91 11.47 -15.02
CA SER K 34 22.77 10.65 -14.53
C SER K 34 22.48 9.52 -15.51
N GLN K 35 21.53 8.68 -15.14
CA GLN K 35 20.91 7.68 -16.01
C GLN K 35 20.43 8.36 -17.30
N ILE K 36 20.63 7.72 -18.44
CA ILE K 36 20.24 8.27 -19.76
C ILE K 36 18.78 7.86 -20.02
N ASP K 37 17.88 8.82 -19.99
CA ASP K 37 16.49 8.64 -20.50
C ASP K 37 16.26 9.72 -21.55
N ASP K 38 15.06 9.76 -22.10
CA ASP K 38 14.68 10.71 -23.17
C ASP K 38 14.87 12.15 -22.70
N ASN K 39 14.51 12.47 -21.45
N ASN K 39 14.51 12.46 -21.45
CA ASN K 39 14.62 13.84 -20.91
CA ASN K 39 14.60 13.82 -20.89
C ASN K 39 16.09 14.27 -20.86
C ASN K 39 16.07 14.26 -20.86
N VAL K 40 16.94 13.40 -20.32
CA VAL K 40 18.40 13.69 -20.24
C VAL K 40 18.95 13.82 -21.66
N ALA K 41 18.61 12.92 -22.58
CA ALA K 41 19.12 12.95 -23.97
C ALA K 41 18.65 14.26 -24.63
N ASN K 42 17.41 14.67 -24.44
CA ASN K 42 16.86 15.88 -25.09
C ASN K 42 17.62 17.11 -24.55
N SER K 43 17.91 17.15 -23.25
CA SER K 43 18.73 18.21 -22.64
C SER K 43 20.14 18.21 -23.26
N ILE K 44 20.79 17.05 -23.37
CA ILE K 44 22.18 16.98 -23.89
C ILE K 44 22.18 17.38 -25.38
N VAL K 45 21.23 16.87 -26.16
CA VAL K 45 21.11 17.20 -27.60
C VAL K 45 20.97 18.71 -27.75
N SER K 46 20.08 19.33 -26.95
CA SER K 46 19.82 20.80 -27.01
C SER K 46 21.10 21.54 -26.68
N GLN K 47 21.85 21.10 -25.69
CA GLN K 47 23.12 21.75 -25.28
C GLN K 47 24.13 21.64 -26.42
N LEU K 48 24.25 20.49 -27.06
CA LEU K 48 25.19 20.32 -28.20
C LEU K 48 24.80 21.29 -29.33
N LEU K 49 23.52 21.36 -29.67
CA LEU K 49 23.02 22.24 -30.76
C LEU K 49 23.27 23.70 -30.38
N PHE K 50 22.97 24.08 -29.16
CA PHE K 50 23.17 25.45 -28.64
C PHE K 50 24.65 25.80 -28.74
N LEU K 51 25.55 24.91 -28.31
CA LEU K 51 27.00 25.24 -28.32
C LEU K 51 27.48 25.35 -29.76
N GLN K 52 27.00 24.53 -30.68
CA GLN K 52 27.35 24.66 -32.11
C GLN K 52 26.91 26.05 -32.62
N ALA K 53 25.72 26.51 -32.27
CA ALA K 53 25.17 27.83 -32.69
C ALA K 53 26.03 28.96 -32.11
N GLN K 54 26.52 28.84 -30.88
CA GLN K 54 27.38 29.86 -30.23
C GLN K 54 28.73 29.94 -30.95
N ASP K 55 29.27 28.79 -31.36
CA ASP K 55 30.60 28.73 -32.00
C ASP K 55 30.75 27.36 -32.66
N SER K 56 30.78 27.35 -33.99
CA SER K 56 30.76 26.09 -34.79
C SER K 56 32.16 25.49 -34.86
N GLU K 57 33.20 26.16 -34.33
CA GLU K 57 34.61 25.68 -34.48
C GLU K 57 35.20 25.18 -33.16
N LYS K 58 34.88 25.81 -32.05
CA LYS K 58 35.56 25.49 -30.76
C LYS K 58 35.09 24.14 -30.20
N ASP K 59 36.02 23.40 -29.62
CA ASP K 59 35.75 22.11 -28.95
C ASP K 59 34.63 22.25 -27.92
N ILE K 60 33.88 21.18 -27.76
CA ILE K 60 32.92 20.95 -26.65
C ILE K 60 33.51 19.86 -25.76
N TYR K 61 33.25 19.94 -24.46
CA TYR K 61 33.71 18.97 -23.45
C TYR K 61 32.47 18.29 -22.86
N LEU K 62 32.28 17.01 -23.21
CA LEU K 62 31.21 16.15 -22.64
C LEU K 62 31.81 15.31 -21.53
N TRP K 63 31.47 15.65 -20.29
CA TRP K 63 31.90 14.94 -19.10
C TRP K 63 30.82 13.92 -18.74
N ILE K 64 31.25 12.68 -18.52
CA ILE K 64 30.35 11.51 -18.35
C ILE K 64 30.60 10.90 -17.00
N ASN K 65 29.54 10.90 -16.21
CA ASN K 65 29.41 10.07 -14.99
C ASN K 65 28.00 9.47 -15.01
N SER K 66 27.84 8.31 -15.61
CA SER K 66 26.51 7.76 -15.99
C SER K 66 26.56 6.24 -15.93
N PRO K 67 25.54 5.60 -15.33
CA PRO K 67 25.41 4.14 -15.37
C PRO K 67 24.75 3.63 -16.68
N GLY K 68 24.47 4.52 -17.63
CA GLY K 68 23.83 4.14 -18.89
C GLY K 68 22.33 4.41 -18.85
N GLY K 69 21.56 3.64 -19.58
CA GLY K 69 20.10 3.81 -19.72
C GLY K 69 19.63 3.49 -21.11
N SER K 70 18.65 4.24 -21.61
CA SER K 70 17.95 3.94 -22.87
C SER K 70 18.94 3.97 -24.04
N VAL K 71 18.92 2.92 -24.85
CA VAL K 71 19.80 2.81 -26.04
C VAL K 71 19.40 3.88 -27.07
N THR K 72 18.11 4.06 -27.32
CA THR K 72 17.63 5.04 -28.34
C THR K 72 17.98 6.45 -27.86
N ALA K 73 17.82 6.75 -26.57
CA ALA K 73 18.19 8.06 -26.01
C ALA K 73 19.71 8.26 -26.19
N GLY K 74 20.50 7.24 -25.89
CA GLY K 74 21.96 7.26 -26.12
C GLY K 74 22.28 7.57 -27.57
N PHE K 75 21.56 6.97 -28.51
CA PHE K 75 21.80 7.17 -29.96
C PHE K 75 21.37 8.58 -30.39
N ALA K 76 20.39 9.19 -29.73
CA ALA K 76 20.06 10.61 -30.00
C ALA K 76 21.31 11.44 -29.70
N ILE K 77 21.97 11.16 -28.58
CA ILE K 77 23.20 11.90 -28.19
C ILE K 77 24.32 11.55 -29.17
N TYR K 78 24.55 10.28 -29.42
CA TYR K 78 25.63 9.79 -30.32
C TYR K 78 25.53 10.49 -31.68
N ASP K 79 24.37 10.43 -32.32
CA ASP K 79 24.21 10.99 -33.69
C ASP K 79 24.35 12.51 -33.65
N THR K 80 23.91 13.16 -32.58
CA THR K 80 24.02 14.63 -32.48
C THR K 80 25.49 14.99 -32.36
N ILE K 81 26.27 14.24 -31.58
CA ILE K 81 27.74 14.44 -31.50
C ILE K 81 28.33 14.36 -32.90
N GLN K 82 28.05 13.30 -33.65
CA GLN K 82 28.72 13.11 -34.96
C GLN K 82 28.23 14.19 -35.93
N HIS K 83 27.00 14.66 -35.76
CA HIS K 83 26.36 15.58 -36.72
C HIS K 83 26.98 16.97 -36.66
N ILE K 84 27.25 17.49 -35.45
CA ILE K 84 27.64 18.93 -35.30
C ILE K 84 29.09 19.08 -35.72
N LYS K 85 29.47 20.32 -36.02
CA LYS K 85 30.80 20.63 -36.59
C LYS K 85 31.90 20.60 -35.51
N PRO K 86 31.70 21.18 -34.31
CA PRO K 86 32.75 21.11 -33.29
C PRO K 86 33.14 19.67 -32.94
N ASP K 87 34.41 19.42 -32.67
CA ASP K 87 34.85 18.21 -31.96
C ASP K 87 34.20 18.17 -30.57
N VAL K 88 33.72 17.00 -30.17
CA VAL K 88 33.21 16.77 -28.78
C VAL K 88 34.21 15.86 -28.09
N GLN K 89 34.97 16.43 -27.15
CA GLN K 89 35.84 15.64 -26.26
C GLN K 89 34.93 14.89 -25.29
N THR K 90 35.34 13.70 -24.87
CA THR K 90 34.64 12.95 -23.80
C THR K 90 35.63 12.73 -22.66
N ILE K 91 35.14 12.91 -21.45
CA ILE K 91 35.93 12.73 -20.21
C ILE K 91 35.09 11.89 -19.23
N CYS K 92 35.58 10.71 -18.88
CA CYS K 92 34.92 9.86 -17.88
C CYS K 92 35.42 10.21 -16.48
N ILE K 93 34.51 10.65 -15.61
CA ILE K 93 34.81 10.96 -14.19
C ILE K 93 33.82 10.14 -13.34
N GLY K 94 34.34 9.22 -12.53
CA GLY K 94 33.48 8.33 -11.72
C GLY K 94 33.18 7.07 -12.48
N MET K 95 32.14 7.07 -13.32
CA MET K 95 31.70 5.80 -13.99
C MET K 95 31.11 6.08 -15.37
N ALA K 96 31.43 5.26 -16.34
CA ALA K 96 30.73 5.18 -17.64
C ALA K 96 30.36 3.72 -17.87
N ALA K 97 29.10 3.37 -17.62
CA ALA K 97 28.63 1.97 -17.81
C ALA K 97 27.64 1.92 -18.97
N SER K 98 27.67 0.82 -19.72
CA SER K 98 26.64 0.51 -20.75
C SER K 98 26.60 1.63 -21.78
N MET K 99 25.44 2.26 -22.02
CA MET K 99 25.35 3.34 -23.03
C MET K 99 26.29 4.49 -22.63
N GLY K 100 26.57 4.66 -21.35
CA GLY K 100 27.56 5.65 -20.88
C GLY K 100 28.93 5.38 -21.48
N SER K 101 29.38 4.14 -21.47
CA SER K 101 30.71 3.79 -22.03
C SER K 101 30.66 3.89 -23.57
N PHE K 102 29.51 3.60 -24.17
CA PHE K 102 29.33 3.74 -25.63
C PHE K 102 29.56 5.21 -26.01
N LEU K 103 28.97 6.14 -25.26
CA LEU K 103 29.11 7.59 -25.55
C LEU K 103 30.53 8.06 -25.25
N LEU K 104 31.20 7.50 -24.22
CA LEU K 104 32.62 7.82 -23.94
C LEU K 104 33.46 7.49 -25.18
N ALA K 105 33.23 6.31 -25.78
CA ALA K 105 33.95 5.85 -26.98
C ALA K 105 33.59 6.69 -28.21
N ALA K 106 32.52 7.49 -28.16
CA ALA K 106 32.00 8.23 -29.34
C ALA K 106 32.63 9.63 -29.46
N GLY K 107 33.47 10.04 -28.53
CA GLY K 107 34.12 11.37 -28.56
C GLY K 107 35.07 11.49 -29.74
N ALA K 108 35.47 12.71 -30.08
CA ALA K 108 36.38 12.98 -31.22
C ALA K 108 37.67 12.16 -31.03
N LYS K 109 38.14 11.59 -32.12
CA LYS K 109 39.37 10.74 -32.16
C LYS K 109 40.55 11.54 -31.58
N GLY K 110 41.25 10.95 -30.61
CA GLY K 110 42.35 11.59 -29.89
C GLY K 110 41.88 12.44 -28.71
N LYS K 111 40.58 12.62 -28.50
CA LYS K 111 40.07 13.51 -27.42
C LYS K 111 39.06 12.77 -26.53
N ARG K 112 39.28 11.48 -26.32
CA ARG K 112 38.48 10.64 -25.38
C ARG K 112 39.37 10.33 -24.18
N PHE K 113 38.94 10.73 -22.99
CA PHE K 113 39.74 10.65 -21.76
C PHE K 113 38.99 9.96 -20.61
N ALA K 114 39.75 9.47 -19.65
CA ALA K 114 39.21 9.09 -18.33
C ALA K 114 40.21 9.51 -17.27
N LEU K 115 39.72 9.89 -16.09
CA LEU K 115 40.59 10.07 -14.91
C LEU K 115 40.96 8.69 -14.38
N PRO K 116 42.10 8.56 -13.68
CA PRO K 116 42.73 7.25 -13.44
C PRO K 116 41.86 6.23 -12.69
N ASN K 117 40.97 6.67 -11.80
CA ASN K 117 40.14 5.75 -10.99
C ASN K 117 38.73 5.64 -11.52
N ALA K 118 38.45 6.22 -12.69
CA ALA K 118 37.13 6.11 -13.34
C ALA K 118 36.90 4.65 -13.74
N GLU K 119 35.64 4.22 -13.64
CA GLU K 119 35.27 2.80 -13.93
C GLU K 119 34.51 2.80 -15.26
N VAL K 120 34.87 1.91 -16.15
CA VAL K 120 34.18 1.77 -17.45
C VAL K 120 33.61 0.34 -17.47
N MET K 121 32.33 0.20 -17.78
CA MET K 121 31.76 -1.15 -17.87
C MET K 121 31.04 -1.28 -19.21
N ILE K 122 31.31 -2.39 -19.89
CA ILE K 122 30.64 -2.73 -21.17
C ILE K 122 29.89 -4.04 -20.95
N HIS K 123 28.75 -4.17 -21.62
CA HIS K 123 27.87 -5.36 -21.55
C HIS K 123 26.84 -5.27 -22.67
N GLN K 124 26.10 -6.34 -22.89
CA GLN K 124 25.07 -6.36 -23.96
C GLN K 124 23.84 -5.62 -23.48
N PRO K 125 23.00 -5.14 -24.42
CA PRO K 125 21.78 -4.41 -24.08
C PRO K 125 20.80 -5.29 -23.30
N LEU K 126 19.99 -4.65 -22.46
CA LEU K 126 18.94 -5.28 -21.63
C LEU K 126 17.59 -4.83 -22.14
N GLY K 127 16.58 -5.70 -22.01
CA GLY K 127 15.21 -5.32 -22.33
C GLY K 127 14.23 -6.33 -21.78
N GLY K 128 13.03 -6.22 -22.31
CA GLY K 128 11.86 -6.99 -21.86
C GLY K 128 10.87 -7.11 -22.99
N ALA K 129 9.98 -8.07 -22.89
CA ALA K 129 8.88 -8.31 -23.82
C ALA K 129 7.91 -9.25 -23.13
N GLN K 130 6.63 -8.94 -23.23
CA GLN K 130 5.52 -9.77 -22.73
C GLN K 130 4.42 -9.77 -23.79
N GLY K 131 3.68 -10.87 -23.89
CA GLY K 131 2.55 -10.99 -24.84
C GLY K 131 2.70 -12.24 -25.70
N GLN K 132 2.19 -12.15 -26.91
CA GLN K 132 2.09 -13.28 -27.85
C GLN K 132 3.49 -13.69 -28.32
N ALA K 133 3.64 -14.97 -28.65
CA ALA K 133 4.89 -15.53 -29.22
C ALA K 133 5.44 -14.59 -30.31
N THR K 134 4.62 -14.14 -31.24
CA THR K 134 5.08 -13.30 -32.37
C THR K 134 5.52 -11.92 -31.87
N GLU K 135 4.90 -11.37 -30.82
CA GLU K 135 5.37 -10.09 -30.22
C GLU K 135 6.74 -10.34 -29.57
N ILE K 136 6.92 -11.46 -28.89
CA ILE K 136 8.22 -11.75 -28.23
C ILE K 136 9.28 -11.90 -29.33
N GLU K 137 8.92 -12.51 -30.46
CA GLU K 137 9.86 -12.72 -31.58
C GLU K 137 10.29 -11.35 -32.13
N ILE K 138 9.35 -10.45 -32.36
CA ILE K 138 9.66 -9.08 -32.87
C ILE K 138 10.59 -8.38 -31.88
N ALA K 139 10.33 -8.44 -30.58
CA ALA K 139 11.16 -7.77 -29.56
C ALA K 139 12.55 -8.41 -29.55
N ALA K 140 12.66 -9.72 -29.65
CA ALA K 140 13.97 -10.43 -29.66
C ALA K 140 14.76 -10.01 -30.91
N ASN K 141 14.13 -10.02 -32.08
CA ASN K 141 14.83 -9.65 -33.34
C ASN K 141 15.35 -8.21 -33.20
N HIS K 142 14.52 -7.32 -32.69
CA HIS K 142 14.87 -5.89 -32.56
C HIS K 142 16.07 -5.71 -31.61
N ILE K 143 16.08 -6.35 -30.45
CA ILE K 143 17.20 -6.14 -29.49
C ILE K 143 18.47 -6.81 -30.04
N LEU K 144 18.38 -7.90 -30.80
CA LEU K 144 19.57 -8.52 -31.42
C LEU K 144 20.13 -7.57 -32.51
N LYS K 145 19.27 -6.95 -33.29
CA LYS K 145 19.71 -5.97 -34.32
C LYS K 145 20.35 -4.76 -33.63
N THR K 146 19.77 -4.30 -32.51
CA THR K 146 20.31 -3.18 -31.74
C THR K 146 21.73 -3.55 -31.26
N ARG K 147 21.91 -4.77 -30.76
CA ARG K 147 23.24 -5.22 -30.27
C ARG K 147 24.24 -5.26 -31.44
N GLU K 148 23.84 -5.77 -32.62
CA GLU K 148 24.72 -5.80 -33.82
C GLU K 148 25.13 -4.36 -34.16
N LYS K 149 24.20 -3.43 -34.10
CA LYS K 149 24.48 -2.00 -34.41
C LYS K 149 25.49 -1.43 -33.40
N LEU K 150 25.26 -1.62 -32.10
CA LEU K 150 26.17 -1.12 -31.04
C LEU K 150 27.56 -1.75 -31.26
N ASN K 151 27.63 -3.05 -31.50
CA ASN K 151 28.93 -3.76 -31.61
C ASN K 151 29.70 -3.31 -32.85
N ARG K 152 29.01 -3.09 -33.96
CA ARG K 152 29.64 -2.63 -35.21
C ARG K 152 30.27 -1.26 -34.95
N ILE K 153 29.53 -0.33 -34.35
CA ILE K 153 30.05 1.04 -34.10
C ILE K 153 31.21 0.94 -33.11
N LEU K 154 31.10 0.11 -32.08
CA LEU K 154 32.18 -0.03 -31.08
C LEU K 154 33.44 -0.59 -31.76
N SER K 155 33.26 -1.52 -32.71
CA SER K 155 34.36 -2.09 -33.51
C SER K 155 35.07 -0.95 -34.26
N GLU K 156 34.31 -0.14 -34.99
CA GLU K 156 34.87 1.02 -35.75
C GLU K 156 35.59 1.98 -34.80
N ARG K 157 35.07 2.23 -33.59
CA ARG K 157 35.63 3.31 -32.72
C ARG K 157 36.80 2.81 -31.90
N THR K 158 36.87 1.50 -31.64
CA THR K 158 37.92 0.91 -30.78
C THR K 158 39.03 0.30 -31.62
N GLY K 159 38.74 -0.14 -32.85
CA GLY K 159 39.68 -0.98 -33.62
C GLY K 159 39.59 -2.46 -33.28
N GLN K 160 38.75 -2.89 -32.33
CA GLN K 160 38.59 -4.34 -32.02
C GLN K 160 37.64 -4.97 -33.05
N SER K 161 37.79 -6.26 -33.30
CA SER K 161 36.87 -7.00 -34.18
C SER K 161 35.48 -7.10 -33.53
N ILE K 162 34.45 -7.22 -34.36
CA ILE K 162 33.05 -7.47 -33.94
C ILE K 162 33.01 -8.74 -33.08
N GLU K 163 33.78 -9.77 -33.42
CA GLU K 163 33.75 -11.07 -32.69
C GLU K 163 34.31 -10.84 -31.28
N LYS K 164 35.35 -10.05 -31.14
CA LYS K 164 35.95 -9.80 -29.81
C LYS K 164 34.94 -8.98 -28.97
N ILE K 165 34.31 -7.98 -29.55
CA ILE K 165 33.35 -7.11 -28.82
C ILE K 165 32.17 -7.96 -28.34
N GLN K 166 31.66 -8.82 -29.20
CA GLN K 166 30.55 -9.75 -28.86
C GLN K 166 30.94 -10.59 -27.63
N LYS K 167 32.09 -11.24 -27.67
CA LYS K 167 32.56 -12.11 -26.56
C LYS K 167 32.75 -11.27 -25.29
N ASP K 168 33.34 -10.07 -25.41
CA ASP K 168 33.75 -9.24 -24.24
C ASP K 168 32.52 -8.55 -23.63
N THR K 169 31.39 -8.50 -24.33
CA THR K 169 30.16 -7.84 -23.80
C THR K 169 29.11 -8.87 -23.42
N ASP K 170 29.45 -10.15 -23.50
CA ASP K 170 28.47 -11.23 -23.21
C ASP K 170 27.93 -11.05 -21.79
N ARG K 171 28.82 -10.72 -20.85
CA ARG K 171 28.49 -10.40 -19.45
C ARG K 171 29.11 -9.05 -19.09
N ASP K 172 28.71 -8.52 -17.94
CA ASP K 172 29.27 -7.30 -17.34
C ASP K 172 30.79 -7.45 -17.34
N ASN K 173 31.45 -6.48 -17.94
CA ASN K 173 32.91 -6.48 -18.10
C ASN K 173 33.41 -5.12 -17.59
N PHE K 174 34.04 -5.13 -16.41
CA PHE K 174 34.55 -3.92 -15.72
C PHE K 174 35.98 -3.66 -16.19
N LEU K 175 36.25 -2.43 -16.64
CA LEU K 175 37.60 -2.00 -17.04
C LEU K 175 38.04 -0.83 -16.16
N THR K 176 39.32 -0.82 -15.83
CA THR K 176 40.01 0.40 -15.34
C THR K 176 40.16 1.38 -16.50
N ALA K 177 40.47 2.63 -16.19
CA ALA K 177 40.75 3.67 -17.20
C ALA K 177 41.84 3.19 -18.14
N GLU K 178 42.92 2.64 -17.60
CA GLU K 178 44.08 2.14 -18.39
C GLU K 178 43.60 1.02 -19.29
N GLU K 179 42.80 0.06 -18.79
CA GLU K 179 42.27 -1.04 -19.64
C GLU K 179 41.36 -0.45 -20.73
N ALA K 180 40.55 0.55 -20.42
CA ALA K 180 39.66 1.18 -21.43
C ALA K 180 40.53 1.77 -22.55
N LYS K 181 41.67 2.33 -22.19
CA LYS K 181 42.62 2.91 -23.18
C LYS K 181 43.22 1.79 -24.04
N GLU K 182 43.66 0.71 -23.43
CA GLU K 182 44.21 -0.47 -24.16
C GLU K 182 43.16 -1.04 -25.09
N TYR K 183 41.90 -1.02 -24.67
CA TYR K 183 40.75 -1.54 -25.44
C TYR K 183 40.46 -0.64 -26.65
N GLY K 184 40.81 0.63 -26.58
CA GLY K 184 40.49 1.63 -27.61
C GLY K 184 39.17 2.36 -27.33
N LEU K 185 38.62 2.26 -26.13
CA LEU K 185 37.38 3.01 -25.75
C LEU K 185 37.73 4.48 -25.46
N ILE K 186 38.93 4.75 -24.99
CA ILE K 186 39.48 6.13 -24.81
C ILE K 186 40.87 6.20 -25.44
N ASP K 187 41.37 7.41 -25.60
CA ASP K 187 42.70 7.68 -26.19
C ASP K 187 43.75 7.87 -25.07
N GLU K 188 43.38 8.46 -23.94
CA GLU K 188 44.35 8.80 -22.87
C GLU K 188 43.71 8.74 -21.50
N VAL K 189 44.47 8.28 -20.53
CA VAL K 189 44.22 8.52 -19.08
C VAL K 189 44.82 9.88 -18.74
N MET K 190 44.01 10.82 -18.26
CA MET K 190 44.53 12.11 -17.71
C MET K 190 45.17 11.87 -16.35
N VAL K 191 46.48 11.70 -16.28
CA VAL K 191 47.23 11.44 -15.02
C VAL K 191 47.48 12.79 -14.36
N PRO K 192 47.52 12.85 -13.01
CA PRO K 192 47.84 14.10 -12.30
C PRO K 192 49.37 14.34 -12.27
N PRO L 5 19.95 30.18 4.43
CA PRO L 5 19.54 31.56 4.11
C PRO L 5 20.06 32.05 2.75
N THR L 6 19.31 32.98 2.14
CA THR L 6 19.58 33.55 0.79
C THR L 6 19.42 35.06 0.86
N TYR L 18 23.07 36.02 -3.29
CA TYR L 18 23.82 34.78 -2.96
C TYR L 18 23.12 34.01 -1.83
N ASP L 19 22.91 32.71 -2.00
CA ASP L 19 22.70 31.76 -0.88
C ASP L 19 24.06 31.56 -0.18
N ILE L 20 24.04 31.02 1.04
CA ILE L 20 25.24 31.06 1.92
C ILE L 20 26.35 30.21 1.28
N TYR L 21 26.00 29.10 0.63
CA TYR L 21 26.98 28.17 0.01
C TYR L 21 27.68 28.88 -1.16
N SER L 22 26.94 29.67 -1.94
CA SER L 22 27.53 30.42 -3.08
C SER L 22 28.51 31.48 -2.57
N ARG L 23 28.18 32.13 -1.45
CA ARG L 23 29.10 33.12 -0.83
C ARG L 23 30.36 32.41 -0.32
N LEU L 24 30.24 31.22 0.26
CA LEU L 24 31.45 30.48 0.73
C LEU L 24 32.27 30.04 -0.48
N LEU L 25 31.63 29.67 -1.57
CA LEU L 25 32.35 29.22 -2.79
C LEU L 25 33.20 30.36 -3.33
N LYS L 26 32.70 31.59 -3.22
CA LYS L 26 33.48 32.80 -3.60
C LYS L 26 34.77 32.87 -2.78
N ASP L 27 34.84 32.31 -1.57
CA ASP L 27 36.08 32.24 -0.75
C ASP L 27 36.75 30.87 -0.88
N ARG L 28 36.42 30.11 -1.92
CA ARG L 28 37.12 28.83 -2.27
C ARG L 28 36.82 27.76 -1.21
N ILE L 29 35.64 27.84 -0.61
CA ILE L 29 35.15 26.84 0.39
C ILE L 29 34.05 26.03 -0.29
N ILE L 30 34.26 24.71 -0.34
CA ILE L 30 33.27 23.74 -0.87
C ILE L 30 32.76 22.92 0.30
N MET L 31 31.43 22.75 0.38
CA MET L 31 30.80 21.91 1.40
C MET L 31 30.44 20.54 0.84
N LEU L 32 30.98 19.50 1.45
CA LEU L 32 30.49 18.10 1.28
C LEU L 32 29.78 17.73 2.58
N GLY L 33 28.47 17.96 2.64
CA GLY L 33 27.68 17.92 3.88
C GLY L 33 26.54 16.92 3.81
N SER L 34 26.66 15.91 2.96
CA SER L 34 25.60 14.89 2.80
C SER L 34 26.20 13.56 2.38
N GLN L 35 25.35 12.56 2.24
CA GLN L 35 25.64 11.27 1.58
C GLN L 35 26.23 11.55 0.20
N ILE L 36 27.23 10.79 -0.21
CA ILE L 36 27.88 10.94 -1.53
C ILE L 36 27.10 10.09 -2.54
N ASP L 37 26.36 10.76 -3.42
CA ASP L 37 25.77 10.11 -4.61
C ASP L 37 26.31 10.86 -5.84
N ASP L 38 25.87 10.44 -7.01
CA ASP L 38 26.34 10.99 -8.30
C ASP L 38 26.04 12.49 -8.36
N ASN L 39 24.88 12.94 -7.88
CA ASN L 39 24.48 14.36 -7.92
C ASN L 39 25.43 15.19 -7.08
N VAL L 40 25.67 14.75 -5.85
CA VAL L 40 26.59 15.46 -4.93
C VAL L 40 28.00 15.47 -5.55
N ALA L 41 28.48 14.34 -6.06
CA ALA L 41 29.83 14.23 -6.65
C ALA L 41 29.94 15.18 -7.86
N ASN L 42 28.91 15.23 -8.71
CA ASN L 42 28.94 16.08 -9.91
C ASN L 42 28.99 17.55 -9.51
N SER L 43 28.25 17.93 -8.47
CA SER L 43 28.29 19.29 -7.91
C SER L 43 29.71 19.58 -7.40
N ILE L 44 30.30 18.69 -6.63
CA ILE L 44 31.64 18.93 -6.02
C ILE L 44 32.69 19.00 -7.14
N VAL L 45 32.63 18.10 -8.11
CA VAL L 45 33.58 18.09 -9.27
C VAL L 45 33.48 19.45 -9.99
N SER L 46 32.27 19.92 -10.26
CA SER L 46 32.04 21.20 -10.96
C SER L 46 32.65 22.35 -10.17
N GLN L 47 32.48 22.33 -8.84
CA GLN L 47 33.00 23.41 -7.96
C GLN L 47 34.53 23.36 -7.99
N LEU L 48 35.13 22.19 -7.92
CA LEU L 48 36.62 22.07 -7.97
C LEU L 48 37.13 22.62 -9.30
N LEU L 49 36.50 22.25 -10.42
CA LEU L 49 36.94 22.70 -11.75
C LEU L 49 36.79 24.22 -11.86
N PHE L 50 35.65 24.74 -11.40
CA PHE L 50 35.38 26.20 -11.42
C PHE L 50 36.45 26.92 -10.60
N LEU L 51 36.74 26.44 -9.40
CA LEU L 51 37.72 27.14 -8.53
C LEU L 51 39.12 27.09 -9.15
N GLN L 52 39.50 25.99 -9.79
CA GLN L 52 40.81 25.92 -10.47
C GLN L 52 40.86 27.00 -11.59
N ALA L 53 39.76 27.15 -12.36
CA ALA L 53 39.68 28.14 -13.46
C ALA L 53 39.77 29.56 -12.90
N GLN L 54 39.19 29.84 -11.74
CA GLN L 54 39.22 31.17 -11.09
C GLN L 54 40.65 31.50 -10.65
N ASP L 55 41.37 30.51 -10.13
CA ASP L 55 42.74 30.71 -9.60
C ASP L 55 43.39 29.35 -9.43
N SER L 56 44.43 29.09 -10.22
CA SER L 56 45.08 27.77 -10.28
C SER L 56 46.09 27.62 -9.13
N GLU L 57 46.32 28.65 -8.32
CA GLU L 57 47.40 28.65 -7.30
C GLU L 57 46.86 28.63 -5.87
N LYS L 58 45.75 29.30 -5.61
CA LYS L 58 45.26 29.45 -4.22
C LYS L 58 44.61 28.15 -3.74
N ASP L 59 44.81 27.84 -2.47
CA ASP L 59 44.21 26.69 -1.76
C ASP L 59 42.69 26.72 -1.94
N ILE L 60 42.12 25.52 -1.98
CA ILE L 60 40.67 25.26 -1.85
C ILE L 60 40.45 24.60 -0.49
N TYR L 61 39.31 24.87 0.14
CA TYR L 61 38.91 24.29 1.44
C TYR L 61 37.69 23.39 1.23
N LEU L 62 37.92 22.08 1.33
CA LEU L 62 36.84 21.07 1.24
C LEU L 62 36.48 20.66 2.66
N TRP L 63 35.32 21.10 3.11
CA TRP L 63 34.79 20.78 4.44
C TRP L 63 33.87 19.55 4.32
N ILE L 64 34.08 18.58 5.18
CA ILE L 64 33.48 17.22 5.04
C ILE L 64 32.69 16.92 6.31
N ASN L 65 31.40 16.74 6.12
CA ASN L 65 30.49 16.11 7.09
C ASN L 65 29.62 15.14 6.31
N SER L 66 30.06 13.88 6.20
CA SER L 66 29.44 12.90 5.29
C SER L 66 29.52 11.50 5.88
N PRO L 67 28.42 10.72 5.81
CA PRO L 67 28.45 9.30 6.16
C PRO L 67 29.00 8.40 5.03
N GLY L 68 29.43 8.97 3.93
CA GLY L 68 29.97 8.20 2.78
C GLY L 68 28.93 8.05 1.69
N GLY L 69 29.05 7.00 0.89
CA GLY L 69 28.09 6.72 -0.19
C GLY L 69 28.74 5.98 -1.33
N SER L 70 28.37 6.33 -2.57
CA SER L 70 28.82 5.60 -3.78
C SER L 70 30.35 5.65 -3.91
N VAL L 71 31.00 4.53 -4.10
CA VAL L 71 32.47 4.47 -4.29
C VAL L 71 32.84 5.19 -5.60
N THR L 72 32.12 4.97 -6.70
CA THR L 72 32.49 5.61 -7.99
C THR L 72 32.27 7.12 -7.87
N ALA L 73 31.21 7.57 -7.21
CA ALA L 73 30.97 9.00 -6.97
C ALA L 73 32.13 9.58 -6.14
N GLY L 74 32.52 8.89 -5.08
CA GLY L 74 33.69 9.25 -4.26
C GLY L 74 34.94 9.39 -5.09
N PHE L 75 35.16 8.46 -6.02
CA PHE L 75 36.37 8.49 -6.90
C PHE L 75 36.27 9.62 -7.93
N ALA L 76 35.08 10.04 -8.34
CA ALA L 76 34.94 11.24 -9.20
C ALA L 76 35.54 12.41 -8.44
N ILE L 77 35.20 12.55 -7.17
CA ILE L 77 35.72 13.67 -6.32
C ILE L 77 37.23 13.47 -6.13
N TYR L 78 37.65 12.28 -5.71
CA TYR L 78 39.08 11.98 -5.44
C TYR L 78 39.94 12.34 -6.65
N ASP L 79 39.60 11.83 -7.82
CA ASP L 79 40.44 12.04 -9.04
C ASP L 79 40.42 13.51 -9.42
N THR L 80 39.31 14.21 -9.21
CA THR L 80 39.24 15.63 -9.58
C THR L 80 40.15 16.42 -8.64
N ILE L 81 40.15 16.09 -7.34
CA ILE L 81 41.10 16.70 -6.37
C ILE L 81 42.53 16.51 -6.88
N GLN L 82 42.93 15.28 -7.21
CA GLN L 82 44.35 15.02 -7.57
C GLN L 82 44.66 15.69 -8.91
N HIS L 83 43.66 15.85 -9.77
CA HIS L 83 43.85 16.36 -11.15
C HIS L 83 44.20 17.86 -11.12
N ILE L 84 43.48 18.64 -10.31
CA ILE L 84 43.58 20.12 -10.37
C ILE L 84 44.89 20.57 -9.71
N LYS L 85 45.33 21.77 -10.06
CA LYS L 85 46.63 22.32 -9.60
C LYS L 85 46.56 22.79 -8.15
N PRO L 86 45.52 23.52 -7.72
CA PRO L 86 45.46 23.97 -6.33
C PRO L 86 45.51 22.82 -5.33
N ASP L 87 46.18 23.02 -4.21
CA ASP L 87 46.03 22.18 -3.02
C ASP L 87 44.57 22.25 -2.56
N VAL L 88 44.02 21.11 -2.19
CA VAL L 88 42.67 21.02 -1.59
C VAL L 88 42.88 20.61 -0.14
N GLN L 89 42.66 21.54 0.78
CA GLN L 89 42.67 21.23 2.21
C GLN L 89 41.38 20.46 2.49
N THR L 90 41.43 19.54 3.45
CA THR L 90 40.22 18.83 3.92
C THR L 90 40.08 19.11 5.40
N ILE L 91 38.83 19.39 5.80
CA ILE L 91 38.48 19.66 7.22
C ILE L 91 37.26 18.82 7.56
N CYS L 92 37.42 17.89 8.50
CA CYS L 92 36.30 17.06 8.98
C CYS L 92 35.60 17.79 10.13
N ILE L 93 34.31 18.03 9.96
CA ILE L 93 33.43 18.52 11.07
C ILE L 93 32.23 17.59 11.16
N GLY L 94 31.93 17.10 12.35
CA GLY L 94 30.84 16.16 12.65
C GLY L 94 31.30 14.74 12.42
N MET L 95 31.23 14.25 11.16
CA MET L 95 31.63 12.87 10.82
C MET L 95 32.19 12.80 9.40
N ALA L 96 33.23 12.01 9.21
CA ALA L 96 33.68 11.52 7.89
C ALA L 96 33.72 9.99 7.98
N ALA L 97 32.74 9.32 7.41
CA ALA L 97 32.65 7.84 7.45
C ALA L 97 32.80 7.29 6.04
N SER L 98 33.44 6.14 5.93
CA SER L 98 33.52 5.36 4.66
C SER L 98 34.16 6.23 3.59
N MET L 99 33.52 6.42 2.44
CA MET L 99 34.08 7.22 1.33
C MET L 99 34.33 8.66 1.83
N GLY L 100 33.58 9.13 2.82
CA GLY L 100 33.83 10.44 3.46
C GLY L 100 35.23 10.49 4.07
N SER L 101 35.63 9.45 4.80
CA SER L 101 36.96 9.41 5.44
C SER L 101 38.03 9.21 4.37
N PHE L 102 37.71 8.49 3.28
CA PHE L 102 38.65 8.30 2.16
C PHE L 102 39.00 9.69 1.60
N LEU L 103 37.99 10.53 1.38
CA LEU L 103 38.19 11.87 0.79
C LEU L 103 38.91 12.79 1.80
N LEU L 104 38.62 12.65 3.09
CA LEU L 104 39.34 13.40 4.15
C LEU L 104 40.85 13.10 4.04
N ALA L 105 41.21 11.83 3.91
CA ALA L 105 42.62 11.38 3.79
C ALA L 105 43.23 11.82 2.45
N ALA L 106 42.43 12.25 1.47
CA ALA L 106 42.89 12.55 0.10
C ALA L 106 43.30 14.02 -0.04
N GLY L 107 43.12 14.84 1.00
CA GLY L 107 43.49 16.27 0.98
C GLY L 107 44.98 16.44 0.83
N ALA L 108 45.43 17.64 0.46
CA ALA L 108 46.86 17.95 0.27
C ALA L 108 47.63 17.59 1.55
N LYS L 109 48.80 16.96 1.38
CA LYS L 109 49.72 16.55 2.45
C LYS L 109 50.02 17.76 3.36
N GLY L 110 49.82 17.59 4.66
CA GLY L 110 49.99 18.67 5.65
C GLY L 110 48.76 19.53 5.80
N LYS L 111 47.71 19.36 5.00
CA LYS L 111 46.52 20.25 5.06
C LYS L 111 45.23 19.43 5.20
N ARG L 112 45.30 18.32 5.93
CA ARG L 112 44.12 17.49 6.29
C ARG L 112 43.87 17.67 7.77
N PHE L 113 42.69 18.14 8.12
CA PHE L 113 42.33 18.54 9.51
C PHE L 113 41.04 17.87 9.96
N ALA L 114 40.88 17.78 11.27
CA ALA L 114 39.56 17.52 11.88
C ALA L 114 39.41 18.46 13.09
N LEU L 115 38.20 18.93 13.35
CA LEU L 115 37.91 19.64 14.60
C LEU L 115 37.84 18.60 15.72
N PRO L 116 38.08 19.00 16.98
CA PRO L 116 38.40 18.06 18.06
C PRO L 116 37.34 16.98 18.33
N ASN L 117 36.07 17.27 18.11
CA ASN L 117 34.98 16.32 18.45
C ASN L 117 34.45 15.62 17.19
N ALA L 118 35.07 15.86 16.03
CA ALA L 118 34.69 15.18 14.78
C ALA L 118 35.04 13.70 14.89
N GLU L 119 34.23 12.85 14.26
CA GLU L 119 34.44 11.39 14.22
C GLU L 119 34.88 11.00 12.82
N VAL L 120 35.77 10.04 12.75
CA VAL L 120 36.21 9.42 11.48
C VAL L 120 35.89 7.93 11.60
N MET L 121 35.27 7.34 10.58
CA MET L 121 35.03 5.88 10.58
C MET L 121 35.53 5.32 9.25
N ILE L 122 36.28 4.23 9.35
CA ILE L 122 36.78 3.49 8.17
C ILE L 122 36.21 2.07 8.20
N HIS L 123 35.94 1.51 7.03
CA HIS L 123 35.38 0.14 6.89
C HIS L 123 35.51 -0.28 5.42
N GLN L 124 35.24 -1.54 5.13
CA GLN L 124 35.34 -2.05 3.75
C GLN L 124 34.11 -1.65 2.95
N PRO L 125 34.21 -1.64 1.62
CA PRO L 125 33.09 -1.31 0.75
C PRO L 125 31.92 -2.28 0.89
N LEU L 126 30.72 -1.76 0.65
CA LEU L 126 29.44 -2.52 0.68
C LEU L 126 28.91 -2.67 -0.74
N GLY L 127 28.20 -3.74 -1.01
CA GLY L 127 27.51 -3.90 -2.30
C GLY L 127 26.56 -5.05 -2.30
N GLY L 128 26.29 -5.54 -3.49
CA GLY L 128 25.24 -6.54 -3.72
C GLY L 128 25.46 -7.20 -5.05
N ALA L 129 24.89 -8.38 -5.20
CA ALA L 129 24.96 -9.18 -6.43
C ALA L 129 23.82 -10.18 -6.38
N GLN L 130 23.12 -10.26 -7.51
CA GLN L 130 21.95 -11.14 -7.72
C GLN L 130 22.11 -11.76 -9.11
N GLY L 131 21.62 -13.00 -9.26
CA GLY L 131 21.57 -13.68 -10.56
C GLY L 131 22.32 -15.01 -10.55
N GLN L 132 22.85 -15.36 -11.71
CA GLN L 132 23.58 -16.62 -11.95
C GLN L 132 24.91 -16.61 -11.20
N ALA L 133 25.38 -17.79 -10.83
CA ALA L 133 26.71 -18.01 -10.21
C ALA L 133 27.78 -17.17 -10.92
N THR L 134 27.85 -17.16 -12.25
CA THR L 134 28.91 -16.41 -12.97
C THR L 134 28.71 -14.90 -12.81
N GLU L 135 27.48 -14.41 -12.71
CA GLU L 135 27.23 -12.97 -12.45
C GLU L 135 27.69 -12.65 -11.02
N ILE L 136 27.42 -13.53 -10.07
CA ILE L 136 27.85 -13.29 -8.67
C ILE L 136 29.39 -13.25 -8.64
N GLU L 137 30.03 -14.12 -9.41
CA GLU L 137 31.50 -14.19 -9.47
C GLU L 137 32.06 -12.86 -10.01
N ILE L 138 31.49 -12.36 -11.09
CA ILE L 138 31.93 -11.07 -11.69
C ILE L 138 31.77 -9.93 -10.66
N ALA L 139 30.63 -9.88 -9.97
CA ALA L 139 30.36 -8.80 -8.99
C ALA L 139 31.35 -8.94 -7.82
N ALA L 140 31.63 -10.15 -7.36
CA ALA L 140 32.57 -10.36 -6.24
C ALA L 140 33.98 -9.93 -6.65
N ASN L 141 34.44 -10.33 -7.84
CA ASN L 141 35.80 -9.97 -8.32
C ASN L 141 35.90 -8.45 -8.38
N HIS L 142 34.87 -7.78 -8.91
CA HIS L 142 34.89 -6.32 -9.07
C HIS L 142 34.98 -5.62 -7.72
N ILE L 143 34.16 -6.02 -6.72
CA ILE L 143 34.16 -5.31 -5.41
C ILE L 143 35.48 -5.62 -4.68
N LEU L 144 36.07 -6.80 -4.85
CA LEU L 144 37.39 -7.11 -4.22
C LEU L 144 38.49 -6.26 -4.87
N LYS L 145 38.46 -6.07 -6.18
CA LYS L 145 39.45 -5.21 -6.87
C LYS L 145 39.27 -3.75 -6.38
N THR L 146 38.02 -3.32 -6.23
CA THR L 146 37.72 -1.96 -5.74
C THR L 146 38.32 -1.80 -4.34
N ARG L 147 38.14 -2.79 -3.47
CA ARG L 147 38.66 -2.75 -2.08
C ARG L 147 40.20 -2.67 -2.11
N GLU L 148 40.86 -3.47 -2.97
CA GLU L 148 42.34 -3.44 -3.09
C GLU L 148 42.77 -2.02 -3.50
N LYS L 149 42.05 -1.42 -4.43
CA LYS L 149 42.37 -0.05 -4.92
C LYS L 149 42.23 0.97 -3.77
N LEU L 150 41.11 0.94 -3.04
CA LEU L 150 40.87 1.87 -1.91
C LEU L 150 41.98 1.69 -0.86
N ASN L 151 42.28 0.44 -0.52
CA ASN L 151 43.26 0.13 0.55
C ASN L 151 44.67 0.57 0.17
N ARG L 152 45.05 0.37 -1.08
CA ARG L 152 46.39 0.77 -1.60
C ARG L 152 46.50 2.28 -1.43
N ILE L 153 45.50 3.05 -1.89
CA ILE L 153 45.58 4.53 -1.84
C ILE L 153 45.60 4.94 -0.37
N LEU L 154 44.81 4.31 0.50
CA LEU L 154 44.78 4.69 1.93
C LEU L 154 46.16 4.42 2.56
N SER L 155 46.81 3.32 2.15
CA SER L 155 48.18 2.96 2.59
C SER L 155 49.15 4.10 2.21
N GLU L 156 49.13 4.51 0.95
CA GLU L 156 50.01 5.60 0.45
C GLU L 156 49.72 6.88 1.23
N ARG L 157 48.46 7.19 1.55
CA ARG L 157 48.12 8.52 2.12
C ARG L 157 48.30 8.54 3.62
N THR L 158 48.25 7.39 4.29
CA THR L 158 48.37 7.30 5.76
C THR L 158 49.79 6.92 6.19
N GLY L 159 50.53 6.21 5.34
CA GLY L 159 51.81 5.60 5.72
C GLY L 159 51.63 4.24 6.39
N GLN L 160 50.41 3.74 6.58
CA GLN L 160 50.20 2.39 7.16
C GLN L 160 50.40 1.34 6.05
N SER L 161 50.79 0.13 6.42
CA SER L 161 50.91 -0.98 5.45
C SER L 161 49.51 -1.40 4.95
N ILE L 162 49.48 -1.97 3.76
CA ILE L 162 48.25 -2.54 3.14
C ILE L 162 47.64 -3.57 4.10
N GLU L 163 48.47 -4.38 4.77
CA GLU L 163 47.98 -5.47 5.66
C GLU L 163 47.28 -4.83 6.86
N LYS L 164 47.83 -3.75 7.40
CA LYS L 164 47.20 -3.09 8.57
C LYS L 164 45.86 -2.46 8.14
N ILE L 165 45.82 -1.81 6.98
CA ILE L 165 44.58 -1.13 6.50
C ILE L 165 43.49 -2.19 6.29
N GLN L 166 43.85 -3.33 5.69
CA GLN L 166 42.92 -4.46 5.45
C GLN L 166 42.31 -4.90 6.80
N LYS L 167 43.15 -5.19 7.78
CA LYS L 167 42.70 -5.66 9.11
C LYS L 167 41.83 -4.59 9.77
N ASP L 168 42.23 -3.32 9.70
CA ASP L 168 41.58 -2.22 10.44
C ASP L 168 40.26 -1.81 9.77
N THR L 169 40.02 -2.21 8.52
CA THR L 169 38.76 -1.88 7.80
C THR L 169 37.85 -3.10 7.68
N ASP L 170 38.23 -4.21 8.30
CA ASP L 170 37.45 -5.46 8.18
C ASP L 170 36.04 -5.22 8.69
N ARG L 171 35.90 -4.48 9.79
CA ARG L 171 34.62 -4.03 10.38
C ARG L 171 34.65 -2.54 10.58
N ASP L 172 33.50 -1.95 10.88
CA ASP L 172 33.35 -0.53 11.27
C ASP L 172 34.38 -0.21 12.34
N ASN L 173 35.21 0.77 12.07
CA ASN L 173 36.30 1.20 12.97
C ASN L 173 36.18 2.70 13.18
N PHE L 174 35.72 3.10 14.36
CA PHE L 174 35.45 4.50 14.76
C PHE L 174 36.71 5.09 15.38
N LEU L 175 37.15 6.25 14.89
CA LEU L 175 38.33 6.97 15.45
C LEU L 175 37.91 8.34 15.91
N THR L 176 38.48 8.79 17.03
CA THR L 176 38.47 10.23 17.42
C THR L 176 39.38 11.02 16.46
N ALA L 177 39.28 12.34 16.48
CA ALA L 177 40.14 13.24 15.68
C ALA L 177 41.59 12.93 15.97
N GLU L 178 41.95 12.84 17.26
CA GLU L 178 43.32 12.57 17.71
C GLU L 178 43.76 11.20 17.17
N GLU L 179 42.93 10.17 17.27
CA GLU L 179 43.29 8.83 16.74
C GLU L 179 43.44 8.89 15.21
N ALA L 180 42.60 9.66 14.51
CA ALA L 180 42.70 9.79 13.04
C ALA L 180 44.07 10.39 12.70
N LYS L 181 44.54 11.33 13.52
CA LYS L 181 45.85 11.97 13.29
C LYS L 181 46.96 10.95 13.53
N GLU L 182 46.89 10.19 14.61
CA GLU L 182 47.89 9.12 14.91
C GLU L 182 47.91 8.10 13.77
N TYR L 183 46.75 7.81 13.19
CA TYR L 183 46.61 6.82 12.09
C TYR L 183 47.23 7.36 10.79
N GLY L 184 47.28 8.69 10.62
CA GLY L 184 47.75 9.31 9.37
C GLY L 184 46.60 9.63 8.41
N LEU L 185 45.34 9.59 8.88
CA LEU L 185 44.18 9.99 8.03
C LEU L 185 44.11 11.50 7.91
N ILE L 186 44.55 12.21 8.96
CA ILE L 186 44.67 13.69 8.93
C ILE L 186 46.07 14.05 9.44
N ASP L 187 46.46 15.31 9.25
CA ASP L 187 47.77 15.84 9.68
C ASP L 187 47.65 16.53 11.04
N GLU L 188 46.53 17.20 11.32
CA GLU L 188 46.38 17.99 12.58
C GLU L 188 44.92 18.02 13.05
N VAL L 189 44.76 18.04 14.37
CA VAL L 189 43.49 18.45 15.02
C VAL L 189 43.52 19.98 15.14
N MET L 190 42.58 20.69 14.51
CA MET L 190 42.42 22.15 14.63
C MET L 190 41.80 22.46 16.00
N VAL L 191 42.63 22.84 16.97
CA VAL L 191 42.16 23.23 18.34
C VAL L 191 41.69 24.68 18.26
N PRO L 192 40.69 25.08 19.07
CA PRO L 192 40.34 26.49 19.21
C PRO L 192 41.30 27.23 20.14
N ILE M 4 7.26 31.84 4.01
CA ILE M 4 8.35 32.68 4.62
C ILE M 4 8.33 34.06 3.96
N PRO M 5 8.04 35.14 4.71
CA PRO M 5 7.89 36.47 4.12
C PRO M 5 9.22 37.17 3.78
N THR M 6 9.11 38.22 2.97
CA THR M 6 10.22 38.99 2.33
C THR M 6 10.26 40.42 2.89
N VAL M 7 11.44 41.04 3.00
CA VAL M 7 11.62 42.47 3.41
C VAL M 7 12.62 43.16 2.46
N TYR M 18 15.43 40.12 0.53
CA TYR M 18 15.71 39.27 1.71
C TYR M 18 14.44 38.55 2.17
N ASP M 19 14.52 37.23 2.37
CA ASP M 19 13.56 36.50 3.25
C ASP M 19 13.88 36.86 4.71
N ILE M 20 12.98 36.57 5.65
CA ILE M 20 13.07 37.12 7.02
C ILE M 20 14.33 36.58 7.71
N TYR M 21 14.67 35.32 7.46
CA TYR M 21 15.85 34.64 8.07
C TYR M 21 17.13 35.33 7.58
N SER M 22 17.19 35.66 6.30
CA SER M 22 18.36 36.33 5.69
C SER M 22 18.52 37.74 6.27
N ARG M 23 17.42 38.43 6.53
CA ARG M 23 17.45 39.77 7.17
C ARG M 23 17.97 39.63 8.60
N LEU M 24 17.57 38.60 9.34
CA LEU M 24 18.09 38.41 10.73
C LEU M 24 19.59 38.07 10.66
N LEU M 25 20.00 37.29 9.66
CA LEU M 25 21.42 36.90 9.51
C LEU M 25 22.28 38.16 9.30
N LYS M 26 21.75 39.14 8.59
CA LYS M 26 22.43 40.44 8.41
C LYS M 26 22.70 41.10 9.76
N ASP M 27 21.89 40.83 10.80
CA ASP M 27 22.13 41.34 12.18
C ASP M 27 22.79 40.26 13.07
N ARG M 28 23.42 39.26 12.46
CA ARG M 28 24.27 38.26 13.17
C ARG M 28 23.38 37.35 14.03
N ILE M 29 22.13 37.14 13.61
CA ILE M 29 21.17 36.22 14.29
C ILE M 29 21.03 34.99 13.40
N ILE M 30 21.34 33.83 13.98
CA ILE M 30 21.19 32.50 13.34
C ILE M 30 20.04 31.76 14.02
N MET M 31 19.14 31.20 13.22
CA MET M 31 18.01 30.41 13.75
C MET M 31 18.32 28.91 13.63
N LEU M 32 18.31 28.23 14.78
CA LEU M 32 18.23 26.74 14.85
C LEU M 32 16.82 26.39 15.31
N GLY M 33 15.92 26.18 14.35
CA GLY M 33 14.46 26.13 14.58
C GLY M 33 13.87 24.81 14.12
N SER M 34 14.67 23.75 14.03
CA SER M 34 14.18 22.43 13.55
C SER M 34 15.01 21.31 14.17
N GLN M 35 14.64 20.09 13.86
CA GLN M 35 15.44 18.88 14.14
C GLN M 35 16.84 19.08 13.56
N ILE M 36 17.86 18.63 14.27
CA ILE M 36 19.27 18.75 13.82
C ILE M 36 19.61 17.53 12.97
N ASP M 37 19.79 17.75 11.68
CA ASP M 37 20.35 16.75 10.76
C ASP M 37 21.54 17.41 10.07
N ASP M 38 22.19 16.68 9.16
CA ASP M 38 23.41 17.14 8.47
C ASP M 38 23.11 18.41 7.69
N ASN M 39 21.94 18.52 7.04
CA ASN M 39 21.57 19.71 6.23
C ASN M 39 21.49 20.93 7.12
N VAL M 40 20.77 20.81 8.23
CA VAL M 40 20.62 21.93 9.20
C VAL M 40 22.00 22.31 9.75
N ALA M 41 22.80 21.32 10.16
CA ALA M 41 24.15 21.57 10.72
C ALA M 41 25.01 22.29 9.69
N ASN M 42 24.98 21.85 8.44
CA ASN M 42 25.83 22.43 7.37
C ASN M 42 25.42 23.88 7.11
N SER M 43 24.12 24.16 7.15
CA SER M 43 23.59 25.54 7.04
C SER M 43 24.12 26.38 8.22
N ILE M 44 24.02 25.87 9.45
CA ILE M 44 24.44 26.65 10.65
C ILE M 44 25.95 26.87 10.60
N VAL M 45 26.72 25.85 10.27
CA VAL M 45 28.21 25.96 10.18
C VAL M 45 28.55 27.05 9.16
N SER M 46 27.91 27.04 7.99
CA SER M 46 28.18 28.03 6.91
C SER M 46 27.87 29.44 7.43
N GLN M 47 26.76 29.60 8.15
CA GLN M 47 26.35 30.91 8.68
C GLN M 47 27.39 31.39 9.70
N LEU M 48 27.85 30.52 10.59
CA LEU M 48 28.88 30.89 11.60
C LEU M 48 30.15 31.35 10.89
N LEU M 49 30.60 30.60 9.89
CA LEU M 49 31.85 30.93 9.15
C LEU M 49 31.67 32.27 8.43
N PHE M 50 30.53 32.46 7.78
CA PHE M 50 30.22 33.70 7.05
C PHE M 50 30.24 34.87 8.03
N LEU M 51 29.59 34.75 9.18
CA LEU M 51 29.50 35.87 10.14
C LEU M 51 30.89 36.19 10.70
N GLN M 52 31.72 35.18 10.95
CA GLN M 52 33.11 35.44 11.42
C GLN M 52 33.85 36.25 10.33
N ALA M 53 33.71 35.91 9.06
CA ALA M 53 34.37 36.61 7.93
C ALA M 53 33.88 38.06 7.83
N GLN M 54 32.59 38.32 8.08
CA GLN M 54 32.02 39.69 8.05
C GLN M 54 32.60 40.53 9.19
N ASP M 55 32.78 39.93 10.37
CA ASP M 55 33.26 40.65 11.58
C ASP M 55 33.69 39.62 12.61
N SER M 56 35.00 39.56 12.89
CA SER M 56 35.59 38.51 13.76
C SER M 56 35.42 38.89 15.23
N GLU M 57 34.87 40.06 15.55
CA GLU M 57 34.83 40.57 16.96
C GLU M 57 33.41 40.62 17.51
N LYS M 58 32.42 40.94 16.69
CA LYS M 58 31.04 41.17 17.21
C LYS M 58 30.37 39.82 17.54
N ASP M 59 29.59 39.83 18.61
CA ASP M 59 28.79 38.69 19.06
C ASP M 59 27.90 38.19 17.91
N ILE M 60 27.66 36.88 17.94
CA ILE M 60 26.64 36.18 17.11
C ILE M 60 25.55 35.72 18.07
N TYR M 61 24.31 35.71 17.60
CA TYR M 61 23.11 35.30 18.40
C TYR M 61 22.52 34.03 17.77
N LEU M 62 22.70 32.90 18.45
CA LEU M 62 22.13 31.59 18.06
C LEU M 62 20.87 31.36 18.86
N TRP M 63 19.74 31.46 18.19
CA TRP M 63 18.41 31.22 18.79
C TRP M 63 18.00 29.76 18.53
N ILE M 64 17.57 29.08 19.57
CA ILE M 64 17.39 27.60 19.55
C ILE M 64 15.94 27.30 19.93
N ASN M 65 15.25 26.67 18.98
CA ASN M 65 13.97 25.98 19.21
C ASN M 65 14.06 24.65 18.45
N SER M 66 14.54 23.60 19.12
CA SER M 66 14.91 22.32 18.47
C SER M 66 14.64 21.15 19.40
N PRO M 67 14.04 20.06 18.88
CA PRO M 67 13.92 18.81 19.64
C PRO M 67 15.20 17.95 19.63
N GLY M 68 16.28 18.43 19.02
CA GLY M 68 17.56 17.70 18.94
C GLY M 68 17.72 16.99 17.62
N GLY M 69 18.41 15.85 17.59
CA GLY M 69 18.68 15.11 16.35
C GLY M 69 20.06 14.49 16.37
N SER M 70 20.72 14.47 15.23
CA SER M 70 22.00 13.74 15.03
C SER M 70 23.08 14.31 15.95
N VAL M 71 23.75 13.43 16.68
CA VAL M 71 24.85 13.83 17.59
C VAL M 71 26.02 14.36 16.76
N THR M 72 26.40 13.70 15.66
CA THR M 72 27.55 14.14 14.83
C THR M 72 27.22 15.49 14.20
N ALA M 73 25.99 15.70 13.74
CA ALA M 73 25.56 17.00 13.19
C ALA M 73 25.65 18.07 14.28
N GLY M 74 25.17 17.76 15.48
CA GLY M 74 25.30 18.66 16.65
C GLY M 74 26.76 19.01 16.91
N PHE M 75 27.67 18.06 16.79
CA PHE M 75 29.10 18.30 17.04
C PHE M 75 29.72 19.13 15.92
N ALA M 76 29.20 19.06 14.68
CA ALA M 76 29.64 19.96 13.62
C ALA M 76 29.39 21.40 14.08
N ILE M 77 28.20 21.64 14.63
CA ILE M 77 27.82 23.00 15.09
C ILE M 77 28.68 23.34 16.32
N TYR M 78 28.74 22.45 17.30
CA TYR M 78 29.50 22.68 18.55
C TYR M 78 30.93 23.10 18.23
N ASP M 79 31.65 22.31 17.44
CA ASP M 79 33.09 22.56 17.18
C ASP M 79 33.23 23.85 16.38
N THR M 80 32.29 24.17 15.49
CA THR M 80 32.39 25.40 14.69
C THR M 80 32.22 26.60 15.64
N ILE M 81 31.28 26.52 16.58
CA ILE M 81 31.11 27.58 17.61
C ILE M 81 32.44 27.78 18.32
N GLN M 82 33.06 26.72 18.84
CA GLN M 82 34.28 26.89 19.67
C GLN M 82 35.43 27.38 18.79
N HIS M 83 35.41 27.04 17.50
CA HIS M 83 36.53 27.34 16.57
C HIS M 83 36.60 28.85 16.26
N ILE M 84 35.47 29.49 16.02
CA ILE M 84 35.44 30.88 15.50
C ILE M 84 35.75 31.84 16.64
N LYS M 85 36.17 33.05 16.28
CA LYS M 85 36.63 34.07 17.27
C LYS M 85 35.45 34.75 17.97
N PRO M 86 34.36 35.14 17.27
CA PRO M 86 33.25 35.79 17.96
C PRO M 86 32.64 34.90 19.04
N ASP M 87 32.21 35.51 20.14
CA ASP M 87 31.31 34.85 21.11
C ASP M 87 30.01 34.52 20.40
N VAL M 88 29.47 33.34 20.66
CA VAL M 88 28.13 32.94 20.17
C VAL M 88 27.21 32.88 21.38
N GLN M 89 26.31 33.85 21.48
CA GLN M 89 25.25 33.82 22.51
C GLN M 89 24.25 32.73 22.11
N THR M 90 23.64 32.06 23.07
CA THR M 90 22.56 31.10 22.82
C THR M 90 21.33 31.55 23.57
N ILE M 91 20.19 31.46 22.90
CA ILE M 91 18.87 31.86 23.48
C ILE M 91 17.88 30.74 23.17
N CYS M 92 17.36 30.10 24.21
CA CYS M 92 16.33 29.06 24.05
C CYS M 92 14.95 29.70 24.05
N ILE M 93 14.20 29.48 22.98
CA ILE M 93 12.80 29.98 22.79
C ILE M 93 11.96 28.75 22.42
N GLY M 94 10.95 28.41 23.20
CA GLY M 94 10.11 27.22 22.98
C GLY M 94 10.71 26.00 23.63
N MET M 95 11.65 25.32 22.97
CA MET M 95 12.22 24.05 23.50
C MET M 95 13.66 23.87 23.00
N ALA M 96 14.53 23.41 23.87
CA ALA M 96 15.86 22.85 23.51
C ALA M 96 15.94 21.46 24.15
N ALA M 97 15.77 20.42 23.35
CA ALA M 97 15.82 19.02 23.82
C ALA M 97 17.04 18.33 23.24
N SER M 98 17.65 17.43 24.02
CA SER M 98 18.70 16.50 23.57
C SER M 98 19.87 17.31 23.02
N MET M 99 20.31 17.08 21.78
CA MET M 99 21.44 17.82 21.18
C MET M 99 21.12 19.31 21.17
N GLY M 100 19.84 19.69 21.10
CA GLY M 100 19.43 21.10 21.20
C GLY M 100 19.86 21.71 22.51
N SER M 101 19.65 21.01 23.63
CA SER M 101 20.05 21.53 24.96
C SER M 101 21.58 21.49 25.08
N PHE M 102 22.24 20.52 24.45
CA PHE M 102 23.72 20.46 24.43
C PHE M 102 24.27 21.75 23.79
N LEU M 103 23.69 22.16 22.65
CA LEU M 103 24.16 23.35 21.93
C LEU M 103 23.79 24.63 22.69
N LEU M 104 22.65 24.65 23.39
CA LEU M 104 22.28 25.79 24.28
C LEU M 104 23.40 25.97 25.33
N ALA M 105 23.84 24.89 25.94
CA ALA M 105 24.91 24.90 26.98
C ALA M 105 26.26 25.27 26.37
N ALA M 106 26.42 25.25 25.04
CA ALA M 106 27.72 25.45 24.37
C ALA M 106 27.97 26.92 24.03
N GLY M 107 27.01 27.80 24.30
CA GLY M 107 27.15 29.24 24.02
C GLY M 107 28.24 29.86 24.89
N ALA M 108 28.70 31.05 24.54
CA ALA M 108 29.76 31.77 25.28
C ALA M 108 29.35 31.91 26.75
N LYS M 109 30.29 31.65 27.65
CA LYS M 109 30.05 31.68 29.12
C LYS M 109 29.55 33.06 29.51
N GLY M 110 28.45 33.12 30.24
CA GLY M 110 27.75 34.37 30.62
C GLY M 110 26.75 34.81 29.56
N LYS M 111 26.68 34.17 28.40
CA LYS M 111 25.76 34.63 27.31
C LYS M 111 24.87 33.48 26.81
N ARG M 112 24.46 32.60 27.73
CA ARG M 112 23.50 31.51 27.45
C ARG M 112 22.21 31.86 28.17
N PHE M 113 21.11 31.98 27.43
CA PHE M 113 19.82 32.47 27.95
C PHE M 113 18.67 31.53 27.60
N ALA M 114 17.59 31.63 28.35
CA ALA M 114 16.27 31.07 27.95
C ALA M 114 15.21 32.10 28.29
N LEU M 115 14.16 32.18 27.47
CA LEU M 115 12.97 32.97 27.84
C LEU M 115 12.19 32.17 28.88
N PRO M 116 11.36 32.85 29.71
CA PRO M 116 10.86 32.26 30.95
C PRO M 116 10.07 30.95 30.81
N ASN M 117 9.35 30.78 29.70
CA ASN M 117 8.45 29.60 29.52
C ASN M 117 9.11 28.56 28.61
N ALA M 118 10.35 28.79 28.18
CA ALA M 118 11.07 27.83 27.34
C ALA M 118 11.35 26.55 28.15
N GLU M 119 11.34 25.42 27.47
CA GLU M 119 11.60 24.10 28.09
C GLU M 119 12.97 23.59 27.64
N VAL M 120 13.68 22.97 28.55
CA VAL M 120 14.98 22.32 28.27
C VAL M 120 14.80 20.85 28.65
N MET M 121 15.21 19.93 27.78
CA MET M 121 15.17 18.50 28.13
C MET M 121 16.54 17.89 27.84
N ILE M 122 17.03 17.13 28.79
CA ILE M 122 18.30 16.37 28.65
C ILE M 122 17.97 14.88 28.77
N HIS M 123 18.69 14.05 28.02
CA HIS M 123 18.53 12.58 28.03
C HIS M 123 19.74 11.96 27.34
N GLN M 124 19.89 10.64 27.42
CA GLN M 124 21.05 9.97 26.81
C GLN M 124 20.81 9.82 25.31
N PRO M 125 21.90 9.62 24.53
CA PRO M 125 21.79 9.42 23.09
C PRO M 125 20.98 8.16 22.73
N LEU M 126 20.33 8.22 21.58
CA LEU M 126 19.51 7.13 21.00
C LEU M 126 20.24 6.59 19.77
N GLY M 127 20.06 5.32 19.48
CA GLY M 127 20.59 4.74 18.24
C GLY M 127 20.13 3.33 18.03
N GLY M 128 20.88 2.62 17.21
CA GLY M 128 20.44 1.34 16.65
C GLY M 128 21.64 0.53 16.25
N ALA M 129 21.42 -0.77 16.13
CA ALA M 129 22.46 -1.75 15.75
C ALA M 129 21.74 -3.02 15.36
N GLN M 130 22.12 -3.57 14.22
CA GLN M 130 21.56 -4.81 13.64
C GLN M 130 22.72 -5.61 13.06
N GLY M 131 22.63 -6.93 13.13
CA GLY M 131 23.60 -7.83 12.48
C GLY M 131 24.24 -8.80 13.45
N GLN M 132 25.49 -9.13 13.18
CA GLN M 132 26.25 -10.13 13.95
C GLN M 132 26.57 -9.59 15.35
N ALA M 133 26.72 -10.47 16.32
CA ALA M 133 27.10 -10.15 17.70
C ALA M 133 28.25 -9.13 17.70
N THR M 134 29.31 -9.33 16.92
CA THR M 134 30.48 -8.43 16.94
C THR M 134 30.12 -7.06 16.36
N GLU M 135 29.22 -6.99 15.37
CA GLU M 135 28.74 -5.68 14.84
C GLU M 135 27.95 -4.97 15.93
N ILE M 136 27.10 -5.70 16.66
CA ILE M 136 26.31 -5.07 17.74
C ILE M 136 27.27 -4.56 18.81
N GLU M 137 28.32 -5.30 19.10
CA GLU M 137 29.33 -4.91 20.11
C GLU M 137 30.00 -3.59 19.68
N ILE M 138 30.43 -3.50 18.43
CA ILE M 138 31.08 -2.27 17.90
C ILE M 138 30.10 -1.08 18.02
N ALA M 139 28.83 -1.27 17.65
CA ALA M 139 27.83 -0.17 17.70
C ALA M 139 27.59 0.22 19.16
N ALA M 140 27.51 -0.73 20.07
CA ALA M 140 27.28 -0.46 21.51
C ALA M 140 28.48 0.32 22.06
N ASN M 141 29.71 -0.12 21.78
CA ASN M 141 30.93 0.57 22.29
C ASN M 141 30.93 2.00 21.77
N HIS M 142 30.61 2.20 20.50
CA HIS M 142 30.63 3.55 19.89
C HIS M 142 29.61 4.46 20.57
N ILE M 143 28.35 4.01 20.79
CA ILE M 143 27.33 4.91 21.37
C ILE M 143 27.67 5.17 22.84
N LEU M 144 28.27 4.21 23.56
CA LEU M 144 28.70 4.45 24.97
C LEU M 144 29.84 5.48 25.00
N LYS M 145 30.79 5.40 24.08
CA LYS M 145 31.89 6.38 24.00
C LYS M 145 31.33 7.76 23.63
N THR M 146 30.34 7.81 22.74
CA THR M 146 29.68 9.07 22.36
C THR M 146 29.03 9.67 23.61
N ARG M 147 28.34 8.85 24.41
CA ARG M 147 27.68 9.34 25.64
C ARG M 147 28.74 9.88 26.62
N GLU M 148 29.86 9.18 26.80
CA GLU M 148 30.96 9.64 27.69
C GLU M 148 31.45 11.01 27.20
N LYS M 149 31.60 11.17 25.89
CA LYS M 149 32.08 12.43 25.29
C LYS M 149 31.08 13.56 25.57
N LEU M 150 29.80 13.33 25.31
CA LEU M 150 28.74 14.34 25.56
C LEU M 150 28.73 14.72 27.04
N ASN M 151 28.79 13.72 27.93
CA ASN M 151 28.66 13.95 29.39
C ASN M 151 29.88 14.74 29.91
N ARG M 152 31.08 14.42 29.42
CA ARG M 152 32.33 15.11 29.82
C ARG M 152 32.19 16.60 29.45
N ILE M 153 31.78 16.89 28.22
CA ILE M 153 31.69 18.30 27.75
C ILE M 153 30.59 19.00 28.55
N LEU M 154 29.46 18.33 28.80
CA LEU M 154 28.35 18.94 29.55
C LEU M 154 28.83 19.24 30.98
N SER M 155 29.64 18.36 31.57
CA SER M 155 30.25 18.55 32.90
C SER M 155 31.07 19.85 32.90
N GLU M 156 31.97 19.99 31.94
CA GLU M 156 32.83 21.20 31.80
C GLU M 156 31.94 22.44 31.63
N ARG M 157 30.84 22.38 30.89
CA ARG M 157 30.07 23.60 30.55
C ARG M 157 29.06 23.97 31.64
N THR M 158 28.63 22.98 32.44
CA THR M 158 27.59 23.20 33.48
C THR M 158 28.24 23.36 34.86
N GLY M 159 29.42 22.79 35.07
CA GLY M 159 30.01 22.65 36.42
C GLY M 159 29.47 21.43 37.19
N GLN M 160 28.57 20.63 36.62
CA GLN M 160 28.08 19.41 37.31
C GLN M 160 29.08 18.28 37.11
N SER M 161 29.13 17.33 38.03
CA SER M 161 30.00 16.14 37.88
C SER M 161 29.49 15.26 36.74
N ILE M 162 30.39 14.49 36.14
CA ILE M 162 30.06 13.47 35.11
C ILE M 162 29.04 12.49 35.70
N GLU M 163 29.20 12.10 36.97
CA GLU M 163 28.29 11.10 37.61
C GLU M 163 26.89 11.68 37.72
N LYS M 164 26.76 12.97 38.03
CA LYS M 164 25.43 13.59 38.17
C LYS M 164 24.78 13.67 36.78
N ILE M 165 25.54 14.04 35.75
CA ILE M 165 25.00 14.19 34.38
C ILE M 165 24.51 12.82 33.89
N GLN M 166 25.30 11.77 34.13
CA GLN M 166 24.94 10.37 33.79
C GLN M 166 23.59 10.01 34.41
N LYS M 167 23.46 10.21 35.73
CA LYS M 167 22.22 9.86 36.47
C LYS M 167 21.05 10.68 35.93
N ASP M 168 21.26 11.98 35.70
CA ASP M 168 20.18 12.93 35.34
C ASP M 168 19.74 12.75 33.89
N THR M 169 20.52 12.07 33.06
CA THR M 169 20.20 11.86 31.63
C THR M 169 19.78 10.42 31.37
N ASP M 170 19.66 9.62 32.42
CA ASP M 170 19.33 8.18 32.27
C ASP M 170 17.97 8.08 31.53
N ARG M 171 17.01 8.94 31.89
CA ARG M 171 15.70 9.07 31.22
C ARG M 171 15.45 10.52 30.86
N ASP M 172 14.44 10.78 30.05
CA ASP M 172 13.99 12.13 29.66
C ASP M 172 13.83 12.94 30.95
N ASN M 173 14.52 14.06 31.01
CA ASN M 173 14.53 14.95 32.18
C ASN M 173 14.19 16.37 31.71
N PHE M 174 12.98 16.81 32.01
CA PHE M 174 12.42 18.11 31.58
C PHE M 174 12.76 19.15 32.65
N LEU M 175 13.34 20.28 32.23
CA LEU M 175 13.66 21.42 33.11
C LEU M 175 12.90 22.66 32.63
N THR M 176 12.45 23.45 33.59
CA THR M 176 12.04 24.86 33.34
C THR M 176 13.29 25.71 33.06
N ALA M 177 13.10 26.91 32.53
CA ALA M 177 14.19 27.87 32.26
C ALA M 177 14.99 28.09 33.56
N GLU M 178 14.29 28.33 34.65
CA GLU M 178 14.91 28.58 35.98
C GLU M 178 15.72 27.34 36.39
N GLU M 179 15.17 26.13 36.24
CA GLU M 179 15.92 24.89 36.59
C GLU M 179 17.14 24.74 35.66
N ALA M 180 17.03 25.09 34.39
CA ALA M 180 18.17 25.01 33.45
C ALA M 180 19.29 25.93 33.95
N LYS M 181 18.91 27.09 34.50
CA LYS M 181 19.90 28.05 35.03
C LYS M 181 20.55 27.47 36.28
N GLU M 182 19.76 26.91 37.20
CA GLU M 182 20.29 26.26 38.43
C GLU M 182 21.23 25.14 38.05
N TYR M 183 20.93 24.42 36.96
CA TYR M 183 21.74 23.26 36.49
C TYR M 183 23.06 23.75 35.88
N GLY M 184 23.11 24.98 35.38
CA GLY M 184 24.30 25.51 34.70
C GLY M 184 24.25 25.30 33.19
N LEU M 185 23.07 24.95 32.64
CA LEU M 185 22.90 24.82 31.17
C LEU M 185 22.80 26.22 30.53
N ILE M 186 22.25 27.17 31.27
CA ILE M 186 22.20 28.60 30.84
C ILE M 186 22.72 29.46 32.00
N ASP M 187 23.01 30.72 31.70
CA ASP M 187 23.50 31.71 32.70
C ASP M 187 22.34 32.54 33.25
N GLU M 188 21.34 32.87 32.44
CA GLU M 188 20.24 33.76 32.87
C GLU M 188 18.92 33.41 32.18
N VAL M 189 17.82 33.59 32.90
CA VAL M 189 16.46 33.70 32.33
C VAL M 189 16.25 35.16 31.90
N MET M 190 16.03 35.41 30.61
CA MET M 190 15.72 36.76 30.06
C MET M 190 14.27 37.10 30.43
N VAL M 191 14.10 37.90 31.48
CA VAL M 191 12.75 38.37 31.92
C VAL M 191 12.34 39.54 31.03
N PRO M 192 11.02 39.72 30.79
CA PRO M 192 10.52 40.92 30.12
C PRO M 192 10.44 42.11 31.08
N ILE N 4 -0.69 32.70 -4.08
CA ILE N 4 -0.50 33.94 -3.24
C ILE N 4 -0.17 35.12 -4.15
N PRO N 5 -1.04 36.14 -4.26
CA PRO N 5 -0.83 37.24 -5.20
C PRO N 5 0.22 38.27 -4.76
N THR N 6 0.65 39.09 -5.73
CA THR N 6 1.77 40.06 -5.66
C THR N 6 1.22 41.50 -5.77
N VAL N 7 1.86 42.47 -5.10
CA VAL N 7 1.52 43.93 -5.20
C VAL N 7 2.82 44.74 -5.32
N TYR N 18 6.42 42.49 -3.76
CA TYR N 18 5.86 41.96 -2.49
C TYR N 18 4.75 40.95 -2.78
N ASP N 19 4.78 39.78 -2.14
CA ASP N 19 3.58 38.94 -1.94
C ASP N 19 2.69 39.63 -0.88
N ILE N 20 1.44 39.24 -0.78
CA ILE N 20 0.43 40.01 0.01
C ILE N 20 0.83 40.02 1.48
N TYR N 21 1.35 38.89 1.98
CA TYR N 21 1.74 38.74 3.41
C TYR N 21 2.91 39.67 3.72
N SER N 22 3.86 39.78 2.79
CA SER N 22 5.04 40.67 2.96
C SER N 22 4.60 42.13 2.97
N ARG N 23 3.59 42.49 2.17
CA ARG N 23 3.02 43.85 2.17
C ARG N 23 2.36 44.12 3.51
N LEU N 24 1.64 43.16 4.08
CA LEU N 24 1.00 43.37 5.41
C LEU N 24 2.09 43.51 6.49
N LEU N 25 3.17 42.75 6.36
CA LEU N 25 4.28 42.79 7.35
C LEU N 25 4.89 44.20 7.35
N LYS N 26 4.98 44.83 6.19
CA LYS N 26 5.47 46.22 6.07
C LYS N 26 4.59 47.16 6.92
N ASP N 27 3.30 46.84 7.15
CA ASP N 27 2.42 47.64 8.05
C ASP N 27 2.31 47.00 9.43
N ARG N 28 3.26 46.15 9.81
CA ARG N 28 3.40 45.62 11.19
C ARG N 28 2.24 44.65 11.49
N ILE N 29 1.74 43.98 10.45
CA ILE N 29 0.67 42.94 10.58
C ILE N 29 1.34 41.59 10.33
N ILE N 30 1.22 40.71 11.33
CA ILE N 30 1.72 39.32 11.26
C ILE N 30 0.52 38.39 11.21
N MET N 31 0.56 37.44 10.28
CA MET N 31 -0.51 36.42 10.15
C MET N 31 -0.09 35.11 10.82
N LEU N 32 -0.88 34.66 11.80
CA LEU N 32 -0.85 33.28 12.31
C LEU N 32 -2.11 32.59 11.80
N GLY N 33 -2.00 31.93 10.63
CA GLY N 33 -3.13 31.47 9.83
C GLY N 33 -3.09 29.97 9.58
N SER N 34 -2.40 29.22 10.43
CA SER N 34 -2.24 27.77 10.26
C SER N 34 -2.05 27.10 11.62
N GLN N 35 -1.95 25.79 11.59
CA GLN N 35 -1.52 24.97 12.73
C GLN N 35 -0.17 25.50 13.23
N ILE N 36 0.01 25.52 14.56
CA ILE N 36 1.26 26.00 15.18
C ILE N 36 2.25 24.84 15.26
N ASP N 37 3.30 24.90 14.46
CA ASP N 37 4.46 23.98 14.60
C ASP N 37 5.70 24.86 14.73
N ASP N 38 6.86 24.22 14.84
CA ASP N 38 8.15 24.91 15.05
C ASP N 38 8.42 25.87 13.89
N ASN N 39 8.11 25.48 12.65
CA ASN N 39 8.38 26.31 11.45
C ASN N 39 7.55 27.58 11.52
N VAL N 40 6.25 27.45 11.80
CA VAL N 40 5.34 28.61 11.93
C VAL N 40 5.81 29.49 13.08
N ALA N 41 6.13 28.92 14.24
CA ALA N 41 6.59 29.68 15.42
C ALA N 41 7.87 30.45 15.07
N ASN N 42 8.81 29.80 14.40
CA ASN N 42 10.11 30.42 14.08
C ASN N 42 9.91 31.60 13.12
N SER N 43 8.99 31.45 12.17
CA SER N 43 8.60 32.54 11.25
C SER N 43 8.00 33.70 12.07
N ILE N 44 7.07 33.42 12.97
CA ILE N 44 6.39 34.49 13.75
C ILE N 44 7.42 35.17 14.67
N VAL N 45 8.27 34.39 15.34
CA VAL N 45 9.32 34.95 16.24
C VAL N 45 10.20 35.91 15.43
N SER N 46 10.64 35.49 14.25
CA SER N 46 11.53 36.31 13.39
C SER N 46 10.82 37.62 13.01
N GLN N 47 9.54 37.53 12.68
CA GLN N 47 8.74 38.72 12.28
C GLN N 47 8.63 39.68 13.47
N LEU N 48 8.35 39.16 14.67
CA LEU N 48 8.25 40.01 15.89
C LEU N 48 9.59 40.72 16.12
N LEU N 49 10.70 39.99 16.06
CA LEU N 49 12.04 40.58 16.32
C LEU N 49 12.34 41.65 15.26
N PHE N 50 12.06 41.34 14.00
CA PHE N 50 12.30 42.30 12.89
C PHE N 50 11.48 43.56 13.13
N LEU N 51 10.21 43.42 13.45
CA LEU N 51 9.33 44.62 13.63
C LEU N 51 9.82 45.45 14.83
N GLN N 52 10.26 44.80 15.91
CA GLN N 52 10.80 45.56 17.07
C GLN N 52 12.03 46.37 16.63
N ALA N 53 12.92 45.78 15.82
CA ALA N 53 14.15 46.45 15.34
C ALA N 53 13.79 47.64 14.44
N GLN N 54 12.74 47.52 13.62
CA GLN N 54 12.29 48.63 12.73
C GLN N 54 11.76 49.79 13.57
N ASP N 55 11.02 49.49 14.63
CA ASP N 55 10.35 50.51 15.46
C ASP N 55 9.92 49.86 16.77
N SER N 56 10.56 50.28 17.86
CA SER N 56 10.37 49.69 19.19
C SER N 56 9.13 50.26 19.87
N GLU N 57 8.43 51.21 19.26
CA GLU N 57 7.30 51.94 19.93
C GLU N 57 5.96 51.61 19.29
N LYS N 58 5.90 51.43 17.98
CA LYS N 58 4.59 51.27 17.29
C LYS N 58 4.03 49.87 17.54
N ASP N 59 2.72 49.80 17.70
CA ASP N 59 1.96 48.53 17.88
C ASP N 59 2.28 47.58 16.72
N ILE N 60 2.22 46.29 17.07
CA ILE N 60 2.22 45.17 16.09
C ILE N 60 0.83 44.55 16.15
N TYR N 61 0.34 44.05 15.01
CA TYR N 61 -0.99 43.41 14.87
C TYR N 61 -0.80 41.93 14.53
N LEU N 62 -1.08 41.05 15.50
CA LEU N 62 -1.06 39.59 15.30
C LEU N 62 -2.49 39.12 15.05
N TRP N 63 -2.74 38.74 13.82
CA TRP N 63 -4.06 38.19 13.40
C TRP N 63 -4.00 36.67 13.48
N ILE N 64 -5.01 36.08 14.11
CA ILE N 64 -4.99 34.64 14.50
C ILE N 64 -6.21 33.97 13.87
N ASN N 65 -5.91 33.00 13.01
CA ASN N 65 -6.87 31.99 12.52
C ASN N 65 -6.16 30.64 12.57
N SER N 66 -6.26 29.92 13.68
CA SER N 66 -5.41 28.76 13.99
C SER N 66 -6.18 27.74 14.82
N PRO N 67 -6.08 26.44 14.49
CA PRO N 67 -6.63 25.38 15.34
C PRO N 67 -5.69 24.99 16.50
N GLY N 68 -4.57 25.67 16.66
CA GLY N 68 -3.61 25.37 17.73
C GLY N 68 -2.46 24.53 17.19
N GLY N 69 -1.88 23.68 18.05
CA GLY N 69 -0.69 22.90 17.68
C GLY N 69 0.26 22.77 18.85
N SER N 70 1.55 22.76 18.57
CA SER N 70 2.61 22.46 19.57
C SER N 70 2.58 23.51 20.68
N VAL N 71 2.56 23.04 21.93
CA VAL N 71 2.59 23.94 23.12
C VAL N 71 3.93 24.66 23.18
N THR N 72 5.05 23.97 22.95
CA THR N 72 6.39 24.59 23.05
C THR N 72 6.52 25.63 21.94
N ALA N 73 6.05 25.33 20.72
CA ALA N 73 6.07 26.30 19.60
C ALA N 73 5.23 27.53 19.99
N GLY N 74 4.04 27.29 20.55
CA GLY N 74 3.18 28.37 21.06
C GLY N 74 3.91 29.23 22.09
N PHE N 75 4.67 28.61 22.98
CA PHE N 75 5.43 29.35 24.03
C PHE N 75 6.61 30.11 23.43
N ALA N 76 7.18 29.66 22.32
CA ALA N 76 8.20 30.46 21.60
C ALA N 76 7.56 31.78 21.18
N ILE N 77 6.34 31.72 20.66
CA ILE N 77 5.61 32.94 20.21
C ILE N 77 5.25 33.77 21.46
N TYR N 78 4.64 33.13 22.46
CA TYR N 78 4.19 33.81 23.70
C TYR N 78 5.34 34.60 24.32
N ASP N 79 6.48 33.95 24.56
CA ASP N 79 7.61 34.60 25.27
C ASP N 79 8.18 35.71 24.39
N THR N 80 8.18 35.53 23.06
CA THR N 80 8.74 36.58 22.18
C THR N 80 7.81 37.80 22.24
N ILE N 81 6.50 37.59 22.26
CA ILE N 81 5.53 38.70 22.44
C ILE N 81 5.86 39.44 23.74
N GLN N 82 5.99 38.74 24.86
CA GLN N 82 6.15 39.42 26.16
C GLN N 82 7.54 40.09 26.19
N HIS N 83 8.52 39.56 25.46
CA HIS N 83 9.91 40.05 25.51
C HIS N 83 10.04 41.42 24.83
N ILE N 84 9.42 41.61 23.68
CA ILE N 84 9.67 42.81 22.84
C ILE N 84 8.93 44.01 23.46
N LYS N 85 9.37 45.20 23.09
CA LYS N 85 8.86 46.46 23.69
C LYS N 85 7.49 46.84 23.10
N PRO N 86 7.26 46.76 21.77
CA PRO N 86 5.95 47.13 21.25
C PRO N 86 4.82 46.28 21.85
N ASP N 87 3.67 46.91 22.05
CA ASP N 87 2.40 46.17 22.30
C ASP N 87 2.11 45.30 21.07
N VAL N 88 1.67 44.08 21.30
CA VAL N 88 1.19 43.17 20.22
C VAL N 88 -0.31 43.03 20.42
N GLN N 89 -1.07 43.64 19.52
CA GLN N 89 -2.54 43.45 19.48
C GLN N 89 -2.79 42.05 18.95
N THR N 90 -3.86 41.40 19.40
CA THR N 90 -4.31 40.11 18.84
C THR N 90 -5.73 40.28 18.33
N ILE N 91 -5.97 39.71 17.15
CA ILE N 91 -7.30 39.76 16.50
C ILE N 91 -7.64 38.35 16.02
N CYS N 92 -8.70 37.77 16.57
CA CYS N 92 -9.19 36.44 16.14
C CYS N 92 -10.16 36.61 14.98
N ILE N 93 -9.82 35.99 13.85
CA ILE N 93 -10.64 35.98 12.60
C ILE N 93 -10.81 34.50 12.22
N GLY N 94 -12.06 34.02 12.17
CA GLY N 94 -12.35 32.61 11.87
C GLY N 94 -12.33 31.79 13.14
N MET N 95 -11.15 31.33 13.58
CA MET N 95 -11.09 30.42 14.76
C MET N 95 -9.76 30.59 15.49
N ALA N 96 -9.80 30.58 16.83
CA ALA N 96 -8.60 30.44 17.67
C ALA N 96 -8.89 29.29 18.65
N ALA N 97 -8.31 28.12 18.39
CA ALA N 97 -8.54 26.93 19.24
C ALA N 97 -7.22 26.57 19.93
N SER N 98 -7.34 26.08 21.17
CA SER N 98 -6.22 25.47 21.92
C SER N 98 -5.10 26.49 22.07
N MET N 99 -3.86 26.18 21.64
CA MET N 99 -2.73 27.15 21.75
C MET N 99 -3.08 28.43 20.99
N GLY N 100 -3.90 28.35 19.95
CA GLY N 100 -4.37 29.55 19.23
C GLY N 100 -5.11 30.50 20.17
N SER N 101 -6.02 29.98 20.99
CA SER N 101 -6.79 30.82 21.93
C SER N 101 -5.87 31.30 23.06
N PHE N 102 -4.87 30.50 23.44
CA PHE N 102 -3.87 30.91 24.46
C PHE N 102 -3.15 32.16 23.95
N LEU N 103 -2.72 32.15 22.69
CA LEU N 103 -1.95 33.29 22.11
C LEU N 103 -2.90 34.50 21.91
N LEU N 104 -4.16 34.28 21.58
CA LEU N 104 -5.18 35.37 21.51
C LEU N 104 -5.24 36.08 22.86
N ALA N 105 -5.31 35.33 23.95
CA ALA N 105 -5.37 35.86 25.33
C ALA N 105 -4.04 36.54 25.72
N ALA N 106 -2.96 36.34 24.99
CA ALA N 106 -1.60 36.81 25.35
C ALA N 106 -1.32 38.21 24.78
N GLY N 107 -2.23 38.76 23.99
CA GLY N 107 -2.03 40.10 23.40
C GLY N 107 -2.00 41.18 24.47
N ALA N 108 -1.52 42.37 24.12
CA ALA N 108 -1.43 43.51 25.06
C ALA N 108 -2.82 43.79 25.65
N LYS N 109 -2.85 44.03 26.98
CA LYS N 109 -4.09 44.30 27.73
C LYS N 109 -4.84 45.48 27.09
N GLY N 110 -6.12 45.29 26.83
CA GLY N 110 -6.98 46.27 26.14
C GLY N 110 -6.90 46.15 24.63
N LYS N 111 -6.01 45.33 24.06
CA LYS N 111 -5.86 45.25 22.58
C LYS N 111 -5.98 43.80 22.08
N ARG N 112 -6.85 43.02 22.73
CA ARG N 112 -7.19 41.63 22.30
C ARG N 112 -8.61 41.67 21.77
N PHE N 113 -8.79 41.29 20.50
CA PHE N 113 -10.07 41.42 19.79
C PHE N 113 -10.48 40.10 19.14
N ALA N 114 -11.77 39.97 18.85
CA ALA N 114 -12.30 38.96 17.91
C ALA N 114 -13.37 39.62 17.06
N LEU N 115 -13.47 39.23 15.79
CA LEU N 115 -14.60 39.64 14.93
C LEU N 115 -15.82 38.83 15.38
N PRO N 116 -17.05 39.34 15.12
CA PRO N 116 -18.25 38.87 15.81
C PRO N 116 -18.56 37.38 15.67
N ASN N 117 -18.22 36.77 14.53
CA ASN N 117 -18.59 35.36 14.26
C ASN N 117 -17.37 34.45 14.43
N ALA N 118 -16.25 34.99 14.91
CA ALA N 118 -15.04 34.19 15.18
C ALA N 118 -15.32 33.25 16.34
N GLU N 119 -14.72 32.05 16.27
CA GLU N 119 -14.93 30.99 17.30
C GLU N 119 -13.66 30.87 18.12
N VAL N 120 -13.82 30.71 19.41
CA VAL N 120 -12.68 30.50 20.35
C VAL N 120 -12.95 29.17 21.03
N MET N 121 -11.95 28.29 21.07
CA MET N 121 -12.13 27.01 21.79
C MET N 121 -10.95 26.82 22.73
N ILE N 122 -11.27 26.45 23.96
CA ILE N 122 -10.26 26.12 25.00
C ILE N 122 -10.47 24.67 25.42
N HIS N 123 -9.38 24.00 25.74
CA HIS N 123 -9.37 22.58 26.17
C HIS N 123 -8.00 22.26 26.77
N GLN N 124 -7.86 21.11 27.38
CA GLN N 124 -6.58 20.72 28.00
C GLN N 124 -5.64 20.22 26.91
N PRO N 125 -4.32 20.26 27.18
CA PRO N 125 -3.32 19.77 26.22
C PRO N 125 -3.48 18.28 25.92
N LEU N 126 -3.11 17.89 24.71
CA LEU N 126 -3.17 16.50 24.19
C LEU N 126 -1.74 16.00 24.02
N GLY N 127 -1.53 14.69 24.16
CA GLY N 127 -0.24 14.10 23.85
C GLY N 127 -0.32 12.60 23.87
N GLY N 128 0.84 11.99 24.05
CA GLY N 128 1.02 10.55 23.89
C GLY N 128 2.25 10.09 24.63
N ALA N 129 2.31 8.80 24.87
CA ALA N 129 3.43 8.14 25.56
C ALA N 129 3.30 6.65 25.27
N GLN N 130 4.44 6.04 24.97
CA GLN N 130 4.56 4.61 24.71
C GLN N 130 5.85 4.13 25.38
N GLY N 131 5.85 2.88 25.86
CA GLY N 131 7.07 2.24 26.41
C GLY N 131 6.84 1.72 27.82
N GLN N 132 7.90 1.77 28.61
CA GLN N 132 7.91 1.24 30.00
C GLN N 132 7.03 2.11 30.89
N ALA N 133 6.47 1.50 31.94
CA ALA N 133 5.70 2.18 32.99
C ALA N 133 6.40 3.47 33.40
N THR N 134 7.70 3.47 33.66
CA THR N 134 8.41 4.67 34.16
C THR N 134 8.49 5.74 33.05
N GLU N 135 8.59 5.36 31.78
CA GLU N 135 8.55 6.34 30.66
C GLU N 135 7.15 6.96 30.60
N ILE N 136 6.12 6.15 30.77
CA ILE N 136 4.73 6.67 30.72
C ILE N 136 4.54 7.64 31.89
N GLU N 137 5.12 7.32 33.04
CA GLU N 137 5.02 8.19 34.25
C GLU N 137 5.68 9.54 33.97
N ILE N 138 6.88 9.53 33.38
CA ILE N 138 7.61 10.78 33.04
C ILE N 138 6.75 11.61 32.07
N ALA N 139 6.18 10.99 31.05
CA ALA N 139 5.37 11.72 30.04
C ALA N 139 4.10 12.29 30.71
N ALA N 140 3.46 11.52 31.60
CA ALA N 140 2.25 12.00 32.31
C ALA N 140 2.61 13.19 33.21
N ASN N 141 3.69 13.10 33.98
CA ASN N 141 4.09 14.19 34.90
C ASN N 141 4.36 15.46 34.07
N HIS N 142 5.05 15.30 32.94
CA HIS N 142 5.41 16.46 32.09
C HIS N 142 4.15 17.14 31.53
N ILE N 143 3.19 16.38 31.00
CA ILE N 143 2.00 17.00 30.38
C ILE N 143 1.12 17.62 31.48
N LEU N 144 1.09 17.06 32.70
CA LEU N 144 0.31 17.68 33.82
C LEU N 144 0.98 18.99 34.24
N LYS N 145 2.31 19.04 34.29
CA LYS N 145 3.03 20.29 34.61
C LYS N 145 2.79 21.33 33.51
N THR N 146 2.78 20.90 32.25
CA THR N 146 2.51 21.79 31.11
C THR N 146 1.11 22.39 31.28
N ARG N 147 0.12 21.56 31.64
CA ARG N 147 -1.26 22.05 31.83
C ARG N 147 -1.32 23.06 32.98
N GLU N 148 -0.64 22.79 34.11
CA GLU N 148 -0.59 23.73 35.26
C GLU N 148 -0.01 25.06 34.78
N LYS N 149 1.06 25.02 33.98
CA LYS N 149 1.71 26.24 33.46
C LYS N 149 0.73 27.03 32.58
N LEU N 150 0.07 26.37 31.62
CA LEU N 150 -0.88 27.05 30.72
C LEU N 150 -2.02 27.65 31.55
N ASN N 151 -2.56 26.89 32.51
CA ASN N 151 -3.73 27.34 33.29
C ASN N 151 -3.37 28.54 34.17
N ARG N 152 -2.18 28.53 34.77
CA ARG N 152 -1.71 29.64 35.63
C ARG N 152 -1.67 30.91 34.77
N ILE N 153 -1.04 30.85 33.60
CA ILE N 153 -0.89 32.05 32.74
C ILE N 153 -2.28 32.49 32.27
N LEU N 154 -3.15 31.57 31.91
CA LEU N 154 -4.52 31.90 31.44
C LEU N 154 -5.29 32.58 32.59
N SER N 155 -5.09 32.12 33.82
CA SER N 155 -5.69 32.73 35.04
C SER N 155 -5.26 34.20 35.13
N GLU N 156 -3.95 34.45 35.06
CA GLU N 156 -3.38 35.82 35.11
C GLU N 156 -3.97 36.67 33.97
N ARG N 157 -4.14 36.13 32.76
CA ARG N 157 -4.49 36.97 31.59
C ARG N 157 -6.01 37.16 31.48
N THR N 158 -6.81 36.26 32.05
CA THR N 158 -8.28 36.33 31.96
C THR N 158 -8.88 36.92 33.23
N GLY N 159 -8.22 36.80 34.37
CA GLY N 159 -8.82 37.12 35.67
C GLY N 159 -9.63 35.98 36.25
N GLN N 160 -9.76 34.84 35.58
CA GLN N 160 -10.49 33.67 36.13
C GLN N 160 -9.58 32.93 37.10
N SER N 161 -10.16 32.24 38.08
CA SER N 161 -9.37 31.39 39.00
C SER N 161 -8.81 30.17 38.23
N ILE N 162 -7.70 29.65 38.74
CA ILE N 162 -7.08 28.39 38.25
C ILE N 162 -8.12 27.26 38.30
N GLU N 163 -8.94 27.20 39.34
CA GLU N 163 -9.94 26.10 39.52
C GLU N 163 -10.99 26.22 38.42
N LYS N 164 -11.41 27.43 38.08
CA LYS N 164 -12.45 27.61 37.03
C LYS N 164 -11.84 27.20 35.68
N ILE N 165 -10.61 27.61 35.40
CA ILE N 165 -9.95 27.31 34.08
C ILE N 165 -9.81 25.80 33.95
N GLN N 166 -9.39 25.12 35.01
CA GLN N 166 -9.24 23.64 35.03
C GLN N 166 -10.58 23.00 34.66
N LYS N 167 -11.66 23.36 35.33
CA LYS N 167 -13.00 22.78 35.10
C LYS N 167 -13.44 23.09 33.65
N ASP N 168 -13.22 24.32 33.18
CA ASP N 168 -13.76 24.81 31.88
C ASP N 168 -12.93 24.24 30.72
N THR N 169 -11.74 23.69 30.96
CA THR N 169 -10.87 23.13 29.90
C THR N 169 -10.83 21.62 29.96
N ASP N 170 -11.63 21.03 30.84
CA ASP N 170 -11.62 19.55 31.03
C ASP N 170 -11.95 18.89 29.68
N ARG N 171 -12.91 19.44 28.95
CA ARG N 171 -13.30 19.00 27.60
C ARG N 171 -13.31 20.21 26.66
N ASP N 172 -13.42 19.96 25.36
CA ASP N 172 -13.56 21.00 24.33
C ASP N 172 -14.67 21.94 24.76
N ASN N 173 -14.36 23.22 24.83
CA ASN N 173 -15.28 24.27 25.30
C ASN N 173 -15.26 25.37 24.23
N PHE N 174 -16.35 25.45 23.46
CA PHE N 174 -16.52 26.40 22.34
C PHE N 174 -17.15 27.68 22.88
N LEU N 175 -16.52 28.83 22.59
CA LEU N 175 -17.05 30.15 22.96
C LEU N 175 -17.32 30.98 21.71
N THR N 176 -18.41 31.74 21.74
CA THR N 176 -18.63 32.86 20.81
C THR N 176 -17.66 33.99 21.15
N ALA N 177 -17.51 34.96 20.23
CA ALA N 177 -16.63 36.14 20.47
C ALA N 177 -17.09 36.85 21.75
N GLU N 178 -18.39 37.05 21.89
CA GLU N 178 -18.99 37.73 23.06
C GLU N 178 -18.65 36.93 24.33
N GLU N 179 -18.82 35.60 24.31
CA GLU N 179 -18.48 34.76 25.49
C GLU N 179 -16.97 34.85 25.78
N ALA N 180 -16.12 34.89 24.76
CA ALA N 180 -14.66 35.00 24.97
C ALA N 180 -14.36 36.31 25.70
N LYS N 181 -15.11 37.36 25.36
CA LYS N 181 -14.91 38.68 26.02
C LYS N 181 -15.38 38.61 27.48
N GLU N 182 -16.53 38.00 27.73
CA GLU N 182 -17.05 37.82 29.12
C GLU N 182 -16.05 36.99 29.93
N TYR N 183 -15.41 36.01 29.30
CA TYR N 183 -14.44 35.11 29.95
C TYR N 183 -13.14 35.85 30.28
N GLY N 184 -12.82 36.92 29.55
CA GLY N 184 -11.55 37.66 29.71
C GLY N 184 -10.47 37.16 28.77
N LEU N 185 -10.80 36.36 27.75
CA LEU N 185 -9.81 35.91 26.74
C LEU N 185 -9.51 37.05 25.76
N ILE N 186 -10.50 37.91 25.50
CA ILE N 186 -10.33 39.14 24.69
C ILE N 186 -10.92 40.33 25.46
N ASP N 187 -10.60 41.54 25.00
CA ASP N 187 -11.09 42.80 25.61
C ASP N 187 -12.34 43.30 24.87
N GLU N 188 -12.43 43.12 23.55
CA GLU N 188 -13.56 43.66 22.77
C GLU N 188 -13.88 42.76 21.58
N VAL N 189 -15.17 42.70 21.25
CA VAL N 189 -15.66 42.27 19.91
C VAL N 189 -15.59 43.48 18.96
N MET N 190 -14.80 43.41 17.90
CA MET N 190 -14.75 44.45 16.85
C MET N 190 -16.01 44.35 15.98
N VAL N 191 -17.03 45.14 16.26
CA VAL N 191 -18.30 45.14 15.47
C VAL N 191 -18.07 46.00 14.25
N PRO N 192 -18.74 45.72 13.11
CA PRO N 192 -18.84 46.69 12.01
C PRO N 192 -19.87 47.80 12.33
#